data_6G45
#
_entry.id   6G45
#
_cell.length_a   134.050
_cell.length_b   137.050
_cell.length_c   138.330
_cell.angle_alpha   90.000
_cell.angle_beta   90.000
_cell.angle_gamma   90.000
#
_symmetry.space_group_name_H-M   'P 21 21 21'
#
loop_
_entity.id
_entity.type
_entity.pdbx_description
1 polymer 'Putative major capsid protein'
2 non-polymer GLYCEROL
3 water water
#
_entity_poly.entity_id   1
_entity_poly.type   'polypeptide(L)'
_entity_poly.pdbx_seq_one_letter_code
;GAMGMNTPPELDTVLQAPYAYNWPTSKNVKIASRIGIPYSTFQTIQPVSDAPNNGIGQITFNQPLGNLTGGAPRLRVSFT
AEIKNILADSSLKDQIGLKSFPVNRSIPVAVINMNGKTFTSYPAQLIKLHQYNADPLELALLSPCSDVDEYNKIKAVSMN
NPYRQGTESTDSRMSRGLGCNYAYYIHPRAAGSTSVKIDFVVDEALVANPTQYKNIKDPVPFRNLNTFKVILDGQFKPEN
MIGIADDVKLVAGKADFEVDITGFKINMLVQNWVAPLEIGDIPKTIIYNTPLISLEGNISSMCLNTKDPYGIPGERNKHI
LTTHSMAMNNVPSMFAVMVSQETPTKKFAPDQLAGIIGLEIKVDSDVGIFRELEQQQLYELSSSNGYNKRFSCFSGALAN
GLTVADPAVAAGNKFKEAIFGAGSVIFFRPSDLGLKDYNVMANANKSINMQVQATFVTPEAAGTGAHYKLEVFSIRDNLT
YSFEDGTFMDDLTLYTPDQLLRSPLKLTDDNNKLMRVMGGSFMGDVMTNFNHMAAHPVTKTVTKLLRNAGPLKDYAGDGT
MMGNIASVYGYGKKKTTTRKKKGGEIVLLGSGKKGGKKLSDKQLHDLRNL
;
_entity_poly.pdbx_strand_id   A,B,C
#
loop_
_chem_comp.id
_chem_comp.type
_chem_comp.name
_chem_comp.formula
GOL non-polymer GLYCEROL 'C3 H8 O3'
#
# COMPACT_ATOMS: atom_id res chain seq x y z
N ASN A 6 23.01 -8.50 -41.53
CA ASN A 6 22.51 -8.13 -40.17
C ASN A 6 23.25 -8.88 -39.07
N THR A 7 23.72 -8.16 -38.06
CA THR A 7 24.42 -8.74 -36.92
C THR A 7 24.10 -7.92 -35.65
N PRO A 8 23.92 -8.60 -34.49
CA PRO A 8 23.65 -7.85 -33.25
C PRO A 8 24.81 -6.93 -32.84
N PRO A 9 24.51 -5.68 -32.43
CA PRO A 9 25.57 -4.74 -32.04
C PRO A 9 26.22 -5.07 -30.70
N GLU A 10 27.48 -4.66 -30.52
CA GLU A 10 28.18 -4.82 -29.26
C GLU A 10 27.55 -3.92 -28.21
N LEU A 11 27.36 -4.46 -27.01
CA LEU A 11 26.82 -3.70 -25.89
C LEU A 11 27.86 -3.62 -24.78
N ASP A 12 27.99 -2.43 -24.18
CA ASP A 12 28.87 -2.23 -23.05
C ASP A 12 28.34 -2.97 -21.82
N THR A 13 29.26 -3.35 -20.94
CA THR A 13 28.93 -4.09 -19.73
C THR A 13 29.21 -3.26 -18.48
N VAL A 14 28.45 -3.54 -17.41
CA VAL A 14 28.67 -2.93 -16.10
C VAL A 14 28.66 -4.01 -15.02
N LEU A 15 29.47 -3.82 -13.99
CA LEU A 15 29.50 -4.69 -12.82
C LEU A 15 28.69 -4.02 -11.72
N GLN A 16 27.54 -4.59 -11.39
CA GLN A 16 26.70 -4.08 -10.30
C GLN A 16 27.16 -4.66 -8.96
N ALA A 17 27.05 -3.84 -7.91
CA ALA A 17 27.41 -4.25 -6.56
C ALA A 17 26.45 -3.59 -5.55
N PRO A 18 26.36 -4.13 -4.32
CA PRO A 18 25.42 -3.57 -3.34
C PRO A 18 25.74 -2.14 -2.91
N TYR A 19 24.69 -1.41 -2.52
CA TYR A 19 24.83 -0.06 -1.98
C TYR A 19 25.58 -0.03 -0.64
N ALA A 20 25.62 -1.16 0.07
CA ALA A 20 26.42 -1.32 1.29
C ALA A 20 27.91 -1.00 1.12
N TYR A 21 28.46 -1.26 -0.06
CA TYR A 21 29.86 -0.92 -0.37
C TYR A 21 30.09 0.55 -0.75
N ASN A 22 29.02 1.34 -0.85
CA ASN A 22 29.15 2.80 -0.99
C ASN A 22 29.46 3.36 0.40
N TRP A 23 30.75 3.29 0.76
CA TRP A 23 31.19 3.57 2.13
C TRP A 23 30.95 5.04 2.47
N PRO A 24 30.21 5.32 3.57
CA PRO A 24 30.13 6.72 4.01
C PRO A 24 31.47 7.22 4.55
N THR A 25 31.95 8.32 4.00
CA THR A 25 33.23 8.92 4.37
C THR A 25 33.07 10.44 4.41
N SER A 26 34.15 11.15 4.75
CA SER A 26 34.17 12.62 4.73
C SER A 26 33.95 13.21 3.34
N LYS A 27 34.23 12.44 2.29
CA LYS A 27 34.02 12.87 0.91
C LYS A 27 32.55 12.85 0.45
N ASN A 28 31.71 12.02 1.08
CA ASN A 28 30.29 11.90 0.66
C ASN A 28 29.23 12.03 1.78
N VAL A 29 29.64 12.42 2.99
CA VAL A 29 28.71 12.64 4.10
C VAL A 29 28.71 14.11 4.48
N LYS A 30 27.52 14.65 4.73
CA LYS A 30 27.35 16.03 5.18
C LYS A 30 26.31 16.07 6.29
N ILE A 31 26.44 17.05 7.19
CA ILE A 31 25.55 17.20 8.33
C ILE A 31 24.57 18.33 8.08
N ALA A 32 23.29 18.03 8.21
CA ALA A 32 22.22 19.00 7.99
C ALA A 32 21.72 19.58 9.29
N SER A 33 21.65 20.91 9.36
CA SER A 33 20.74 21.60 10.25
C SER A 33 19.61 22.07 9.37
N ARG A 34 18.58 22.68 9.95
CA ARG A 34 17.46 23.14 9.13
C ARG A 34 16.60 24.27 9.70
N ILE A 35 15.91 24.93 8.78
CA ILE A 35 14.79 25.83 9.07
C ILE A 35 13.55 25.20 8.47
N GLY A 36 12.38 25.57 8.99
CA GLY A 36 11.10 25.07 8.49
C GLY A 36 10.02 26.11 8.59
N ILE A 37 8.84 25.77 8.06
CA ILE A 37 7.62 26.56 8.28
C ILE A 37 7.12 26.14 9.67
N PRO A 38 7.27 27.01 10.69
CA PRO A 38 6.95 26.56 12.05
C PRO A 38 5.46 26.29 12.31
N TYR A 39 5.19 25.51 13.36
CA TYR A 39 3.83 25.20 13.80
C TYR A 39 3.31 26.16 14.89
N SER A 40 4.06 27.25 15.14
CA SER A 40 3.64 28.34 16.01
C SER A 40 2.93 29.48 15.24
N THR A 41 2.62 29.25 13.98
CA THR A 41 2.17 30.28 13.06
C THR A 41 0.67 30.22 12.73
N PHE A 42 -0.06 29.30 13.35
CA PHE A 42 -1.47 29.10 13.05
C PHE A 42 -2.35 30.22 13.63
N GLN A 43 -3.40 30.58 12.88
CA GLN A 43 -4.33 31.63 13.27
C GLN A 43 -5.75 31.21 12.89
N THR A 44 -6.69 31.43 13.81
CA THR A 44 -8.11 31.21 13.55
C THR A 44 -8.73 32.53 13.08
N ILE A 45 -9.46 32.47 11.97
CA ILE A 45 -10.18 33.63 11.45
C ILE A 45 -11.67 33.31 11.55
N GLN A 46 -12.38 34.10 12.35
CA GLN A 46 -13.83 34.03 12.45
C GLN A 46 -14.47 34.70 11.23
N PRO A 47 -15.69 34.28 10.85
CA PRO A 47 -16.42 34.97 9.78
C PRO A 47 -16.96 36.32 10.25
N VAL A 48 -17.22 37.22 9.30
CA VAL A 48 -17.64 38.60 9.63
C VAL A 48 -18.93 38.66 10.45
N SER A 49 -19.85 37.72 10.20
CA SER A 49 -21.06 37.54 11.01
C SER A 49 -21.19 36.08 11.41
N ASP A 50 -22.05 35.81 12.39
CA ASP A 50 -22.35 34.43 12.81
C ASP A 50 -22.85 33.62 11.63
N ALA A 51 -22.38 32.38 11.53
CA ALA A 51 -22.77 31.49 10.44
C ALA A 51 -24.22 31.05 10.63
N PRO A 52 -24.93 30.74 9.51
CA PRO A 52 -26.32 30.30 9.64
C PRO A 52 -26.41 29.02 10.46
N ASN A 53 -27.43 28.92 11.32
CA ASN A 53 -27.54 27.85 12.31
C ASN A 53 -27.73 26.48 11.68
N ASN A 54 -28.37 26.45 10.52
CA ASN A 54 -28.57 25.21 9.74
C ASN A 54 -27.55 25.02 8.59
N GLY A 55 -26.49 25.82 8.57
CA GLY A 55 -25.45 25.73 7.55
C GLY A 55 -25.81 26.19 6.15
N ILE A 56 -26.90 26.94 6.00
CA ILE A 56 -27.40 27.39 4.69
C ILE A 56 -27.39 28.91 4.60
N GLY A 57 -26.62 29.44 3.65
CA GLY A 57 -26.52 30.89 3.41
C GLY A 57 -25.10 31.34 3.11
N GLN A 58 -24.95 32.64 2.86
CA GLN A 58 -23.65 33.21 2.54
C GLN A 58 -22.81 33.33 3.82
N ILE A 59 -21.53 32.97 3.70
CA ILE A 59 -20.56 33.07 4.78
C ILE A 59 -19.36 33.82 4.21
N THR A 60 -18.87 34.81 4.96
CA THR A 60 -17.77 35.66 4.50
C THR A 60 -16.66 35.72 5.55
N PHE A 61 -15.43 35.61 5.08
CA PHE A 61 -14.24 35.89 5.88
C PHE A 61 -13.56 37.09 5.26
N ASN A 62 -13.13 38.03 6.10
CA ASN A 62 -12.46 39.25 5.66
C ASN A 62 -11.38 39.52 6.69
N GLN A 63 -10.13 39.21 6.33
CA GLN A 63 -9.02 39.37 7.25
C GLN A 63 -7.72 39.58 6.47
N PRO A 64 -7.30 40.85 6.29
CA PRO A 64 -5.97 41.15 5.78
C PRO A 64 -4.86 40.45 6.56
N LEU A 65 -3.87 39.91 5.84
CA LEU A 65 -2.75 39.19 6.45
C LEU A 65 -1.44 39.65 5.84
N GLY A 66 -0.50 40.03 6.69
CA GLY A 66 0.82 40.51 6.25
C GLY A 66 1.77 39.37 5.98
N ASN A 67 2.83 39.68 5.23
CA ASN A 67 3.95 38.75 4.99
C ASN A 67 3.47 37.45 4.34
N LEU A 68 3.90 36.28 4.81
CA LEU A 68 3.55 35.01 4.17
C LEU A 68 2.32 34.38 4.79
N THR A 69 1.40 33.91 3.94
CA THR A 69 0.21 33.17 4.36
C THR A 69 0.23 31.79 3.70
N GLY A 70 -0.14 30.76 4.47
CA GLY A 70 -0.12 29.38 4.01
C GLY A 70 -0.98 29.14 2.79
N GLY A 71 -0.45 28.40 1.83
CA GLY A 71 -1.07 28.23 0.52
C GLY A 71 -2.32 27.37 0.45
N ALA A 72 -2.55 26.53 1.47
CA ALA A 72 -3.70 25.65 1.54
C ALA A 72 -4.50 25.92 2.82
N PRO A 73 -5.22 27.06 2.87
CA PRO A 73 -6.04 27.35 4.05
C PRO A 73 -7.18 26.34 4.24
N ARG A 74 -7.55 26.11 5.48
CA ARG A 74 -8.53 25.09 5.84
C ARG A 74 -9.76 25.72 6.46
N LEU A 75 -10.92 25.10 6.22
CA LEU A 75 -12.18 25.46 6.86
C LEU A 75 -12.51 24.41 7.91
N ARG A 76 -12.86 24.86 9.12
CA ARG A 76 -13.24 23.98 10.22
C ARG A 76 -14.71 24.20 10.57
N VAL A 77 -15.55 23.23 10.24
CA VAL A 77 -16.99 23.30 10.54
C VAL A 77 -17.31 22.38 11.73
N SER A 78 -18.23 22.84 12.58
CA SER A 78 -18.78 22.01 13.64
C SER A 78 -20.29 22.18 13.68
N PHE A 79 -21.01 21.09 13.94
CA PHE A 79 -22.47 21.09 13.92
C PHE A 79 -23.02 19.86 14.63
N THR A 80 -24.32 19.89 14.91
CA THR A 80 -25.07 18.74 15.41
C THR A 80 -26.03 18.26 14.31
N ALA A 81 -26.07 16.94 14.11
CA ALA A 81 -26.94 16.34 13.10
C ALA A 81 -27.91 15.38 13.79
N GLU A 82 -29.21 15.70 13.73
CA GLU A 82 -30.26 14.84 14.27
C GLU A 82 -30.87 14.02 13.14
N ILE A 83 -30.74 12.69 13.24
CA ILE A 83 -31.26 11.76 12.23
C ILE A 83 -32.51 11.10 12.78
N LYS A 84 -33.63 11.24 12.08
CA LYS A 84 -34.94 10.71 12.50
C LYS A 84 -35.46 9.62 11.56
N ASN A 85 -36.49 8.92 12.04
CA ASN A 85 -37.18 7.82 11.32
C ASN A 85 -36.36 6.53 11.25
N ILE A 86 -35.51 6.30 12.25
CA ILE A 86 -34.73 5.06 12.37
C ILE A 86 -35.58 4.04 13.16
N LEU A 87 -35.60 2.80 12.69
CA LEU A 87 -36.32 1.72 13.38
C LEU A 87 -35.79 1.55 14.81
N ALA A 88 -36.70 1.39 15.76
CA ALA A 88 -36.37 1.42 17.19
C ALA A 88 -35.38 0.31 17.58
N ASP A 89 -34.47 0.65 18.49
CA ASP A 89 -33.40 -0.25 18.96
C ASP A 89 -32.48 -0.78 17.84
N SER A 90 -32.25 0.05 16.82
CA SER A 90 -31.24 -0.24 15.79
C SER A 90 -29.88 0.05 16.42
N SER A 91 -28.96 -0.91 16.32
CA SER A 91 -27.61 -0.74 16.84
C SER A 91 -26.85 0.36 16.10
N LEU A 92 -27.09 0.44 14.79
CA LEU A 92 -26.42 1.37 13.88
C LEU A 92 -24.90 1.17 13.76
N LYS A 93 -24.40 -0.02 14.13
CA LYS A 93 -22.97 -0.30 14.09
C LYS A 93 -22.48 -0.24 12.65
N ASP A 94 -21.46 0.58 12.43
CA ASP A 94 -20.80 0.70 11.11
C ASP A 94 -21.74 1.19 9.99
N GLN A 95 -22.75 1.98 10.37
CA GLN A 95 -23.82 2.40 9.45
C GLN A 95 -24.06 3.91 9.34
N ILE A 96 -23.33 4.72 10.13
CA ILE A 96 -23.47 6.19 10.10
C ILE A 96 -22.09 6.81 9.98
N GLY A 97 -21.99 7.83 9.13
CA GLY A 97 -20.77 8.62 9.00
C GLY A 97 -21.02 9.87 8.18
N LEU A 98 -19.96 10.40 7.59
CA LEU A 98 -20.05 11.55 6.71
C LEU A 98 -19.73 11.13 5.28
N LYS A 99 -20.29 11.85 4.31
CA LYS A 99 -19.96 11.66 2.89
C LYS A 99 -18.56 12.18 2.61
N SER A 100 -18.05 11.88 1.41
CA SER A 100 -16.69 12.24 1.04
C SER A 100 -16.55 13.75 0.81
N PHE A 101 -15.52 14.34 1.41
CA PHE A 101 -15.24 15.78 1.30
C PHE A 101 -16.46 16.65 1.61
N PRO A 102 -17.05 16.48 2.81
CA PRO A 102 -18.33 17.10 3.14
C PRO A 102 -18.32 18.63 3.17
N VAL A 103 -17.18 19.24 3.49
CA VAL A 103 -17.06 20.71 3.49
C VAL A 103 -17.12 21.26 2.06
N ASN A 104 -16.30 20.71 1.16
CA ASN A 104 -16.25 21.17 -0.22
C ASN A 104 -17.48 20.79 -1.04
N ARG A 105 -18.05 19.62 -0.78
CA ARG A 105 -19.39 19.23 -1.28
C ARG A 105 -20.46 20.28 -0.99
N SER A 106 -20.38 20.87 0.19
CA SER A 106 -21.35 21.86 0.68
C SER A 106 -21.15 23.31 0.19
N ILE A 107 -20.18 23.54 -0.69
CA ILE A 107 -19.91 24.87 -1.23
C ILE A 107 -20.00 24.79 -2.77
N PRO A 108 -21.17 25.13 -3.36
CA PRO A 108 -21.30 25.12 -4.82
C PRO A 108 -20.47 26.19 -5.53
N VAL A 109 -20.38 27.37 -4.92
CA VAL A 109 -19.59 28.49 -5.47
C VAL A 109 -18.83 29.19 -4.34
N ALA A 110 -17.64 29.69 -4.68
CA ALA A 110 -16.81 30.45 -3.75
C ALA A 110 -16.08 31.56 -4.50
N VAL A 111 -15.93 32.71 -3.85
CA VAL A 111 -15.19 33.84 -4.40
C VAL A 111 -14.08 34.18 -3.42
N ILE A 112 -12.83 34.19 -3.92
CA ILE A 112 -11.67 34.58 -3.14
C ILE A 112 -11.11 35.88 -3.71
N ASN A 113 -10.93 36.87 -2.85
CA ASN A 113 -10.32 38.16 -3.21
C ASN A 113 -8.90 38.19 -2.64
N MET A 114 -7.93 38.40 -3.51
CA MET A 114 -6.54 38.67 -3.11
C MET A 114 -6.09 39.99 -3.74
N ASN A 115 -5.91 41.01 -2.90
CA ASN A 115 -5.45 42.35 -3.33
C ASN A 115 -6.23 42.90 -4.54
N GLY A 116 -7.56 42.81 -4.48
CA GLY A 116 -8.44 43.31 -5.54
C GLY A 116 -8.78 42.35 -6.68
N LYS A 117 -8.05 41.24 -6.79
CA LYS A 117 -8.29 40.23 -7.82
C LYS A 117 -9.22 39.15 -7.27
N THR A 118 -10.41 39.02 -7.87
CA THR A 118 -11.37 37.98 -7.48
C THR A 118 -11.19 36.72 -8.32
N PHE A 119 -11.17 35.56 -7.64
CA PHE A 119 -11.16 34.25 -8.27
C PHE A 119 -12.49 33.58 -7.93
N THR A 120 -13.33 33.37 -8.94
CA THR A 120 -14.60 32.66 -8.78
C THR A 120 -14.42 31.21 -9.23
N SER A 121 -14.70 30.27 -8.32
CA SER A 121 -14.59 28.84 -8.60
C SER A 121 -15.73 28.08 -7.91
N TYR A 122 -15.80 26.78 -8.18
CA TYR A 122 -16.93 25.93 -7.76
C TYR A 122 -16.39 24.68 -7.03
N PRO A 123 -16.18 24.78 -5.70
CA PRO A 123 -15.56 23.70 -4.91
C PRO A 123 -16.22 22.33 -4.99
N ALA A 124 -17.55 22.29 -4.86
CA ALA A 124 -18.31 21.04 -5.01
C ALA A 124 -18.06 20.35 -6.36
N GLN A 125 -17.93 21.15 -7.40
CA GLN A 125 -17.64 20.67 -8.76
C GLN A 125 -16.16 20.26 -8.89
N LEU A 126 -15.27 21.08 -8.36
CA LEU A 126 -13.83 20.79 -8.37
C LEU A 126 -13.48 19.47 -7.66
N ILE A 127 -13.95 19.32 -6.43
CA ILE A 127 -13.64 18.13 -5.63
C ILE A 127 -14.30 16.86 -6.17
N LYS A 128 -15.46 16.99 -6.81
CA LYS A 128 -16.14 15.84 -7.42
C LYS A 128 -15.31 15.19 -8.53
N LEU A 129 -14.53 15.99 -9.25
CA LEU A 129 -13.57 15.49 -10.25
C LEU A 129 -12.24 15.10 -9.62
N HIS A 130 -11.70 15.99 -8.78
CA HIS A 130 -10.38 15.80 -8.18
C HIS A 130 -10.27 14.55 -7.31
N GLN A 131 -11.35 14.17 -6.64
CA GLN A 131 -11.37 12.97 -5.81
C GLN A 131 -11.08 11.68 -6.60
N TYR A 132 -11.39 11.67 -7.90
CA TYR A 132 -11.16 10.52 -8.77
C TYR A 132 -9.80 10.47 -9.49
N ASN A 133 -9.04 11.57 -9.53
CA ASN A 133 -7.72 11.56 -10.20
C ASN A 133 -6.58 12.22 -9.39
N ALA A 134 -6.52 11.92 -8.11
CA ALA A 134 -5.41 12.32 -7.25
C ALA A 134 -4.92 11.10 -6.48
N ASP A 135 -3.71 11.22 -5.94
CA ASP A 135 -3.15 10.19 -5.06
C ASP A 135 -4.00 10.15 -3.78
N PRO A 136 -4.45 8.96 -3.35
CA PRO A 136 -5.24 8.84 -2.11
C PRO A 136 -4.60 9.44 -0.86
N LEU A 137 -3.27 9.37 -0.76
CA LEU A 137 -2.54 9.97 0.37
C LEU A 137 -2.56 11.49 0.33
N GLU A 138 -2.51 12.08 -0.87
CA GLU A 138 -2.74 13.52 -1.03
C GLU A 138 -4.16 13.90 -0.57
N LEU A 139 -5.14 13.15 -1.03
CA LEU A 139 -6.54 13.39 -0.67
C LEU A 139 -6.81 13.30 0.83
N ALA A 140 -6.08 12.44 1.53
CA ALA A 140 -6.22 12.30 2.99
C ALA A 140 -5.69 13.51 3.77
N LEU A 141 -4.75 14.25 3.17
CA LEU A 141 -4.30 15.52 3.71
C LEU A 141 -5.28 16.68 3.48
N LEU A 142 -6.09 16.60 2.41
CA LEU A 142 -7.15 17.58 2.15
C LEU A 142 -8.32 17.46 3.13
N SER A 143 -8.76 16.21 3.37
CA SER A 143 -9.96 15.97 4.16
C SER A 143 -9.84 14.69 5.01
N PRO A 144 -10.45 14.70 6.23
CA PRO A 144 -10.55 13.47 7.02
C PRO A 144 -11.56 12.45 6.46
N CYS A 145 -12.37 12.86 5.48
CA CYS A 145 -13.29 11.97 4.78
C CYS A 145 -12.91 11.89 3.30
N SER A 146 -11.69 11.43 3.03
CA SER A 146 -11.16 11.35 1.67
C SER A 146 -11.59 10.12 0.88
N ASP A 147 -12.04 9.07 1.57
CA ASP A 147 -12.44 7.84 0.92
C ASP A 147 -13.69 8.03 0.05
N VAL A 148 -13.58 7.63 -1.21
CA VAL A 148 -14.67 7.74 -2.17
C VAL A 148 -15.37 6.38 -2.27
N ASP A 149 -16.68 6.42 -2.47
CA ASP A 149 -17.50 5.21 -2.54
C ASP A 149 -17.08 4.35 -3.73
N GLU A 150 -16.82 3.07 -3.46
CA GLU A 150 -16.57 2.08 -4.51
C GLU A 150 -17.86 1.51 -5.08
N TYR A 151 -18.94 1.51 -4.28
CA TYR A 151 -20.19 0.83 -4.63
C TYR A 151 -21.42 1.71 -4.42
N ASN A 152 -22.49 1.39 -5.16
CA ASN A 152 -23.70 2.22 -5.21
C ASN A 152 -24.61 2.06 -3.99
N LYS A 153 -24.45 0.97 -3.25
CA LYS A 153 -25.09 0.77 -1.96
C LYS A 153 -24.01 0.43 -0.93
N ILE A 154 -24.19 0.95 0.28
CA ILE A 154 -23.32 0.66 1.41
C ILE A 154 -24.08 -0.21 2.41
N LYS A 155 -23.57 -1.41 2.65
CA LYS A 155 -24.10 -2.32 3.68
C LYS A 155 -23.06 -2.51 4.77
N ALA A 156 -23.53 -2.75 5.99
CA ALA A 156 -22.67 -2.81 7.18
C ALA A 156 -21.53 -3.82 7.06
N VAL A 157 -21.85 -5.02 6.58
CA VAL A 157 -20.88 -6.11 6.47
C VAL A 157 -19.91 -6.03 5.28
N SER A 158 -20.17 -5.12 4.32
CA SER A 158 -19.27 -4.93 3.18
C SER A 158 -17.87 -4.58 3.67
N MET A 159 -16.85 -5.17 3.06
CA MET A 159 -15.49 -5.13 3.59
C MET A 159 -14.90 -3.73 3.65
N ASN A 160 -15.11 -2.94 2.60
CA ASN A 160 -14.65 -1.55 2.54
C ASN A 160 -15.79 -0.53 2.75
N ASN A 161 -16.84 -0.95 3.47
CA ASN A 161 -17.90 -0.06 3.92
C ASN A 161 -17.26 1.18 4.55
N PRO A 162 -17.47 2.37 3.94
CA PRO A 162 -16.84 3.60 4.43
C PRO A 162 -17.36 4.13 5.78
N TYR A 163 -18.43 3.55 6.33
CA TYR A 163 -18.90 3.90 7.67
C TYR A 163 -18.50 2.90 8.76
N ARG A 164 -17.63 1.94 8.42
CA ARG A 164 -17.00 1.11 9.44
C ARG A 164 -16.23 2.00 10.41
N GLN A 165 -16.40 1.72 11.69
CA GLN A 165 -15.75 2.48 12.76
C GLN A 165 -14.26 2.20 12.78
N GLY A 166 -13.52 2.98 13.55
CA GLY A 166 -12.06 2.86 13.63
C GLY A 166 -11.56 1.45 13.84
N THR A 167 -12.15 0.78 14.83
CA THR A 167 -11.79 -0.59 15.17
C THR A 167 -12.23 -1.64 14.14
N GLU A 168 -13.23 -1.33 13.33
CA GLU A 168 -13.79 -2.25 12.33
C GLU A 168 -13.29 -2.00 10.90
N SER A 169 -12.46 -0.97 10.70
CA SER A 169 -11.94 -0.63 9.37
C SER A 169 -10.61 -1.32 9.10
N THR A 170 -10.41 -1.73 7.84
CA THR A 170 -9.12 -2.26 7.40
C THR A 170 -8.04 -1.16 7.42
N ASP A 171 -8.45 0.07 7.13
CA ASP A 171 -7.58 1.24 7.19
C ASP A 171 -8.45 2.42 7.65
N SER A 172 -8.27 2.85 8.89
CA SER A 172 -9.11 3.91 9.48
C SER A 172 -8.99 5.26 8.77
N ARG A 173 -7.81 5.54 8.20
CA ARG A 173 -7.62 6.73 7.36
C ARG A 173 -8.50 6.73 6.11
N MET A 174 -8.74 5.54 5.55
CA MET A 174 -9.61 5.36 4.38
C MET A 174 -11.05 4.96 4.73
N SER A 175 -11.52 5.42 5.89
CA SER A 175 -12.92 5.30 6.29
C SER A 175 -13.47 6.68 6.63
N ARG A 176 -14.78 6.83 6.47
CA ARG A 176 -15.50 8.04 6.85
C ARG A 176 -16.38 7.80 8.09
N GLY A 177 -16.16 6.68 8.77
CA GLY A 177 -16.95 6.32 9.94
C GLY A 177 -16.58 7.08 11.19
N LEU A 178 -17.30 6.82 12.27
CA LEU A 178 -17.05 7.44 13.56
C LEU A 178 -15.91 6.72 14.28
N GLY A 179 -15.00 7.50 14.85
CA GLY A 179 -13.81 6.98 15.52
C GLY A 179 -12.66 6.79 14.56
N CYS A 180 -12.66 7.58 13.48
CA CYS A 180 -11.64 7.53 12.44
C CYS A 180 -10.84 8.83 12.44
N ASN A 181 -10.99 9.68 11.43
CA ASN A 181 -10.13 10.85 11.25
C ASN A 181 -10.68 12.15 11.86
N TYR A 182 -11.97 12.18 12.16
CA TYR A 182 -12.63 13.41 12.64
C TYR A 182 -13.24 13.22 14.02
N ALA A 183 -13.34 14.32 14.76
CA ALA A 183 -13.93 14.30 16.10
C ALA A 183 -15.44 14.20 16.01
N TYR A 184 -16.04 13.55 17.01
CA TYR A 184 -17.47 13.31 17.02
C TYR A 184 -17.95 13.06 18.45
N TYR A 185 -19.26 13.13 18.64
CA TYR A 185 -19.91 12.68 19.87
C TYR A 185 -21.36 12.28 19.59
N ILE A 186 -21.70 11.04 19.90
CA ILE A 186 -23.07 10.55 19.80
C ILE A 186 -23.77 10.82 21.11
N HIS A 187 -24.91 11.49 21.06
CA HIS A 187 -25.71 11.80 22.25
C HIS A 187 -26.32 10.50 22.78
N PRO A 188 -26.55 10.40 24.11
CA PRO A 188 -27.11 9.16 24.67
C PRO A 188 -28.42 8.73 24.00
N ARG A 189 -28.56 7.43 23.77
CA ARG A 189 -29.73 6.85 23.10
C ARG A 189 -30.55 6.02 24.09
N ALA A 190 -31.78 6.47 24.36
CA ALA A 190 -32.71 5.74 25.22
C ALA A 190 -33.27 4.53 24.49
N ALA A 191 -33.66 3.50 25.25
CA ALA A 191 -34.30 2.31 24.69
C ALA A 191 -35.63 2.70 24.02
N GLY A 192 -35.86 2.16 22.82
CA GLY A 192 -37.04 2.47 22.03
C GLY A 192 -37.01 3.78 21.25
N SER A 193 -35.87 4.48 21.27
CA SER A 193 -35.74 5.76 20.56
C SER A 193 -35.59 5.51 19.06
N THR A 194 -36.21 6.38 18.25
CA THR A 194 -36.22 6.26 16.80
C THR A 194 -35.32 7.31 16.12
N SER A 195 -34.55 8.06 16.93
CA SER A 195 -33.65 9.07 16.41
C SER A 195 -32.31 9.06 17.15
N VAL A 196 -31.34 9.73 16.55
CA VAL A 196 -29.99 9.86 17.12
C VAL A 196 -29.46 11.26 16.81
N LYS A 197 -28.73 11.83 17.77
CA LYS A 197 -28.06 13.12 17.61
C LYS A 197 -26.55 12.91 17.66
N ILE A 198 -25.84 13.46 16.67
CA ILE A 198 -24.38 13.33 16.59
C ILE A 198 -23.73 14.69 16.34
N ASP A 199 -22.79 15.07 17.20
CA ASP A 199 -21.93 16.24 17.00
C ASP A 199 -20.75 15.86 16.11
N PHE A 200 -20.45 16.70 15.13
CA PHE A 200 -19.32 16.50 14.22
C PHE A 200 -18.41 17.73 14.25
N VAL A 201 -17.12 17.50 13.99
CA VAL A 201 -16.15 18.57 13.75
C VAL A 201 -15.27 18.11 12.60
N VAL A 202 -15.25 18.86 11.50
CA VAL A 202 -14.52 18.50 10.28
C VAL A 202 -13.55 19.60 9.89
N ASP A 203 -12.27 19.25 9.76
CA ASP A 203 -11.18 20.18 9.45
C ASP A 203 -10.66 19.85 8.05
N GLU A 204 -11.11 20.63 7.07
CA GLU A 204 -10.89 20.32 5.65
C GLU A 204 -10.32 21.51 4.87
N ALA A 205 -9.43 21.22 3.92
CA ALA A 205 -8.82 22.25 3.07
C ALA A 205 -9.83 22.77 2.05
N LEU A 206 -9.82 24.08 1.82
CA LEU A 206 -10.69 24.70 0.82
C LEU A 206 -10.16 24.43 -0.58
N VAL A 207 -11.00 23.81 -1.41
CA VAL A 207 -10.67 23.49 -2.80
C VAL A 207 -11.30 24.57 -3.66
N ALA A 208 -10.54 25.64 -3.90
CA ALA A 208 -11.02 26.80 -4.65
C ALA A 208 -9.81 27.59 -5.13
N ASN A 209 -9.91 28.13 -6.34
CA ASN A 209 -8.82 28.94 -6.89
C ASN A 209 -8.63 30.19 -6.01
N PRO A 210 -7.39 30.58 -5.65
CA PRO A 210 -6.14 29.99 -6.15
C PRO A 210 -5.44 29.06 -5.14
N THR A 211 -6.17 28.42 -4.23
CA THR A 211 -5.56 27.64 -3.15
C THR A 211 -4.73 26.46 -3.68
N GLN A 212 -3.71 26.08 -2.91
CA GLN A 212 -2.74 25.06 -3.31
C GLN A 212 -3.13 23.67 -2.80
N TYR A 213 -4.34 23.25 -3.18
CA TYR A 213 -4.88 21.94 -2.80
C TYR A 213 -4.16 20.78 -3.51
N LYS A 214 -3.62 21.03 -4.71
CA LYS A 214 -2.84 20.03 -5.45
C LYS A 214 -1.51 19.71 -4.75
N ASN A 215 -0.79 20.76 -4.34
CA ASN A 215 0.45 20.62 -3.55
C ASN A 215 0.17 20.69 -2.06
N ILE A 216 -0.74 19.84 -1.59
CA ILE A 216 -1.14 19.83 -0.17
C ILE A 216 0.00 19.42 0.77
N LYS A 217 0.92 18.59 0.28
CA LYS A 217 2.07 18.12 1.08
C LYS A 217 3.02 19.25 1.46
N ASP A 218 3.37 20.10 0.50
CA ASP A 218 4.30 21.22 0.72
C ASP A 218 3.85 22.43 -0.12
N PRO A 219 2.76 23.10 0.31
CA PRO A 219 2.18 24.19 -0.48
C PRO A 219 3.00 25.48 -0.45
N VAL A 220 3.06 26.17 -1.59
CA VAL A 220 3.78 27.43 -1.69
C VAL A 220 2.90 28.53 -1.08
N PRO A 221 3.47 29.34 -0.16
CA PRO A 221 2.66 30.36 0.52
C PRO A 221 2.37 31.57 -0.37
N PHE A 222 1.34 32.33 0.00
CA PHE A 222 1.03 33.61 -0.63
C PHE A 222 1.72 34.74 0.11
N ARG A 223 1.92 35.86 -0.59
CA ARG A 223 2.67 37.01 -0.06
C ARG A 223 1.80 38.27 -0.01
N ASN A 224 1.81 38.95 1.15
CA ASN A 224 1.24 40.30 1.31
C ASN A 224 -0.21 40.44 0.85
N LEU A 225 -1.08 39.63 1.46
CA LEU A 225 -2.51 39.68 1.17
C LEU A 225 -3.17 40.82 1.97
N ASN A 226 -3.00 42.05 1.46
CA ASN A 226 -3.51 43.24 2.12
C ASN A 226 -5.03 43.32 2.06
N THR A 227 -5.59 42.83 0.96
CA THR A 227 -7.00 42.46 0.89
C THR A 227 -7.07 40.94 0.80
N PHE A 228 -7.81 40.31 1.71
CA PHE A 228 -8.03 38.87 1.72
C PHE A 228 -9.46 38.58 2.18
N LYS A 229 -10.31 38.21 1.22
CA LYS A 229 -11.70 37.88 1.48
C LYS A 229 -12.03 36.52 0.88
N VAL A 230 -12.80 35.72 1.63
CA VAL A 230 -13.28 34.41 1.18
C VAL A 230 -14.80 34.37 1.37
N ILE A 231 -15.53 34.38 0.26
CA ILE A 231 -17.00 34.42 0.27
C ILE A 231 -17.52 33.07 -0.19
N LEU A 232 -18.32 32.41 0.64
CA LEU A 232 -18.81 31.06 0.40
C LEU A 232 -20.32 31.03 0.30
N ASP A 233 -20.84 30.39 -0.74
CA ASP A 233 -22.25 30.02 -0.80
C ASP A 233 -22.42 28.76 0.05
N GLY A 234 -22.77 28.94 1.33
CA GLY A 234 -22.90 27.82 2.25
C GLY A 234 -24.11 26.96 1.96
N GLN A 235 -23.87 25.68 1.67
CA GLN A 235 -24.91 24.68 1.50
C GLN A 235 -24.57 23.44 2.34
N PHE A 236 -24.31 23.68 3.63
CA PHE A 236 -23.93 22.63 4.57
C PHE A 236 -25.20 21.93 5.08
N LYS A 237 -25.87 21.25 4.16
CA LYS A 237 -27.16 20.62 4.42
C LYS A 237 -26.97 19.09 4.46
N PRO A 238 -27.89 18.36 5.12
CA PRO A 238 -27.75 16.91 5.33
C PRO A 238 -27.38 16.08 4.09
N GLU A 239 -28.00 16.41 2.97
CA GLU A 239 -27.76 15.74 1.69
C GLU A 239 -26.30 15.80 1.22
N ASN A 240 -25.59 16.87 1.56
CA ASN A 240 -24.19 17.06 1.17
C ASN A 240 -23.17 16.49 2.18
N MET A 241 -23.58 16.36 3.44
CA MET A 241 -22.66 15.98 4.53
C MET A 241 -22.88 14.59 5.13
N ILE A 242 -24.14 14.25 5.43
CA ILE A 242 -24.44 13.07 6.25
C ILE A 242 -24.58 11.80 5.40
N GLY A 243 -23.98 10.72 5.89
CA GLY A 243 -24.03 9.41 5.25
C GLY A 243 -24.72 8.37 6.13
N ILE A 244 -25.68 7.64 5.54
CA ILE A 244 -26.42 6.59 6.25
C ILE A 244 -26.44 5.37 5.35
N ALA A 245 -26.04 4.22 5.89
CA ALA A 245 -25.97 2.97 5.14
C ALA A 245 -27.35 2.56 4.64
N ASP A 246 -27.36 1.90 3.48
CA ASP A 246 -28.59 1.51 2.80
C ASP A 246 -29.37 0.40 3.51
N ASP A 247 -28.73 -0.33 4.41
CA ASP A 247 -29.40 -1.37 5.21
C ASP A 247 -29.82 -0.92 6.63
N VAL A 248 -29.79 0.38 6.89
CA VAL A 248 -30.42 0.94 8.09
C VAL A 248 -31.92 0.93 7.84
N LYS A 249 -32.67 0.34 8.76
CA LYS A 249 -34.12 0.15 8.59
C LYS A 249 -34.91 1.36 9.07
N LEU A 250 -36.00 1.65 8.36
CA LEU A 250 -36.87 2.78 8.65
C LEU A 250 -38.04 2.40 9.56
N VAL A 251 -38.63 3.38 10.21
CA VAL A 251 -39.91 3.22 10.91
C VAL A 251 -41.01 3.03 9.85
N ALA A 252 -42.03 2.25 10.18
CA ALA A 252 -43.14 1.96 9.27
C ALA A 252 -43.90 3.24 8.94
N GLY A 253 -44.15 3.47 7.65
CA GLY A 253 -44.82 4.68 7.16
C GLY A 253 -43.90 5.72 6.54
N LYS A 254 -42.63 5.74 6.95
CA LYS A 254 -41.65 6.73 6.49
C LYS A 254 -40.90 6.22 5.25
N ALA A 255 -40.70 7.12 4.28
CA ALA A 255 -40.05 6.78 3.01
C ALA A 255 -38.53 6.90 3.11
N ASP A 256 -38.07 8.04 3.61
CA ASP A 256 -36.64 8.33 3.81
C ASP A 256 -36.43 8.82 5.25
N PHE A 257 -35.16 8.93 5.63
CA PHE A 257 -34.77 9.53 6.91
C PHE A 257 -34.93 11.04 6.82
N GLU A 258 -35.22 11.67 7.95
CA GLU A 258 -35.27 13.13 8.05
C GLU A 258 -34.09 13.56 8.91
N VAL A 259 -33.31 14.51 8.41
CA VAL A 259 -32.10 14.97 9.10
C VAL A 259 -32.10 16.50 9.21
N ASP A 260 -31.72 16.99 10.40
CA ASP A 260 -31.66 18.43 10.70
C ASP A 260 -30.26 18.78 11.17
N ILE A 261 -29.69 19.84 10.59
CA ILE A 261 -28.42 20.40 11.03
C ILE A 261 -28.69 21.58 11.96
N THR A 262 -28.08 21.56 13.14
CA THR A 262 -28.18 22.66 14.11
C THR A 262 -26.82 22.96 14.73
N GLY A 263 -26.73 24.15 15.34
CA GLY A 263 -25.51 24.61 15.99
C GLY A 263 -24.31 24.73 15.05
N PHE A 264 -24.57 25.06 13.79
CA PHE A 264 -23.51 25.13 12.79
C PHE A 264 -22.61 26.33 13.06
N LYS A 265 -21.31 26.06 13.18
CA LYS A 265 -20.29 27.07 13.30
C LYS A 265 -19.21 26.78 12.29
N ILE A 266 -18.42 27.79 11.95
CA ILE A 266 -17.35 27.68 10.98
C ILE A 266 -16.28 28.73 11.25
N ASN A 267 -15.03 28.33 11.04
CA ASN A 267 -13.91 29.27 11.01
C ASN A 267 -12.89 28.82 9.97
N MET A 268 -11.97 29.72 9.65
CA MET A 268 -10.89 29.44 8.70
C MET A 268 -9.56 29.38 9.45
N LEU A 269 -8.83 28.28 9.25
CA LEU A 269 -7.52 28.07 9.85
C LEU A 269 -6.44 28.37 8.81
N VAL A 270 -5.58 29.33 9.12
CA VAL A 270 -4.46 29.71 8.25
C VAL A 270 -3.16 29.70 9.03
N GLN A 271 -2.05 29.66 8.30
CA GLN A 271 -0.72 29.90 8.86
C GLN A 271 -0.27 31.26 8.36
N ASN A 272 0.36 32.05 9.23
CA ASN A 272 0.86 33.37 8.88
C ASN A 272 2.19 33.62 9.58
N TRP A 273 3.21 33.96 8.80
CA TRP A 273 4.57 34.15 9.32
C TRP A 273 5.44 35.06 8.46
N VAL A 274 6.54 35.49 9.04
CA VAL A 274 7.55 36.30 8.37
C VAL A 274 8.59 35.37 7.75
N ALA A 275 8.91 35.59 6.47
CA ALA A 275 9.90 34.80 5.77
C ALA A 275 11.27 34.89 6.46
N PRO A 276 11.98 33.75 6.62
CA PRO A 276 13.31 33.77 7.22
C PRO A 276 14.34 34.35 6.27
N LEU A 277 15.38 34.98 6.83
CA LEU A 277 16.44 35.63 6.04
C LEU A 277 17.34 34.65 5.26
N GLU A 278 17.43 33.41 5.72
CA GLU A 278 18.36 32.42 5.16
C GLU A 278 18.02 31.99 3.73
N ILE A 279 16.73 31.97 3.38
CA ILE A 279 16.31 31.66 2.00
C ILE A 279 16.59 32.76 0.97
N GLY A 280 16.92 33.97 1.45
CA GLY A 280 17.31 35.08 0.58
C GLY A 280 16.12 35.90 0.14
N ASP A 281 16.27 36.61 -0.98
CA ASP A 281 15.19 37.42 -1.55
C ASP A 281 14.10 36.54 -2.14
N ILE A 282 12.85 36.88 -1.82
CA ILE A 282 11.70 36.26 -2.46
C ILE A 282 11.59 36.90 -3.84
N PRO A 283 11.46 36.08 -4.92
CA PRO A 283 11.33 36.66 -6.28
C PRO A 283 10.18 37.64 -6.43
N LYS A 284 10.29 38.53 -7.40
CA LYS A 284 9.28 39.57 -7.63
C LYS A 284 7.97 38.97 -8.09
N THR A 285 8.03 38.14 -9.14
CA THR A 285 6.88 37.43 -9.68
C THR A 285 6.91 35.95 -9.24
N ILE A 286 5.89 35.54 -8.49
CA ILE A 286 5.70 34.14 -8.07
C ILE A 286 4.55 33.54 -8.89
N ILE A 287 4.75 32.33 -9.39
CA ILE A 287 3.73 31.62 -10.19
C ILE A 287 3.09 30.52 -9.33
N TYR A 288 1.77 30.38 -9.45
CA TYR A 288 1.00 29.36 -8.72
C TYR A 288 0.19 28.54 -9.70
N ASN A 289 0.29 27.22 -9.57
CA ASN A 289 -0.51 26.28 -10.35
C ASN A 289 -1.96 26.33 -9.81
N THR A 290 -2.88 26.78 -10.65
CA THR A 290 -4.28 27.00 -10.26
C THR A 290 -5.20 26.59 -11.42
N PRO A 291 -5.37 25.27 -11.64
CA PRO A 291 -6.09 24.81 -12.83
C PRO A 291 -7.58 25.19 -12.85
N LEU A 292 -8.10 25.33 -14.06
CA LEU A 292 -9.47 25.79 -14.29
C LEU A 292 -10.33 24.62 -14.76
N ILE A 293 -11.30 24.24 -13.93
CA ILE A 293 -12.29 23.23 -14.27
C ILE A 293 -13.56 23.94 -14.69
N SER A 294 -14.11 23.55 -15.85
CA SER A 294 -15.35 24.11 -16.37
C SER A 294 -16.23 22.99 -16.93
N LEU A 295 -17.54 23.11 -16.70
CA LEU A 295 -18.53 22.21 -17.29
C LEU A 295 -18.79 22.68 -18.73
N GLU A 296 -18.21 21.97 -19.69
CA GLU A 296 -18.29 22.35 -21.11
C GLU A 296 -19.65 22.06 -21.75
N GLY A 297 -20.34 21.04 -21.25
CA GLY A 297 -21.70 20.72 -21.73
C GLY A 297 -22.38 19.70 -20.85
N ASN A 298 -23.72 19.75 -20.83
CA ASN A 298 -24.52 18.74 -20.14
C ASN A 298 -25.90 18.57 -20.79
N ILE A 299 -26.43 17.36 -20.67
CA ILE A 299 -27.76 17.03 -21.17
C ILE A 299 -28.34 15.89 -20.32
N SER A 300 -29.63 15.96 -20.04
CA SER A 300 -30.30 14.97 -19.19
C SER A 300 -31.43 14.25 -19.92
N SER A 301 -31.91 13.17 -19.31
CA SER A 301 -32.99 12.36 -19.85
C SER A 301 -33.52 11.41 -18.79
N MET A 302 -34.80 11.05 -18.89
CA MET A 302 -35.40 10.01 -18.05
C MET A 302 -34.94 8.65 -18.54
N CYS A 303 -34.28 7.89 -17.68
CA CYS A 303 -33.77 6.56 -18.01
C CYS A 303 -34.59 5.48 -17.29
N LEU A 304 -35.46 4.79 -18.04
CA LEU A 304 -36.32 3.74 -17.51
C LEU A 304 -35.75 2.36 -17.83
N ASN A 305 -35.45 1.58 -16.79
CA ASN A 305 -34.99 0.21 -16.94
C ASN A 305 -36.20 -0.74 -16.98
N THR A 306 -36.32 -1.47 -18.09
CA THR A 306 -37.36 -2.49 -18.26
C THR A 306 -36.91 -3.87 -17.78
N LYS A 307 -35.63 -4.19 -18.01
CA LYS A 307 -35.04 -5.46 -17.59
C LYS A 307 -34.19 -5.27 -16.32
N ASP A 308 -33.93 -6.38 -15.63
CA ASP A 308 -33.21 -6.34 -14.35
C ASP A 308 -31.75 -5.92 -14.53
N PRO A 309 -31.25 -5.00 -13.68
CA PRO A 309 -29.83 -4.62 -13.75
C PRO A 309 -28.89 -5.73 -13.25
N TYR A 310 -29.38 -6.58 -12.35
CA TYR A 310 -28.64 -7.75 -11.85
C TYR A 310 -28.68 -8.97 -12.79
N GLY A 311 -29.51 -8.92 -13.82
CA GLY A 311 -29.63 -10.00 -14.80
C GLY A 311 -28.47 -10.05 -15.77
N ILE A 312 -28.77 -10.46 -17.01
CA ILE A 312 -27.74 -10.61 -18.04
C ILE A 312 -27.16 -9.22 -18.35
N PRO A 313 -25.83 -9.04 -18.20
CA PRO A 313 -25.20 -7.74 -18.50
C PRO A 313 -25.52 -7.17 -19.87
N GLY A 314 -25.45 -8.02 -20.90
CA GLY A 314 -25.81 -7.63 -22.27
C GLY A 314 -27.26 -7.20 -22.49
N GLU A 315 -28.17 -7.70 -21.66
CA GLU A 315 -29.59 -7.30 -21.72
C GLU A 315 -29.96 -6.09 -20.84
N ARG A 316 -28.99 -5.55 -20.08
CA ARG A 316 -29.20 -4.30 -19.34
C ARG A 316 -29.47 -3.19 -20.36
N ASN A 317 -30.43 -2.33 -20.03
CA ASN A 317 -30.88 -1.27 -20.94
C ASN A 317 -29.73 -0.31 -21.29
N LYS A 318 -29.36 -0.29 -22.56
CA LYS A 318 -28.30 0.58 -23.06
C LYS A 318 -28.86 1.98 -23.33
N HIS A 319 -28.79 2.83 -22.31
CA HIS A 319 -29.23 4.23 -22.43
C HIS A 319 -28.17 5.03 -23.16
N ILE A 320 -28.60 5.99 -23.98
CA ILE A 320 -27.70 6.85 -24.77
C ILE A 320 -28.01 8.31 -24.46
N LEU A 321 -26.95 9.10 -24.28
CA LEU A 321 -27.05 10.55 -24.14
C LEU A 321 -25.94 11.17 -24.99
N THR A 322 -26.31 12.21 -25.75
CA THR A 322 -25.39 12.92 -26.63
C THR A 322 -25.48 14.41 -26.33
N THR A 323 -24.34 15.03 -26.02
CA THR A 323 -24.29 16.47 -25.78
C THR A 323 -24.54 17.24 -27.07
N HIS A 324 -24.93 18.51 -26.92
CA HIS A 324 -24.92 19.44 -28.04
C HIS A 324 -23.47 19.81 -28.34
N SER A 325 -23.25 20.51 -29.44
CA SER A 325 -21.89 20.88 -29.84
C SER A 325 -21.30 21.84 -28.80
N MET A 326 -20.10 21.50 -28.32
CA MET A 326 -19.41 22.29 -27.30
C MET A 326 -18.30 23.10 -27.95
N ALA A 327 -18.53 24.40 -28.11
CA ALA A 327 -17.57 25.32 -28.70
C ALA A 327 -16.51 25.72 -27.67
N MET A 328 -15.23 25.57 -28.04
CA MET A 328 -14.10 25.92 -27.18
C MET A 328 -13.12 26.77 -27.98
N ASN A 329 -12.67 27.87 -27.39
CA ASN A 329 -11.71 28.78 -28.03
C ASN A 329 -10.27 28.28 -28.00
N ASN A 330 -9.97 27.35 -27.11
CA ASN A 330 -8.65 26.74 -26.98
C ASN A 330 -8.79 25.28 -26.57
N VAL A 331 -7.69 24.54 -26.64
CA VAL A 331 -7.67 23.10 -26.38
C VAL A 331 -7.20 22.81 -24.95
N PRO A 332 -8.09 22.25 -24.09
CA PRO A 332 -7.69 21.90 -22.72
C PRO A 332 -6.73 20.71 -22.65
N SER A 333 -5.99 20.61 -21.56
CA SER A 333 -5.07 19.51 -21.32
C SER A 333 -5.76 18.18 -21.05
N MET A 334 -6.95 18.22 -20.48
CA MET A 334 -7.71 17.00 -20.17
C MET A 334 -9.22 17.25 -20.17
N PHE A 335 -9.96 16.18 -20.43
CA PHE A 335 -11.42 16.16 -20.31
C PHE A 335 -11.86 15.08 -19.33
N ALA A 336 -13.06 15.24 -18.80
CA ALA A 336 -13.66 14.27 -17.87
C ALA A 336 -15.13 14.06 -18.23
N VAL A 337 -15.53 12.80 -18.39
CA VAL A 337 -16.91 12.42 -18.72
C VAL A 337 -17.50 11.59 -17.57
N MET A 338 -18.72 11.94 -17.16
CA MET A 338 -19.46 11.14 -16.20
C MET A 338 -20.97 11.30 -16.38
N VAL A 339 -21.70 10.22 -16.10
CA VAL A 339 -23.16 10.19 -16.17
C VAL A 339 -23.68 9.98 -14.75
N SER A 340 -24.32 11.02 -14.19
CA SER A 340 -24.77 11.02 -12.79
C SER A 340 -26.29 11.09 -12.71
N GLN A 341 -26.82 10.62 -11.58
CA GLN A 341 -28.24 10.77 -11.27
C GLN A 341 -28.50 12.25 -10.97
N GLU A 342 -29.47 12.84 -11.67
CA GLU A 342 -29.70 14.28 -11.63
C GLU A 342 -30.31 14.73 -10.31
N THR A 343 -31.38 14.04 -9.89
CA THR A 343 -32.01 14.24 -8.59
C THR A 343 -31.86 12.95 -7.79
N PRO A 344 -31.09 12.98 -6.68
CA PRO A 344 -30.96 11.78 -5.84
C PRO A 344 -32.29 11.28 -5.27
N THR A 345 -32.54 9.97 -5.43
CA THR A 345 -33.70 9.31 -4.86
C THR A 345 -33.61 9.33 -3.34
N LYS A 346 -32.49 8.82 -2.83
CA LYS A 346 -32.19 8.81 -1.40
C LYS A 346 -31.10 9.85 -1.11
N LYS A 347 -31.37 10.73 -0.16
CA LYS A 347 -30.49 11.85 0.15
C LYS A 347 -29.15 11.45 0.77
N PHE A 348 -29.11 10.31 1.47
CA PHE A 348 -27.96 9.92 2.29
C PHE A 348 -27.23 8.66 1.78
N ALA A 349 -27.55 8.24 0.56
CA ALA A 349 -26.87 7.13 -0.11
C ALA A 349 -25.68 7.67 -0.91
N PRO A 350 -24.84 6.79 -1.48
CA PRO A 350 -23.80 7.23 -2.42
C PRO A 350 -24.36 7.93 -3.65
N ASP A 351 -23.52 8.75 -4.29
CA ASP A 351 -23.85 9.34 -5.58
C ASP A 351 -24.00 8.23 -6.60
N GLN A 352 -25.15 8.17 -7.25
CA GLN A 352 -25.44 7.16 -8.25
C GLN A 352 -24.90 7.64 -9.60
N LEU A 353 -23.77 7.08 -10.00
CA LEU A 353 -23.25 7.27 -11.35
C LEU A 353 -23.60 6.04 -12.18
N ALA A 354 -23.69 6.22 -13.49
CA ALA A 354 -23.96 5.11 -14.40
C ALA A 354 -22.65 4.42 -14.79
N GLY A 355 -22.76 3.16 -15.17
CA GLY A 355 -21.65 2.43 -15.77
C GLY A 355 -21.62 2.71 -17.26
N ILE A 356 -20.58 3.40 -17.71
CA ILE A 356 -20.41 3.75 -19.13
C ILE A 356 -19.82 2.56 -19.87
N ILE A 357 -20.56 2.03 -20.84
CA ILE A 357 -20.12 0.88 -21.66
C ILE A 357 -19.59 1.25 -23.05
N GLY A 358 -19.90 2.45 -23.52
CA GLY A 358 -19.42 2.94 -24.81
C GLY A 358 -19.29 4.44 -24.80
N LEU A 359 -18.34 4.94 -25.58
CA LEU A 359 -18.03 6.37 -25.66
C LEU A 359 -17.73 6.70 -27.11
N GLU A 360 -18.49 7.65 -27.67
CA GLU A 360 -18.26 8.13 -29.03
C GLU A 360 -17.97 9.63 -28.97
N ILE A 361 -16.81 10.04 -29.48
CA ILE A 361 -16.39 11.44 -29.43
C ILE A 361 -16.20 11.97 -30.86
N LYS A 362 -16.64 13.21 -31.08
CA LYS A 362 -16.46 13.94 -32.33
C LYS A 362 -15.67 15.21 -32.02
N VAL A 363 -14.65 15.49 -32.83
CA VAL A 363 -13.87 16.73 -32.73
C VAL A 363 -13.72 17.31 -34.13
N ASP A 364 -14.39 18.43 -34.38
CA ASP A 364 -14.49 19.05 -35.71
C ASP A 364 -15.17 18.06 -36.67
N SER A 365 -14.53 17.73 -37.80
CA SER A 365 -15.08 16.76 -38.76
C SER A 365 -14.61 15.32 -38.52
N ASP A 366 -13.69 15.12 -37.57
CA ASP A 366 -13.25 13.79 -37.17
C ASP A 366 -14.31 13.17 -36.25
N VAL A 367 -14.89 12.06 -36.68
CA VAL A 367 -16.08 11.46 -36.04
C VAL A 367 -15.87 10.01 -35.63
N GLY A 368 -16.68 9.56 -34.67
CA GLY A 368 -16.69 8.16 -34.24
C GLY A 368 -15.48 7.68 -33.46
N ILE A 369 -14.81 8.60 -32.75
CA ILE A 369 -13.61 8.26 -32.00
C ILE A 369 -13.99 7.49 -30.73
N PHE A 370 -13.27 6.39 -30.48
CA PHE A 370 -13.51 5.44 -29.38
C PHE A 370 -14.79 4.58 -29.46
N ARG A 371 -15.52 4.58 -30.58
CA ARG A 371 -16.73 3.75 -30.72
C ARG A 371 -16.43 2.25 -30.59
N GLU A 372 -15.26 1.86 -31.09
CA GLU A 372 -14.75 0.50 -30.99
C GLU A 372 -14.46 -0.02 -29.55
N LEU A 373 -14.19 0.89 -28.61
CA LEU A 373 -13.71 0.52 -27.27
C LEU A 373 -14.76 -0.08 -26.32
N GLU A 374 -14.34 -1.11 -25.58
CA GLU A 374 -15.15 -1.78 -24.56
C GLU A 374 -14.86 -1.15 -23.19
N GLN A 375 -15.56 -1.62 -22.15
CA GLN A 375 -15.36 -1.13 -20.77
C GLN A 375 -13.92 -1.25 -20.25
N GLN A 376 -13.28 -2.39 -20.50
CA GLN A 376 -11.88 -2.60 -20.10
C GLN A 376 -10.94 -1.52 -20.66
N GLN A 377 -11.11 -1.18 -21.94
CA GLN A 377 -10.26 -0.18 -22.60
C GLN A 377 -10.57 1.24 -22.14
N LEU A 378 -11.84 1.51 -21.86
CA LEU A 378 -12.25 2.79 -21.27
C LEU A 378 -11.70 2.95 -19.85
N TYR A 379 -11.62 1.85 -19.11
CA TYR A 379 -10.99 1.83 -17.79
C TYR A 379 -9.48 2.09 -17.88
N GLU A 380 -8.82 1.43 -18.83
CA GLU A 380 -7.40 1.65 -19.11
C GLU A 380 -7.12 3.12 -19.46
N LEU A 381 -7.94 3.67 -20.34
CA LEU A 381 -7.85 5.07 -20.76
C LEU A 381 -7.92 6.03 -19.58
N SER A 382 -8.95 5.86 -18.75
CA SER A 382 -9.15 6.71 -17.58
C SER A 382 -8.02 6.55 -16.56
N SER A 383 -7.60 5.31 -16.31
CA SER A 383 -6.51 5.01 -15.39
C SER A 383 -5.18 5.64 -15.81
N SER A 384 -4.90 5.64 -17.12
CA SER A 384 -3.68 6.25 -17.66
C SER A 384 -3.63 7.78 -17.49
N ASN A 385 -4.79 8.40 -17.26
CA ASN A 385 -4.90 9.82 -16.94
C ASN A 385 -5.23 10.10 -15.46
N GLY A 386 -4.87 9.17 -14.58
CA GLY A 386 -4.95 9.36 -13.12
C GLY A 386 -6.13 8.78 -12.37
N TYR A 387 -7.10 8.19 -13.07
CA TYR A 387 -8.28 7.60 -12.41
C TYR A 387 -7.85 6.62 -11.30
N ASN A 388 -8.34 6.85 -10.09
CA ASN A 388 -7.78 6.21 -8.87
C ASN A 388 -8.61 5.08 -8.24
N LYS A 389 -9.62 4.58 -8.96
CA LYS A 389 -10.45 3.46 -8.47
C LYS A 389 -10.22 2.19 -9.28
N ARG A 390 -10.73 1.08 -8.73
CA ARG A 390 -10.64 -0.24 -9.34
C ARG A 390 -11.76 -0.47 -10.34
N PHE A 391 -11.59 -1.47 -11.19
CA PHE A 391 -12.57 -1.79 -12.24
C PHE A 391 -13.95 -2.17 -11.69
N SER A 392 -13.97 -2.86 -10.56
CA SER A 392 -15.21 -3.25 -9.89
C SER A 392 -16.12 -2.04 -9.61
N CYS A 393 -15.52 -0.91 -9.24
CA CYS A 393 -16.24 0.34 -9.06
C CYS A 393 -16.58 0.99 -10.40
N PHE A 394 -15.56 1.21 -11.23
CA PHE A 394 -15.70 1.88 -12.54
C PHE A 394 -16.79 1.29 -13.43
N SER A 395 -16.80 -0.03 -13.55
CA SER A 395 -17.70 -0.74 -14.48
C SER A 395 -19.19 -0.47 -14.25
N GLY A 396 -19.58 -0.31 -12.99
CA GLY A 396 -20.99 -0.27 -12.61
C GLY A 396 -21.66 -1.63 -12.69
N ALA A 397 -20.84 -2.69 -12.72
CA ALA A 397 -21.32 -4.06 -12.87
C ALA A 397 -21.77 -4.60 -11.52
N LEU A 398 -22.58 -5.66 -11.56
CA LEU A 398 -23.01 -6.36 -10.36
C LEU A 398 -21.77 -6.87 -9.62
N ALA A 399 -21.60 -6.40 -8.38
CA ALA A 399 -20.43 -6.69 -7.58
C ALA A 399 -20.56 -7.95 -6.74
N ASN A 400 -21.78 -8.44 -6.53
CA ASN A 400 -22.03 -9.57 -5.63
C ASN A 400 -23.00 -10.59 -6.23
N GLY A 401 -22.63 -11.09 -7.42
CA GLY A 401 -23.47 -12.01 -8.18
C GLY A 401 -23.92 -13.27 -7.48
N LEU A 402 -23.01 -13.89 -6.72
CA LEU A 402 -23.31 -15.13 -5.99
C LEU A 402 -24.31 -14.90 -4.86
N THR A 403 -24.16 -13.80 -4.15
CA THR A 403 -25.10 -13.39 -3.10
C THR A 403 -26.51 -13.21 -3.66
N VAL A 404 -26.61 -12.67 -4.87
CA VAL A 404 -27.90 -12.47 -5.55
C VAL A 404 -28.45 -13.77 -6.13
N ALA A 405 -27.58 -14.56 -6.77
CA ALA A 405 -27.98 -15.84 -7.39
C ALA A 405 -28.37 -16.94 -6.39
N ASP A 406 -27.91 -16.82 -5.14
CA ASP A 406 -28.29 -17.73 -4.04
C ASP A 406 -29.80 -18.05 -4.07
N PRO A 407 -30.16 -19.35 -4.15
CA PRO A 407 -31.58 -19.76 -4.07
C PRO A 407 -32.32 -19.36 -2.79
N ALA A 408 -31.59 -19.25 -1.67
CA ALA A 408 -32.16 -18.80 -0.39
C ALA A 408 -32.79 -17.40 -0.45
N VAL A 409 -32.25 -16.53 -1.31
CA VAL A 409 -32.81 -15.22 -1.58
C VAL A 409 -33.95 -15.35 -2.58
N ALA A 410 -35.17 -14.99 -2.15
CA ALA A 410 -36.34 -15.03 -3.03
C ALA A 410 -36.28 -13.96 -4.12
N ALA A 411 -37.09 -14.15 -5.15
CA ALA A 411 -37.10 -13.26 -6.34
C ALA A 411 -37.42 -11.80 -6.00
N GLY A 412 -38.30 -11.58 -5.01
CA GLY A 412 -38.65 -10.23 -4.56
C GLY A 412 -37.54 -9.49 -3.84
N ASN A 413 -36.63 -10.22 -3.21
CA ASN A 413 -35.50 -9.64 -2.47
C ASN A 413 -34.15 -9.59 -3.24
N LYS A 414 -34.16 -9.98 -4.52
CA LYS A 414 -32.92 -10.04 -5.30
C LYS A 414 -32.32 -8.67 -5.61
N PHE A 415 -33.17 -7.68 -5.89
CA PHE A 415 -32.72 -6.30 -6.13
C PHE A 415 -32.09 -5.67 -4.88
N LYS A 416 -32.72 -5.92 -3.73
CA LYS A 416 -32.24 -5.42 -2.44
C LYS A 416 -30.82 -5.93 -2.10
N GLU A 417 -30.58 -7.20 -2.35
CA GLU A 417 -29.26 -7.81 -2.14
C GLU A 417 -28.20 -7.37 -3.15
N ALA A 418 -28.63 -6.99 -4.36
CA ALA A 418 -27.71 -6.62 -5.44
C ALA A 418 -26.98 -5.30 -5.15
N ILE A 419 -25.66 -5.32 -5.30
CA ILE A 419 -24.79 -4.15 -5.10
C ILE A 419 -23.95 -3.97 -6.35
N PHE A 420 -23.91 -2.74 -6.85
CA PHE A 420 -23.22 -2.40 -8.10
C PHE A 420 -22.05 -1.47 -7.84
N GLY A 421 -21.08 -1.47 -8.75
CA GLY A 421 -20.00 -0.49 -8.75
C GLY A 421 -20.57 0.91 -8.83
N ALA A 422 -19.90 1.85 -8.18
CA ALA A 422 -20.41 3.22 -8.07
C ALA A 422 -20.62 3.86 -9.44
N GLY A 423 -19.72 3.55 -10.39
CA GLY A 423 -19.86 3.96 -11.78
C GLY A 423 -18.61 4.61 -12.35
N SER A 424 -18.73 5.06 -13.60
CA SER A 424 -17.58 5.47 -14.40
C SER A 424 -17.29 6.97 -14.33
N VAL A 425 -16.00 7.31 -14.32
CA VAL A 425 -15.52 8.63 -14.68
C VAL A 425 -14.39 8.37 -15.66
N ILE A 426 -14.54 8.87 -16.89
CA ILE A 426 -13.55 8.67 -17.95
C ILE A 426 -12.78 9.97 -18.16
N PHE A 427 -11.52 9.98 -17.73
CA PHE A 427 -10.59 11.05 -18.02
C PHE A 427 -9.89 10.74 -19.35
N PHE A 428 -9.82 11.72 -20.24
CA PHE A 428 -9.08 11.58 -21.50
C PHE A 428 -8.43 12.90 -21.94
N ARG A 429 -7.28 12.79 -22.58
CA ARG A 429 -6.54 13.93 -23.11
C ARG A 429 -6.82 14.09 -24.61
N PRO A 430 -6.49 15.26 -25.19
CA PRO A 430 -6.57 15.39 -26.66
C PRO A 430 -5.64 14.43 -27.41
N SER A 431 -4.48 14.13 -26.83
CA SER A 431 -3.52 13.20 -27.43
C SER A 431 -3.99 11.72 -27.43
N ASP A 432 -4.92 11.37 -26.55
CA ASP A 432 -5.55 10.04 -26.57
C ASP A 432 -6.48 9.80 -27.76
N LEU A 433 -7.02 10.88 -28.35
CA LEU A 433 -7.98 10.79 -29.44
C LEU A 433 -7.40 10.30 -30.78
N GLY A 434 -6.13 10.60 -31.03
CA GLY A 434 -5.45 10.20 -32.26
C GLY A 434 -5.99 10.90 -33.49
N LEU A 435 -6.16 12.22 -33.38
CA LEU A 435 -6.80 13.03 -34.41
C LEU A 435 -5.90 13.20 -35.63
N LYS A 436 -6.52 13.22 -36.81
CA LYS A 436 -5.83 13.52 -38.06
C LYS A 436 -5.26 14.94 -38.04
N ASP A 437 -6.06 15.88 -37.55
CA ASP A 437 -5.64 17.25 -37.30
C ASP A 437 -4.61 17.28 -36.16
N TYR A 438 -3.33 17.23 -36.53
CA TYR A 438 -2.22 17.26 -35.56
C TYR A 438 -2.06 18.58 -34.79
N ASN A 439 -2.64 19.67 -35.30
CA ASN A 439 -2.64 20.96 -34.62
C ASN A 439 -3.49 21.01 -33.33
N VAL A 440 -4.43 20.07 -33.16
CA VAL A 440 -5.24 19.99 -31.93
C VAL A 440 -4.38 19.42 -30.79
N MET A 441 -3.64 20.30 -30.15
CA MET A 441 -2.69 19.96 -29.09
C MET A 441 -3.12 20.59 -27.78
N ALA A 442 -2.76 19.97 -26.66
CA ALA A 442 -3.00 20.53 -25.33
C ALA A 442 -2.31 21.89 -25.18
N ASN A 443 -3.03 22.87 -24.64
CA ASN A 443 -2.58 24.26 -24.49
C ASN A 443 -2.37 25.04 -25.81
N ALA A 444 -3.07 24.63 -26.88
CA ALA A 444 -3.03 25.34 -28.15
C ALA A 444 -4.16 26.38 -28.19
N ASN A 445 -3.92 27.54 -28.80
CA ASN A 445 -4.94 28.58 -28.95
C ASN A 445 -5.78 28.40 -30.23
N LYS A 446 -6.31 27.20 -30.41
CA LYS A 446 -7.01 26.77 -31.61
C LYS A 446 -8.45 26.44 -31.23
N SER A 447 -9.41 26.97 -31.98
CA SER A 447 -10.83 26.68 -31.76
C SER A 447 -11.17 25.25 -32.19
N ILE A 448 -12.02 24.60 -31.39
CA ILE A 448 -12.54 23.27 -31.70
C ILE A 448 -13.99 23.14 -31.26
N ASN A 449 -14.72 22.24 -31.90
CA ASN A 449 -16.09 21.90 -31.54
C ASN A 449 -16.11 20.41 -31.17
N MET A 450 -16.52 20.11 -29.95
CA MET A 450 -16.58 18.74 -29.44
C MET A 450 -18.02 18.29 -29.21
N GLN A 451 -18.28 17.01 -29.50
CA GLN A 451 -19.54 16.36 -29.18
C GLN A 451 -19.22 14.98 -28.60
N VAL A 452 -19.90 14.62 -27.51
CA VAL A 452 -19.65 13.37 -26.78
C VAL A 452 -20.95 12.59 -26.63
N GLN A 453 -20.95 11.37 -27.14
CA GLN A 453 -22.03 10.39 -26.92
C GLN A 453 -21.55 9.34 -25.93
N ALA A 454 -22.35 9.09 -24.90
CA ALA A 454 -22.07 8.07 -23.88
C ALA A 454 -23.21 7.06 -23.82
N THR A 455 -22.86 5.78 -24.03
CA THR A 455 -23.80 4.66 -23.82
C THR A 455 -23.54 4.08 -22.43
N PHE A 456 -24.58 3.97 -21.62
CA PHE A 456 -24.43 3.56 -20.22
C PHE A 456 -25.57 2.68 -19.70
N VAL A 457 -25.29 2.03 -18.57
CA VAL A 457 -26.26 1.23 -17.83
C VAL A 457 -26.42 1.79 -16.42
N THR A 458 -27.65 1.72 -15.89
CA THR A 458 -27.99 2.32 -14.61
C THR A 458 -28.39 1.25 -13.59
N PRO A 459 -28.18 1.51 -12.28
CA PRO A 459 -28.48 0.53 -11.24
C PRO A 459 -29.95 0.42 -10.78
N GLU A 460 -30.88 1.14 -11.40
CA GLU A 460 -32.30 1.09 -11.02
C GLU A 460 -32.96 -0.25 -11.37
N ALA A 461 -33.96 -0.61 -10.58
CA ALA A 461 -34.69 -1.87 -10.76
C ALA A 461 -35.58 -1.84 -11.99
N ALA A 462 -36.03 -3.04 -12.40
CA ALA A 462 -36.97 -3.18 -13.50
C ALA A 462 -38.32 -2.53 -13.14
N GLY A 463 -38.85 -1.75 -14.08
CA GLY A 463 -40.07 -0.98 -13.85
C GLY A 463 -39.90 0.30 -13.02
N THR A 464 -38.65 0.77 -12.88
CA THR A 464 -38.35 2.04 -12.22
C THR A 464 -37.30 2.80 -13.03
N GLY A 465 -37.16 4.07 -12.72
CA GLY A 465 -36.22 4.94 -13.43
C GLY A 465 -35.88 6.20 -12.66
N ALA A 466 -34.93 6.94 -13.22
CA ALA A 466 -34.53 8.24 -12.70
C ALA A 466 -33.89 9.06 -13.81
N HIS A 467 -33.80 10.36 -13.58
CA HIS A 467 -33.14 11.26 -14.52
C HIS A 467 -31.62 11.17 -14.38
N TYR A 468 -30.93 11.02 -15.50
CA TYR A 468 -29.45 10.98 -15.53
C TYR A 468 -28.93 12.07 -16.46
N LYS A 469 -27.85 12.73 -16.03
CA LYS A 469 -27.21 13.81 -16.80
C LYS A 469 -25.80 13.40 -17.23
N LEU A 470 -25.54 13.51 -18.53
CA LEU A 470 -24.19 13.39 -19.06
C LEU A 470 -23.51 14.73 -18.88
N GLU A 471 -22.39 14.76 -18.16
CA GLU A 471 -21.57 15.97 -18.01
C GLU A 471 -20.20 15.73 -18.64
N VAL A 472 -19.71 16.73 -19.36
CA VAL A 472 -18.36 16.73 -19.93
C VAL A 472 -17.64 17.94 -19.38
N PHE A 473 -16.60 17.69 -18.58
CA PHE A 473 -15.77 18.76 -18.01
C PHE A 473 -14.45 18.89 -18.76
N SER A 474 -13.85 20.07 -18.69
CA SER A 474 -12.51 20.34 -19.19
C SER A 474 -11.62 20.74 -18.02
N ILE A 475 -10.37 20.28 -18.05
CA ILE A 475 -9.36 20.65 -17.07
C ILE A 475 -8.27 21.39 -17.84
N ARG A 476 -8.18 22.70 -17.63
CA ARG A 476 -7.23 23.56 -18.32
C ARG A 476 -6.04 23.90 -17.43
N ASP A 477 -4.85 23.94 -18.02
CA ASP A 477 -3.68 24.52 -17.35
C ASP A 477 -3.93 26.03 -17.23
N ASN A 478 -3.75 26.54 -16.01
CA ASN A 478 -4.08 27.92 -15.68
C ASN A 478 -3.19 28.35 -14.53
N LEU A 479 -2.46 29.46 -14.71
CA LEU A 479 -1.49 29.93 -13.72
C LEU A 479 -1.92 31.26 -13.11
N THR A 480 -1.65 31.41 -11.81
CA THR A 480 -1.88 32.67 -11.10
C THR A 480 -0.52 33.31 -10.80
N TYR A 481 -0.37 34.57 -11.18
CA TYR A 481 0.88 35.31 -11.05
C TYR A 481 0.74 36.34 -9.93
N SER A 482 1.74 36.39 -9.05
CA SER A 482 1.77 37.28 -7.89
C SER A 482 2.93 38.25 -8.05
N PHE A 483 2.62 39.48 -8.44
CA PHE A 483 3.65 40.51 -8.65
C PHE A 483 4.04 41.19 -7.34
N GLU A 484 5.18 41.86 -7.37
CA GLU A 484 5.81 42.42 -6.16
C GLU A 484 4.98 43.51 -5.47
N ASP A 485 4.33 44.36 -6.25
CA ASP A 485 3.49 45.44 -5.71
C ASP A 485 2.20 44.96 -5.02
N GLY A 486 1.83 43.69 -5.20
CA GLY A 486 0.64 43.10 -4.59
C GLY A 486 -0.40 42.64 -5.60
N THR A 487 -0.25 43.06 -6.85
CA THR A 487 -1.19 42.71 -7.92
C THR A 487 -1.19 41.19 -8.19
N PHE A 488 -2.40 40.63 -8.29
CA PHE A 488 -2.59 39.24 -8.71
C PHE A 488 -3.29 39.22 -10.06
N MET A 489 -2.79 38.38 -10.97
CA MET A 489 -3.45 38.08 -12.24
C MET A 489 -3.51 36.57 -12.39
N ASP A 490 -4.43 36.10 -13.23
CA ASP A 490 -4.42 34.72 -13.70
C ASP A 490 -4.76 34.66 -15.17
N ASP A 491 -4.25 33.64 -15.85
CA ASP A 491 -4.46 33.47 -17.28
C ASP A 491 -4.12 32.05 -17.71
N LEU A 492 -4.74 31.62 -18.81
CA LEU A 492 -4.42 30.34 -19.43
C LEU A 492 -3.01 30.38 -20.03
N THR A 493 -2.43 29.21 -20.24
CA THR A 493 -1.07 29.09 -20.77
C THR A 493 -1.11 28.65 -22.23
N LEU A 494 -1.61 29.53 -23.09
CA LEU A 494 -1.89 29.22 -24.49
C LEU A 494 -0.72 29.56 -25.43
N TYR A 495 -0.56 28.74 -26.47
CA TYR A 495 0.50 28.89 -27.47
C TYR A 495 -0.02 28.47 -28.84
N THR A 496 0.76 28.72 -29.89
CA THR A 496 0.40 28.29 -31.24
C THR A 496 0.69 26.79 -31.40
N PRO A 497 -0.03 26.10 -32.30
CA PRO A 497 0.31 24.69 -32.59
C PRO A 497 1.76 24.49 -33.03
N ASP A 498 2.28 25.38 -33.87
CA ASP A 498 3.68 25.31 -34.33
C ASP A 498 4.71 25.48 -33.20
N GLN A 499 4.41 26.35 -32.23
CA GLN A 499 5.26 26.51 -31.04
C GLN A 499 5.39 25.21 -30.24
N LEU A 500 4.26 24.57 -29.98
CA LEU A 500 4.21 23.36 -29.16
C LEU A 500 4.83 22.15 -29.85
N LEU A 501 4.59 22.00 -31.16
CA LEU A 501 5.14 20.90 -31.95
C LEU A 501 6.66 20.99 -32.11
N ARG A 502 7.17 22.22 -32.28
CA ARG A 502 8.62 22.46 -32.39
C ARG A 502 9.39 22.55 -31.06
N SER A 503 8.68 22.46 -29.93
CA SER A 503 9.30 22.46 -28.60
C SER A 503 10.13 21.18 -28.37
N PRO A 504 11.15 21.24 -27.49
CA PRO A 504 12.03 20.09 -27.29
C PRO A 504 11.34 18.87 -26.65
N LEU A 505 11.78 17.68 -27.04
CA LEU A 505 11.21 16.42 -26.57
C LEU A 505 11.58 16.10 -25.13
N LYS A 506 10.61 15.60 -24.37
CA LYS A 506 10.82 15.07 -23.03
C LYS A 506 10.12 13.72 -22.92
N LEU A 507 10.88 12.64 -23.07
CA LEU A 507 10.34 11.28 -23.01
C LEU A 507 10.16 10.84 -21.56
N THR A 508 8.92 10.90 -21.07
CA THR A 508 8.58 10.55 -19.69
C THR A 508 7.22 9.86 -19.62
N ASN B 6 2.52 45.86 -14.66
CA ASN B 6 2.59 44.38 -14.41
C ASN B 6 2.04 43.58 -15.58
N THR B 7 2.86 42.69 -16.13
CA THR B 7 2.45 41.79 -17.20
C THR B 7 3.05 40.39 -16.94
N PRO B 8 2.28 39.31 -17.22
CA PRO B 8 2.81 37.96 -16.98
C PRO B 8 4.05 37.65 -17.84
N PRO B 9 5.07 36.99 -17.26
CA PRO B 9 6.26 36.64 -18.04
C PRO B 9 5.97 35.48 -18.99
N GLU B 10 6.64 35.48 -20.14
CA GLU B 10 6.52 34.37 -21.09
C GLU B 10 7.31 33.16 -20.59
N LEU B 11 6.71 31.98 -20.75
CA LEU B 11 7.27 30.73 -20.24
C LEU B 11 7.65 29.81 -21.39
N ASP B 12 8.76 29.09 -21.23
CA ASP B 12 9.19 28.10 -22.22
C ASP B 12 8.27 26.90 -22.23
N THR B 13 8.18 26.24 -23.39
CA THR B 13 7.31 25.09 -23.57
C THR B 13 8.13 23.82 -23.82
N VAL B 14 7.54 22.69 -23.45
CA VAL B 14 8.13 21.37 -23.72
C VAL B 14 7.07 20.45 -24.33
N LEU B 15 7.53 19.52 -25.17
CA LEU B 15 6.66 18.52 -25.78
C LEU B 15 6.92 17.17 -25.11
N GLN B 16 6.00 16.75 -24.25
CA GLN B 16 6.10 15.46 -23.58
C GLN B 16 5.63 14.33 -24.50
N ALA B 17 6.26 13.15 -24.33
CA ALA B 17 5.92 11.97 -25.12
C ALA B 17 6.12 10.71 -24.26
N PRO B 18 5.47 9.60 -24.63
CA PRO B 18 5.59 8.35 -23.85
C PRO B 18 7.02 7.82 -23.77
N TYR B 19 7.35 7.20 -22.63
CA TYR B 19 8.63 6.52 -22.42
C TYR B 19 8.83 5.35 -23.39
N ALA B 20 7.73 4.77 -23.87
CA ALA B 20 7.72 3.77 -24.94
C ALA B 20 8.56 4.16 -26.18
N TYR B 21 8.57 5.45 -26.54
CA TYR B 21 9.36 5.94 -27.66
C TYR B 21 10.86 6.16 -27.36
N ASN B 22 11.27 6.01 -26.11
CA ASN B 22 12.69 5.97 -25.76
C ASN B 22 13.25 4.61 -26.17
N TRP B 23 13.60 4.51 -27.45
CA TRP B 23 13.93 3.23 -28.08
C TRP B 23 15.20 2.65 -27.47
N PRO B 24 15.16 1.42 -26.94
CA PRO B 24 16.41 0.80 -26.50
C PRO B 24 17.29 0.43 -27.69
N THR B 25 18.52 0.93 -27.69
CA THR B 25 19.51 0.70 -28.75
C THR B 25 20.85 0.41 -28.08
N SER B 26 21.89 0.20 -28.90
CA SER B 26 23.24 0.03 -28.38
C SER B 26 23.81 1.28 -27.69
N LYS B 27 23.24 2.46 -27.96
CA LYS B 27 23.64 3.72 -27.33
C LYS B 27 23.15 3.91 -25.88
N ASN B 28 22.08 3.20 -25.49
CA ASN B 28 21.49 3.38 -24.15
C ASN B 28 21.16 2.10 -23.36
N VAL B 29 21.57 0.93 -23.86
CA VAL B 29 21.34 -0.36 -23.20
C VAL B 29 22.68 -0.97 -22.82
N LYS B 30 22.82 -1.34 -21.55
CA LYS B 30 24.02 -2.00 -21.04
C LYS B 30 23.63 -3.32 -20.35
N ILE B 31 24.54 -4.28 -20.39
CA ILE B 31 24.33 -5.60 -19.80
C ILE B 31 25.04 -5.68 -18.45
N ALA B 32 24.28 -5.98 -17.41
CA ALA B 32 24.81 -6.08 -16.06
C ALA B 32 25.15 -7.52 -15.70
N SER B 33 26.35 -7.71 -15.18
CA SER B 33 26.65 -8.84 -14.31
C SER B 33 26.73 -8.23 -12.92
N ARG B 34 26.93 -9.04 -11.89
CA ARG B 34 27.04 -8.50 -10.55
C ARG B 34 27.81 -9.32 -9.53
N ILE B 35 28.18 -8.63 -8.46
CA ILE B 35 28.63 -9.24 -7.22
C ILE B 35 27.63 -8.81 -6.15
N GLY B 36 27.59 -9.56 -5.05
CA GLY B 36 26.70 -9.27 -3.93
C GLY B 36 27.27 -9.79 -2.63
N ILE B 37 26.60 -9.46 -1.53
CA ILE B 37 26.89 -10.04 -0.24
C ILE B 37 26.28 -11.44 -0.24
N PRO B 38 27.12 -12.50 -0.28
CA PRO B 38 26.53 -13.84 -0.45
C PRO B 38 25.72 -14.33 0.76
N TYR B 39 24.83 -15.30 0.50
CA TYR B 39 24.04 -15.95 1.55
C TYR B 39 24.70 -17.23 2.09
N SER B 40 25.94 -17.47 1.71
CA SER B 40 26.75 -18.58 2.24
C SER B 40 27.63 -18.14 3.42
N THR B 41 27.33 -16.98 4.00
CA THR B 41 28.24 -16.27 4.91
C THR B 41 27.72 -16.14 6.35
N PHE B 42 26.60 -16.78 6.65
CA PHE B 42 25.99 -16.68 7.98
C PHE B 42 26.75 -17.52 9.00
N GLN B 43 26.84 -17.01 10.22
CA GLN B 43 27.42 -17.73 11.35
C GLN B 43 26.52 -17.59 12.58
N THR B 44 26.36 -18.68 13.31
CA THR B 44 25.64 -18.70 14.57
C THR B 44 26.66 -18.55 15.68
N ILE B 45 26.49 -17.53 16.52
CA ILE B 45 27.37 -17.30 17.67
C ILE B 45 26.61 -17.63 18.95
N GLN B 46 27.06 -18.65 19.66
CA GLN B 46 26.49 -19.04 20.95
C GLN B 46 26.93 -18.05 22.04
N PRO B 47 26.11 -17.89 23.09
CA PRO B 47 26.53 -17.06 24.22
C PRO B 47 27.60 -17.77 25.06
N VAL B 48 28.36 -17.00 25.84
CA VAL B 48 29.47 -17.54 26.62
C VAL B 48 29.03 -18.55 27.69
N SER B 49 27.86 -18.31 28.28
CA SER B 49 27.21 -19.27 29.18
C SER B 49 25.80 -19.57 28.69
N ASP B 50 25.22 -20.66 29.19
CA ASP B 50 23.82 -20.99 28.92
C ASP B 50 22.94 -19.85 29.38
N ALA B 51 21.99 -19.46 28.54
CA ALA B 51 21.06 -18.39 28.88
C ALA B 51 20.15 -18.81 30.03
N PRO B 52 19.70 -17.86 30.86
CA PRO B 52 18.80 -18.21 31.96
C PRO B 52 17.53 -18.87 31.43
N ASN B 53 17.04 -19.89 32.14
CA ASN B 53 15.89 -20.69 31.70
C ASN B 53 14.60 -19.86 31.63
N ASN B 54 14.50 -18.82 32.47
CA ASN B 54 13.35 -17.90 32.49
C ASN B 54 13.59 -16.58 31.72
N GLY B 55 14.68 -16.51 30.97
CA GLY B 55 15.01 -15.33 30.18
C GLY B 55 15.47 -14.10 30.95
N ILE B 56 15.82 -14.25 32.23
CA ILE B 56 16.20 -13.11 33.08
C ILE B 56 17.62 -13.30 33.61
N GLY B 57 18.54 -12.47 33.10
CA GLY B 57 19.95 -12.52 33.49
C GLY B 57 20.86 -11.95 32.42
N GLN B 58 22.14 -11.78 32.77
CA GLN B 58 23.15 -11.28 31.83
C GLN B 58 23.46 -12.32 30.76
N ILE B 59 23.56 -11.86 29.52
CA ILE B 59 23.85 -12.71 28.37
C ILE B 59 24.97 -12.02 27.59
N THR B 60 26.04 -12.76 27.28
CA THR B 60 27.20 -12.20 26.60
C THR B 60 27.59 -13.05 25.39
N PHE B 61 27.85 -12.38 24.27
CA PHE B 61 28.45 -12.99 23.08
C PHE B 61 29.84 -12.41 22.94
N ASN B 62 30.80 -13.27 22.63
CA ASN B 62 32.21 -12.88 22.54
C ASN B 62 32.81 -13.68 21.40
N GLN B 63 33.04 -13.01 20.27
CA GLN B 63 33.50 -13.68 19.07
C GLN B 63 34.25 -12.70 18.16
N PRO B 64 35.60 -12.75 18.16
CA PRO B 64 36.39 -12.03 17.17
C PRO B 64 36.05 -12.45 15.74
N LEU B 65 35.87 -11.46 14.86
CA LEU B 65 35.50 -11.71 13.45
C LEU B 65 36.41 -10.90 12.54
N GLY B 66 37.09 -11.59 11.63
CA GLY B 66 37.94 -10.95 10.63
C GLY B 66 37.14 -10.45 9.44
N ASN B 67 37.81 -9.66 8.59
CA ASN B 67 37.21 -9.14 7.34
C ASN B 67 35.92 -8.36 7.63
N LEU B 68 34.87 -8.53 6.82
CA LEU B 68 33.63 -7.75 6.97
C LEU B 68 32.58 -8.51 7.75
N THR B 69 31.90 -7.80 8.67
CA THR B 69 30.80 -8.35 9.45
C THR B 69 29.54 -7.52 9.16
N GLY B 70 28.41 -8.22 9.01
CA GLY B 70 27.14 -7.58 8.64
C GLY B 70 26.70 -6.55 9.65
N GLY B 71 26.25 -5.39 9.17
CA GLY B 71 25.98 -4.24 10.02
C GLY B 71 24.75 -4.32 10.91
N ALA B 72 23.82 -5.22 10.58
CA ALA B 72 22.60 -5.42 11.35
C ALA B 72 22.54 -6.86 11.86
N PRO B 73 23.35 -7.19 12.89
CA PRO B 73 23.28 -8.52 13.47
C PRO B 73 21.95 -8.77 14.17
N ARG B 74 21.53 -10.03 14.21
CA ARG B 74 20.22 -10.42 14.72
C ARG B 74 20.35 -11.37 15.90
N LEU B 75 19.36 -11.33 16.79
CA LEU B 75 19.25 -12.26 17.91
C LEU B 75 18.09 -13.21 17.66
N ARG B 76 18.33 -14.51 17.84
CA ARG B 76 17.31 -15.55 17.70
C ARG B 76 17.01 -16.18 19.05
N VAL B 77 15.87 -15.82 19.62
CA VAL B 77 15.42 -16.39 20.89
C VAL B 77 14.39 -17.48 20.62
N SER B 78 14.41 -18.51 21.47
CA SER B 78 13.34 -19.51 21.49
C SER B 78 13.00 -19.82 22.94
N PHE B 79 11.73 -20.14 23.18
CA PHE B 79 11.23 -20.38 24.53
C PHE B 79 9.83 -20.97 24.48
N THR B 80 9.40 -21.52 25.62
CA THR B 80 8.04 -21.99 25.83
C THR B 80 7.34 -21.02 26.78
N ALA B 81 6.12 -20.64 26.45
CA ALA B 81 5.28 -19.78 27.30
C ALA B 81 4.05 -20.56 27.72
N GLU B 82 3.89 -20.76 29.04
CA GLU B 82 2.70 -21.38 29.61
C GLU B 82 1.79 -20.28 30.14
N ILE B 83 0.57 -20.17 29.60
CA ILE B 83 -0.41 -19.17 30.01
C ILE B 83 -1.49 -19.87 30.83
N LYS B 84 -1.73 -19.39 32.05
CA LYS B 84 -2.69 -19.99 32.98
C LYS B 84 -3.85 -19.04 33.32
N ASN B 85 -4.87 -19.61 33.99
CA ASN B 85 -6.08 -18.88 34.43
C ASN B 85 -6.98 -18.48 33.26
N ILE B 86 -7.00 -19.29 32.20
CA ILE B 86 -7.91 -19.08 31.06
C ILE B 86 -9.18 -19.88 31.33
N LEU B 87 -10.34 -19.28 31.06
CA LEU B 87 -11.63 -19.96 31.22
C LEU B 87 -11.65 -21.24 30.38
N ALA B 88 -12.25 -22.29 30.93
CA ALA B 88 -12.21 -23.62 30.34
C ALA B 88 -12.90 -23.66 28.97
N ASP B 89 -12.32 -24.44 28.05
CA ASP B 89 -12.81 -24.59 26.66
C ASP B 89 -12.91 -23.27 25.88
N SER B 90 -11.98 -22.34 26.16
CA SER B 90 -11.86 -21.11 25.37
C SER B 90 -11.15 -21.45 24.06
N SER B 91 -11.73 -21.04 22.95
CA SER B 91 -11.14 -21.32 21.62
C SER B 91 -9.79 -20.63 21.44
N LEU B 92 -9.68 -19.40 21.96
CA LEU B 92 -8.51 -18.55 21.81
C LEU B 92 -8.18 -18.15 20.35
N LYS B 93 -9.18 -18.22 19.45
CA LYS B 93 -8.99 -17.88 18.04
C LYS B 93 -8.69 -16.39 17.91
N ASP B 94 -7.56 -16.08 17.27
CA ASP B 94 -7.14 -14.71 17.00
C ASP B 94 -6.93 -13.86 18.27
N GLN B 95 -6.54 -14.51 19.36
CA GLN B 95 -6.44 -13.88 20.69
C GLN B 95 -5.09 -14.00 21.41
N ILE B 96 -4.18 -14.85 20.92
CA ILE B 96 -2.83 -15.00 21.50
C ILE B 96 -1.76 -14.72 20.44
N GLY B 97 -0.71 -14.00 20.86
CA GLY B 97 0.44 -13.72 20.00
C GLY B 97 1.58 -13.11 20.79
N LEU B 98 2.42 -12.35 20.11
CA LEU B 98 3.55 -11.66 20.75
C LEU B 98 3.36 -10.14 20.67
N LYS B 99 3.94 -9.43 21.63
CA LYS B 99 3.99 -7.97 21.60
C LYS B 99 4.94 -7.51 20.51
N SER B 100 4.91 -6.21 20.21
CA SER B 100 5.71 -5.64 19.13
C SER B 100 7.19 -5.56 19.54
N PHE B 101 8.08 -6.07 18.69
CA PHE B 101 9.53 -6.10 18.94
C PHE B 101 9.90 -6.73 20.30
N PRO B 102 9.48 -8.00 20.51
CA PRO B 102 9.61 -8.63 21.83
C PRO B 102 11.05 -8.87 22.28
N VAL B 103 11.99 -8.99 21.35
CA VAL B 103 13.40 -9.15 21.68
C VAL B 103 13.97 -7.86 22.25
N ASN B 104 13.84 -6.77 21.50
CA ASN B 104 14.35 -5.47 21.93
C ASN B 104 13.59 -4.88 23.14
N ARG B 105 12.29 -5.12 23.23
CA ARG B 105 11.49 -4.83 24.44
C ARG B 105 12.08 -5.44 25.73
N SER B 106 12.67 -6.62 25.58
CA SER B 106 13.23 -7.40 26.68
C SER B 106 14.68 -7.07 27.05
N ILE B 107 15.29 -6.05 26.42
CA ILE B 107 16.68 -5.67 26.70
C ILE B 107 16.71 -4.20 27.10
N PRO B 108 16.65 -3.90 28.43
CA PRO B 108 16.68 -2.51 28.88
C PRO B 108 18.01 -1.80 28.59
N VAL B 109 19.11 -2.51 28.72
CA VAL B 109 20.44 -1.96 28.44
C VAL B 109 21.31 -2.98 27.72
N ALA B 110 22.17 -2.48 26.83
CA ALA B 110 23.12 -3.31 26.09
C ALA B 110 24.43 -2.56 25.94
N VAL B 111 25.53 -3.31 25.99
CA VAL B 111 26.88 -2.78 25.79
C VAL B 111 27.50 -3.57 24.64
N ILE B 112 27.97 -2.87 23.61
CA ILE B 112 28.69 -3.49 22.49
C ILE B 112 30.14 -3.01 22.51
N ASN B 113 31.08 -3.95 22.43
CA ASN B 113 32.51 -3.67 22.38
C ASN B 113 33.03 -3.98 20.99
N MET B 114 33.58 -2.97 20.31
CA MET B 114 34.25 -3.14 19.03
C MET B 114 35.68 -2.61 19.17
N ASN B 115 36.66 -3.52 19.11
CA ASN B 115 38.09 -3.19 19.20
C ASN B 115 38.43 -2.25 20.38
N GLY B 116 37.86 -2.53 21.55
CA GLY B 116 38.12 -1.75 22.77
C GLY B 116 37.20 -0.56 23.03
N LYS B 117 36.48 -0.10 22.01
CA LYS B 117 35.49 0.96 22.15
C LYS B 117 34.15 0.37 22.58
N THR B 118 33.61 0.85 23.70
CA THR B 118 32.33 0.40 24.22
C THR B 118 31.21 1.39 23.86
N PHE B 119 30.09 0.85 23.38
CA PHE B 119 28.87 1.62 23.12
C PHE B 119 27.81 1.13 24.08
N THR B 120 27.31 2.03 24.93
CA THR B 120 26.19 1.73 25.85
C THR B 120 24.92 2.37 25.31
N SER B 121 23.87 1.56 25.17
CA SER B 121 22.58 2.03 24.68
C SER B 121 21.45 1.20 25.29
N TYR B 122 20.22 1.63 25.02
CA TYR B 122 19.03 1.11 25.69
C TYR B 122 18.00 0.67 24.64
N PRO B 123 18.10 -0.60 24.17
CA PRO B 123 17.27 -1.10 23.06
C PRO B 123 15.77 -0.96 23.25
N ALA B 124 15.26 -1.33 24.42
CA ALA B 124 13.84 -1.18 24.75
C ALA B 124 13.37 0.27 24.59
N GLN B 125 14.21 1.21 25.01
CA GLN B 125 13.95 2.63 24.88
C GLN B 125 14.04 3.09 23.41
N LEU B 126 15.07 2.63 22.71
CA LEU B 126 15.27 2.93 21.28
C LEU B 126 14.11 2.45 20.41
N ILE B 127 13.71 1.19 20.56
CA ILE B 127 12.65 0.62 19.74
C ILE B 127 11.26 1.17 20.09
N LYS B 128 11.08 1.63 21.33
CA LYS B 128 9.83 2.27 21.73
C LYS B 128 9.56 3.57 20.94
N LEU B 129 10.62 4.32 20.63
CA LEU B 129 10.52 5.51 19.78
C LEU B 129 10.53 5.17 18.29
N HIS B 130 11.49 4.33 17.89
CA HIS B 130 11.71 3.99 16.49
C HIS B 130 10.52 3.31 15.81
N GLN B 131 9.73 2.54 16.57
CA GLN B 131 8.53 1.89 16.05
C GLN B 131 7.44 2.88 15.58
N TYR B 132 7.45 4.09 16.14
CA TYR B 132 6.48 5.14 15.78
C TYR B 132 6.90 6.10 14.66
N ASN B 133 8.19 6.14 14.28
CA ASN B 133 8.65 7.06 13.21
C ASN B 133 9.58 6.45 12.15
N ALA B 134 9.37 5.18 11.82
CA ALA B 134 10.06 4.52 10.70
C ALA B 134 9.06 4.00 9.68
N ASP B 135 9.55 3.72 8.48
CA ASP B 135 8.75 3.11 7.42
C ASP B 135 8.36 1.69 7.87
N PRO B 136 7.05 1.34 7.85
CA PRO B 136 6.62 0.00 8.26
C PRO B 136 7.28 -1.19 7.54
N LEU B 137 7.64 -1.00 6.27
CA LEU B 137 8.35 -2.04 5.52
C LEU B 137 9.79 -2.22 6.01
N GLU B 138 10.45 -1.13 6.40
CA GLU B 138 11.74 -1.19 7.09
C GLU B 138 11.61 -1.94 8.41
N LEU B 139 10.60 -1.58 9.20
CA LEU B 139 10.36 -2.22 10.49
C LEU B 139 10.07 -3.72 10.38
N ALA B 140 9.43 -4.14 9.29
CA ALA B 140 9.15 -5.56 9.06
C ALA B 140 10.42 -6.40 8.79
N LEU B 141 11.50 -5.75 8.36
CA LEU B 141 12.83 -6.36 8.24
C LEU B 141 13.59 -6.44 9.57
N LEU B 142 13.29 -5.55 10.52
CA LEU B 142 13.87 -5.63 11.87
C LEU B 142 13.31 -6.79 12.68
N SER B 143 11.99 -6.90 12.72
CA SER B 143 11.30 -7.91 13.51
C SER B 143 10.13 -8.55 12.75
N PRO B 144 9.83 -9.84 13.04
CA PRO B 144 8.60 -10.45 12.54
C PRO B 144 7.32 -9.96 13.27
N CYS B 145 7.50 -9.28 14.40
CA CYS B 145 6.41 -8.66 15.15
C CYS B 145 6.57 -7.14 15.13
N SER B 146 6.53 -6.57 13.93
CA SER B 146 6.76 -5.14 13.71
C SER B 146 5.50 -4.28 13.79
N ASP B 147 4.32 -4.89 13.67
CA ASP B 147 3.06 -4.15 13.79
C ASP B 147 2.90 -3.56 15.19
N VAL B 148 2.51 -2.29 15.24
CA VAL B 148 2.33 -1.57 16.50
C VAL B 148 0.83 -1.36 16.73
N ASP B 149 0.42 -1.52 18.00
CA ASP B 149 -1.00 -1.44 18.38
C ASP B 149 -1.60 -0.09 18.03
N GLU B 150 -2.71 -0.13 17.31
CA GLU B 150 -3.49 1.06 16.98
C GLU B 150 -4.47 1.45 18.11
N TYR B 151 -4.89 0.48 18.91
CA TYR B 151 -5.94 0.68 19.92
C TYR B 151 -5.54 0.14 21.29
N ASN B 152 -6.12 0.73 22.34
CA ASN B 152 -5.73 0.45 23.72
C ASN B 152 -6.27 -0.89 24.25
N LYS B 153 -7.30 -1.41 23.60
CA LYS B 153 -7.82 -2.76 23.83
C LYS B 153 -7.83 -3.54 22.52
N ILE B 154 -7.41 -4.79 22.58
CA ILE B 154 -7.44 -5.71 21.44
C ILE B 154 -8.58 -6.70 21.67
N LYS B 155 -9.49 -6.77 20.70
CA LYS B 155 -10.58 -7.75 20.68
C LYS B 155 -10.48 -8.60 19.42
N ALA B 156 -10.97 -9.83 19.51
CA ALA B 156 -10.85 -10.82 18.44
C ALA B 156 -11.39 -10.34 17.10
N VAL B 157 -12.60 -9.76 17.12
CA VAL B 157 -13.28 -9.31 15.91
C VAL B 157 -12.77 -7.98 15.31
N SER B 158 -11.98 -7.21 16.07
CA SER B 158 -11.38 -5.97 15.57
C SER B 158 -10.60 -6.24 14.27
N MET B 159 -10.81 -5.39 13.26
CA MET B 159 -10.36 -5.69 11.90
C MET B 159 -8.84 -5.78 11.78
N ASN B 160 -8.11 -4.91 12.48
CA ASN B 160 -6.63 -4.96 12.51
C ASN B 160 -6.09 -5.49 13.85
N ASN B 161 -6.84 -6.40 14.47
CA ASN B 161 -6.41 -7.15 15.65
C ASN B 161 -5.05 -7.80 15.34
N PRO B 162 -3.98 -7.38 16.06
CA PRO B 162 -2.65 -7.92 15.77
C PRO B 162 -2.45 -9.40 16.09
N TYR B 163 -3.35 -10.03 16.84
CA TYR B 163 -3.28 -11.46 17.11
C TYR B 163 -4.15 -12.32 16.18
N ARG B 164 -4.69 -11.72 15.12
CA ARG B 164 -5.31 -12.48 14.04
C ARG B 164 -4.29 -13.41 13.42
N GLN B 165 -4.69 -14.66 13.21
CA GLN B 165 -3.85 -15.67 12.59
C GLN B 165 -3.61 -15.33 11.11
N GLY B 166 -2.68 -16.04 10.49
CA GLY B 166 -2.31 -15.78 9.09
C GLY B 166 -3.50 -15.74 8.14
N THR B 167 -4.36 -16.75 8.24
CA THR B 167 -5.55 -16.86 7.41
C THR B 167 -6.66 -15.85 7.73
N GLU B 168 -6.62 -15.28 8.93
CA GLU B 168 -7.61 -14.26 9.36
C GLU B 168 -7.09 -12.82 9.32
N SER B 169 -5.85 -12.61 8.90
CA SER B 169 -5.25 -11.27 8.82
C SER B 169 -5.43 -10.67 7.43
N THR B 170 -5.70 -9.35 7.39
CA THR B 170 -5.74 -8.61 6.13
C THR B 170 -4.36 -8.56 5.47
N ASP B 171 -3.32 -8.52 6.31
CA ASP B 171 -1.93 -8.56 5.86
C ASP B 171 -1.13 -9.30 6.95
N SER B 172 -0.75 -10.54 6.65
CA SER B 172 -0.07 -11.41 7.63
C SER B 172 1.28 -10.87 8.11
N ARG B 173 1.97 -10.11 7.26
CA ARG B 173 3.22 -9.44 7.67
C ARG B 173 2.98 -8.40 8.76
N MET B 174 1.83 -7.73 8.69
CA MET B 174 1.43 -6.72 9.68
C MET B 174 0.54 -7.26 10.80
N SER B 175 0.72 -8.54 11.13
CA SER B 175 0.10 -9.15 12.31
C SER B 175 1.21 -9.75 13.18
N ARG B 176 0.94 -9.83 14.48
CA ARG B 176 1.81 -10.49 15.44
C ARG B 176 1.22 -11.83 15.93
N GLY B 177 0.26 -12.36 15.19
CA GLY B 177 -0.43 -13.59 15.57
C GLY B 177 0.35 -14.82 15.20
N LEU B 178 -0.26 -15.98 15.45
CA LEU B 178 0.33 -17.26 15.14
C LEU B 178 0.00 -17.63 13.70
N GLY B 179 0.99 -18.18 13.00
CA GLY B 179 0.87 -18.53 11.58
C GLY B 179 1.14 -17.34 10.67
N CYS B 180 1.91 -16.38 11.20
CA CYS B 180 2.27 -15.17 10.48
C CYS B 180 3.78 -15.21 10.15
N ASN B 181 4.61 -14.37 10.77
CA ASN B 181 6.02 -14.21 10.39
C ASN B 181 7.01 -15.08 11.18
N TYR B 182 6.55 -15.69 12.28
CA TYR B 182 7.45 -16.42 13.18
C TYR B 182 6.98 -17.84 13.44
N ALA B 183 7.93 -18.73 13.68
CA ALA B 183 7.64 -20.14 13.96
C ALA B 183 7.03 -20.31 15.34
N TYR B 184 6.14 -21.29 15.46
CA TYR B 184 5.43 -21.55 16.71
C TYR B 184 4.93 -22.99 16.76
N TYR B 185 4.49 -23.39 17.94
CA TYR B 185 3.78 -24.67 18.13
C TYR B 185 2.96 -24.61 19.40
N ILE B 186 1.65 -24.80 19.27
CA ILE B 186 0.74 -24.88 20.41
C ILE B 186 0.71 -26.33 20.89
N HIS B 187 0.95 -26.53 22.18
CA HIS B 187 0.91 -27.87 22.79
C HIS B 187 -0.54 -28.36 22.82
N PRO B 188 -0.75 -29.69 22.70
CA PRO B 188 -2.12 -30.22 22.67
C PRO B 188 -2.97 -29.78 23.86
N ARG B 189 -4.20 -29.34 23.57
CA ARG B 189 -5.12 -28.83 24.59
C ARG B 189 -6.22 -29.85 24.87
N ALA B 190 -6.21 -30.40 26.09
CA ALA B 190 -7.26 -31.32 26.53
C ALA B 190 -8.55 -30.57 26.84
N ALA B 191 -9.68 -31.26 26.71
CA ALA B 191 -10.99 -30.67 26.99
C ALA B 191 -11.12 -30.34 28.47
N GLY B 192 -11.49 -29.10 28.77
CA GLY B 192 -11.59 -28.60 30.15
C GLY B 192 -10.30 -28.01 30.72
N SER B 193 -9.27 -27.87 29.89
CA SER B 193 -7.99 -27.31 30.33
C SER B 193 -8.09 -25.78 30.46
N THR B 194 -7.46 -25.25 31.52
CA THR B 194 -7.46 -23.81 31.81
C THR B 194 -6.13 -23.15 31.48
N SER B 195 -5.23 -23.88 30.83
CA SER B 195 -3.93 -23.36 30.43
C SER B 195 -3.52 -23.85 29.04
N VAL B 196 -2.58 -23.11 28.44
CA VAL B 196 -2.01 -23.46 27.14
C VAL B 196 -0.50 -23.21 27.17
N LYS B 197 0.25 -24.08 26.48
CA LYS B 197 1.68 -23.94 26.29
C LYS B 197 1.98 -23.72 24.82
N ILE B 198 2.76 -22.68 24.51
CA ILE B 198 3.14 -22.33 23.14
C ILE B 198 4.66 -22.15 23.06
N ASP B 199 5.29 -22.90 22.15
CA ASP B 199 6.70 -22.71 21.81
C ASP B 199 6.82 -21.59 20.78
N PHE B 200 7.82 -20.72 20.93
CA PHE B 200 8.06 -19.59 20.02
C PHE B 200 9.51 -19.58 19.55
N VAL B 201 9.74 -19.06 18.34
CA VAL B 201 11.07 -18.73 17.84
C VAL B 201 10.96 -17.37 17.17
N VAL B 202 11.79 -16.41 17.60
CA VAL B 202 11.76 -15.05 17.08
C VAL B 202 13.18 -14.63 16.67
N ASP B 203 13.33 -14.25 15.40
CA ASP B 203 14.59 -13.82 14.81
C ASP B 203 14.48 -12.31 14.54
N GLU B 204 15.16 -11.50 15.36
CA GLU B 204 14.99 -10.05 15.37
C GLU B 204 16.34 -9.32 15.39
N ALA B 205 16.42 -8.21 14.65
CA ALA B 205 17.63 -7.39 14.60
C ALA B 205 17.86 -6.65 15.92
N LEU B 206 19.11 -6.58 16.35
CA LEU B 206 19.48 -5.88 17.57
C LEU B 206 19.51 -4.38 17.32
N VAL B 207 18.67 -3.66 18.07
CA VAL B 207 18.60 -2.21 18.00
C VAL B 207 19.45 -1.68 19.14
N ALA B 208 20.72 -1.42 18.85
CA ALA B 208 21.67 -0.94 19.85
C ALA B 208 22.87 -0.37 19.13
N ASN B 209 23.40 0.75 19.64
CA ASN B 209 24.55 1.40 19.01
C ASN B 209 25.74 0.44 19.03
N PRO B 210 26.48 0.28 17.91
CA PRO B 210 26.36 1.06 16.69
C PRO B 210 25.67 0.32 15.51
N THR B 211 24.78 -0.64 15.79
CA THR B 211 24.17 -1.45 14.73
C THR B 211 23.36 -0.59 13.76
N GLN B 212 23.27 -1.05 12.51
CA GLN B 212 22.67 -0.29 11.42
C GLN B 212 21.22 -0.70 11.21
N TYR B 213 20.43 -0.57 12.27
CA TYR B 213 19.00 -0.88 12.26
C TYR B 213 18.17 0.10 11.42
N LYS B 214 18.68 1.32 11.23
CA LYS B 214 18.05 2.32 10.35
C LYS B 214 18.16 1.91 8.88
N ASN B 215 19.36 1.52 8.45
CA ASN B 215 19.62 1.04 7.09
C ASN B 215 19.50 -0.49 6.99
N ILE B 216 18.41 -1.04 7.52
CA ILE B 216 18.19 -2.50 7.55
C ILE B 216 18.10 -3.16 6.16
N LYS B 217 17.67 -2.38 5.15
CA LYS B 217 17.56 -2.87 3.77
C LYS B 217 18.92 -3.22 3.15
N ASP B 218 19.91 -2.34 3.34
CA ASP B 218 21.24 -2.50 2.76
C ASP B 218 22.28 -1.91 3.73
N PRO B 219 22.51 -2.60 4.87
CA PRO B 219 23.38 -2.06 5.92
C PRO B 219 24.86 -2.10 5.56
N VAL B 220 25.60 -1.08 5.98
CA VAL B 220 27.03 -1.00 5.75
C VAL B 220 27.74 -1.89 6.78
N PRO B 221 28.63 -2.80 6.32
CA PRO B 221 29.29 -3.72 7.25
C PRO B 221 30.42 -3.09 8.03
N PHE B 222 30.73 -3.68 9.18
CA PHE B 222 31.91 -3.35 9.98
C PHE B 222 33.08 -4.20 9.52
N ARG B 223 34.30 -3.74 9.80
CA ARG B 223 35.51 -4.43 9.34
C ARG B 223 36.51 -4.71 10.45
N ASN B 224 37.14 -5.88 10.38
CA ASN B 224 38.28 -6.26 11.20
C ASN B 224 38.02 -6.08 12.72
N LEU B 225 37.05 -6.82 13.22
CA LEU B 225 36.69 -6.81 14.63
C LEU B 225 37.53 -7.83 15.42
N ASN B 226 38.66 -7.37 15.94
CA ASN B 226 39.54 -8.18 16.79
C ASN B 226 38.85 -8.49 18.12
N THR B 227 38.19 -7.47 18.67
CA THR B 227 37.30 -7.63 19.82
C THR B 227 35.88 -7.32 19.34
N PHE B 228 34.97 -8.26 19.58
CA PHE B 228 33.54 -8.05 19.31
C PHE B 228 32.73 -8.73 20.40
N LYS B 229 32.26 -7.94 21.36
CA LYS B 229 31.42 -8.42 22.46
C LYS B 229 30.07 -7.72 22.44
N VAL B 230 29.00 -8.50 22.65
CA VAL B 230 27.65 -7.98 22.81
C VAL B 230 27.14 -8.46 24.17
N ILE B 231 26.99 -7.52 25.11
CA ILE B 231 26.57 -7.82 26.48
C ILE B 231 25.14 -7.31 26.66
N LEU B 232 24.22 -8.23 26.92
CA LEU B 232 22.79 -7.93 27.06
C LEU B 232 22.32 -8.10 28.50
N ASP B 233 21.62 -7.09 29.02
CA ASP B 233 20.84 -7.22 30.24
C ASP B 233 19.53 -7.88 29.84
N GLY B 234 19.47 -9.21 29.96
CA GLY B 234 18.30 -9.98 29.55
C GLY B 234 17.13 -9.84 30.50
N GLN B 235 16.00 -9.38 29.97
CA GLN B 235 14.72 -9.34 30.70
C GLN B 235 13.62 -9.86 29.78
N PHE B 236 13.79 -11.10 29.31
CA PHE B 236 12.83 -11.76 28.43
C PHE B 236 11.70 -12.38 29.26
N LYS B 237 10.95 -11.50 29.91
CA LYS B 237 9.89 -11.88 30.83
C LYS B 237 8.54 -11.72 30.13
N PRO B 238 7.49 -12.43 30.60
CA PRO B 238 6.18 -12.44 29.93
C PRO B 238 5.62 -11.07 29.56
N GLU B 239 5.78 -10.10 30.46
CA GLU B 239 5.30 -8.73 30.29
C GLU B 239 5.87 -8.01 29.04
N ASN B 240 7.10 -8.35 28.66
CA ASN B 240 7.77 -7.74 27.50
C ASN B 240 7.51 -8.47 26.18
N MET B 241 7.06 -9.72 26.24
CA MET B 241 6.96 -10.59 25.06
C MET B 241 5.55 -11.09 24.70
N ILE B 242 4.77 -11.54 25.68
CA ILE B 242 3.51 -12.23 25.41
C ILE B 242 2.31 -11.29 25.36
N GLY B 243 1.48 -11.48 24.32
CA GLY B 243 0.27 -10.70 24.11
C GLY B 243 -0.97 -11.56 24.23
N ILE B 244 -1.97 -11.06 24.97
CA ILE B 244 -3.26 -11.73 25.13
C ILE B 244 -4.34 -10.68 24.93
N ALA B 245 -5.32 -11.00 24.08
CA ALA B 245 -6.42 -10.09 23.79
C ALA B 245 -7.25 -9.81 25.05
N ASP B 246 -7.82 -8.60 25.12
CA ASP B 246 -8.58 -8.17 26.29
C ASP B 246 -9.94 -8.87 26.48
N ASP B 247 -10.46 -9.52 25.43
CA ASP B 247 -11.71 -10.31 25.53
C ASP B 247 -11.51 -11.82 25.78
N VAL B 248 -10.28 -12.24 26.11
CA VAL B 248 -10.04 -13.60 26.62
C VAL B 248 -10.55 -13.65 28.05
N LYS B 249 -11.41 -14.61 28.35
CA LYS B 249 -12.05 -14.68 29.67
C LYS B 249 -11.17 -15.43 30.68
N LEU B 250 -11.27 -15.01 31.94
CA LEU B 250 -10.51 -15.57 33.04
C LEU B 250 -11.30 -16.64 33.79
N VAL B 251 -10.58 -17.48 34.54
CA VAL B 251 -11.21 -18.38 35.51
C VAL B 251 -11.75 -17.53 36.66
N ALA B 252 -12.86 -17.96 37.24
CA ALA B 252 -13.49 -17.25 38.36
C ALA B 252 -12.57 -17.22 39.57
N GLY B 253 -12.39 -16.04 40.15
CA GLY B 253 -11.47 -15.81 41.27
C GLY B 253 -10.20 -15.08 40.88
N LYS B 254 -9.64 -15.41 39.71
CA LYS B 254 -8.36 -14.86 39.26
C LYS B 254 -8.51 -13.46 38.66
N ALA B 255 -7.54 -12.59 38.95
CA ALA B 255 -7.57 -11.19 38.52
C ALA B 255 -6.96 -11.01 37.12
N ASP B 256 -5.76 -11.55 36.95
CA ASP B 256 -5.01 -11.50 35.68
C ASP B 256 -4.51 -12.91 35.33
N PHE B 257 -3.97 -13.04 34.12
CA PHE B 257 -3.35 -14.30 33.67
C PHE B 257 -1.97 -14.46 34.32
N GLU B 258 -1.56 -15.71 34.52
CA GLU B 258 -0.22 -16.03 35.01
C GLU B 258 0.55 -16.70 33.87
N VAL B 259 1.70 -16.13 33.52
CA VAL B 259 2.52 -16.62 32.41
C VAL B 259 3.95 -16.92 32.89
N ASP B 260 4.48 -18.05 32.44
CA ASP B 260 5.84 -18.49 32.79
C ASP B 260 6.63 -18.76 31.53
N ILE B 261 7.86 -18.24 31.46
CA ILE B 261 8.79 -18.52 30.39
C ILE B 261 9.73 -19.64 30.84
N THR B 262 9.83 -20.71 30.04
CA THR B 262 10.76 -21.81 30.28
C THR B 262 11.49 -22.19 29.00
N GLY B 263 12.55 -22.99 29.15
CA GLY B 263 13.38 -23.45 28.03
C GLY B 263 13.97 -22.35 27.17
N PHE B 264 14.30 -21.20 27.78
CA PHE B 264 14.77 -20.04 27.05
C PHE B 264 16.20 -20.23 26.55
N LYS B 265 16.37 -20.11 25.23
CA LYS B 265 17.67 -20.18 24.57
C LYS B 265 17.83 -18.97 23.66
N ILE B 266 19.07 -18.60 23.38
CA ILE B 266 19.38 -17.46 22.53
C ILE B 266 20.67 -17.70 21.76
N ASN B 267 20.74 -17.17 20.54
CA ASN B 267 22.01 -17.06 19.80
C ASN B 267 22.00 -15.82 18.91
N MET B 268 23.20 -15.38 18.52
CA MET B 268 23.37 -14.24 17.63
C MET B 268 23.71 -14.72 16.22
N LEU B 269 22.98 -14.18 15.25
CA LEU B 269 23.18 -14.50 13.83
C LEU B 269 23.86 -13.32 13.13
N VAL B 270 25.03 -13.56 12.58
CA VAL B 270 25.80 -12.56 11.85
C VAL B 270 26.20 -13.07 10.47
N GLN B 271 26.51 -12.15 9.57
CA GLN B 271 27.13 -12.45 8.29
C GLN B 271 28.60 -12.03 8.36
N ASN B 272 29.49 -12.91 7.90
CA ASN B 272 30.93 -12.63 7.89
C ASN B 272 31.50 -13.08 6.54
N TRP B 273 32.21 -12.18 5.87
CA TRP B 273 32.76 -12.46 4.53
C TRP B 273 33.92 -11.55 4.15
N VAL B 274 34.69 -12.02 3.16
CA VAL B 274 35.86 -11.32 2.64
C VAL B 274 35.41 -10.31 1.59
N ALA B 275 35.89 -9.07 1.70
CA ALA B 275 35.57 -8.02 0.75
C ALA B 275 36.07 -8.41 -0.64
N PRO B 276 35.24 -8.20 -1.68
CA PRO B 276 35.67 -8.56 -3.03
C PRO B 276 36.69 -7.56 -3.56
N LEU B 277 37.59 -8.03 -4.42
CA LEU B 277 38.63 -7.18 -5.00
C LEU B 277 38.09 -6.08 -5.94
N GLU B 278 36.93 -6.33 -6.53
CA GLU B 278 36.35 -5.45 -7.56
C GLU B 278 35.90 -4.08 -7.03
N ILE B 279 35.55 -3.99 -5.74
CA ILE B 279 35.19 -2.70 -5.12
C ILE B 279 36.40 -1.79 -4.79
N GLY B 280 37.61 -2.33 -4.91
CA GLY B 280 38.84 -1.55 -4.71
C GLY B 280 39.20 -1.45 -3.24
N ASP B 281 40.06 -0.49 -2.93
CA ASP B 281 40.50 -0.27 -1.55
C ASP B 281 39.35 0.24 -0.68
N ILE B 282 39.22 -0.36 0.50
CA ILE B 282 38.28 0.13 1.51
C ILE B 282 38.88 1.42 2.09
N PRO B 283 38.07 2.50 2.22
CA PRO B 283 38.58 3.76 2.78
C PRO B 283 39.16 3.63 4.19
N LYS B 284 40.07 4.53 4.53
CA LYS B 284 40.74 4.51 5.84
C LYS B 284 39.78 4.79 7.00
N THR B 285 38.86 5.74 6.81
CA THR B 285 37.87 6.07 7.82
C THR B 285 36.45 5.91 7.26
N ILE B 286 35.71 4.95 7.83
CA ILE B 286 34.33 4.69 7.47
C ILE B 286 33.42 5.29 8.54
N ILE B 287 32.37 5.98 8.10
CA ILE B 287 31.42 6.66 8.99
C ILE B 287 30.11 5.87 9.05
N TYR B 288 29.55 5.74 10.25
CA TYR B 288 28.31 5.01 10.48
C TYR B 288 27.30 5.94 11.16
N ASN B 289 26.07 5.96 10.64
CA ASN B 289 24.97 6.68 11.25
C ASN B 289 24.51 5.86 12.47
N THR B 290 24.68 6.44 13.67
CA THR B 290 24.40 5.77 14.93
C THR B 290 23.78 6.74 15.92
N PRO B 291 22.51 7.17 15.69
CA PRO B 291 21.90 8.22 16.52
C PRO B 291 21.81 7.91 18.02
N LEU B 292 21.84 8.97 18.82
CA LEU B 292 21.83 8.88 20.29
C LEU B 292 20.47 9.31 20.81
N ILE B 293 19.74 8.37 21.42
CA ILE B 293 18.45 8.66 22.05
C ILE B 293 18.69 8.76 23.56
N SER B 294 18.24 9.87 24.16
CA SER B 294 18.34 10.08 25.61
C SER B 294 17.00 10.55 26.17
N LEU B 295 16.64 10.03 27.34
CA LEU B 295 15.54 10.55 28.12
C LEU B 295 16.01 11.86 28.76
N GLU B 296 15.54 12.98 28.24
CA GLU B 296 15.93 14.31 28.74
C GLU B 296 15.24 14.68 30.06
N GLY B 297 13.99 14.28 30.21
CA GLY B 297 13.27 14.49 31.46
C GLY B 297 12.01 13.65 31.55
N ASN B 298 11.60 13.37 32.80
CA ASN B 298 10.32 12.71 33.05
C ASN B 298 9.73 13.10 34.41
N ILE B 299 8.41 13.00 34.50
CA ILE B 299 7.67 13.31 35.71
C ILE B 299 6.35 12.54 35.68
N SER B 300 5.98 11.96 36.83
CA SER B 300 4.77 11.14 36.92
C SER B 300 3.76 11.70 37.91
N SER B 301 2.54 11.18 37.84
CA SER B 301 1.43 11.65 38.66
C SER B 301 0.28 10.64 38.59
N MET B 302 -0.45 10.51 39.69
CA MET B 302 -1.68 9.74 39.71
C MET B 302 -2.74 10.53 38.95
N CYS B 303 -3.40 9.86 38.00
CA CYS B 303 -4.45 10.44 37.18
C CYS B 303 -5.77 9.72 37.46
N LEU B 304 -6.68 10.39 38.16
CA LEU B 304 -7.99 9.83 38.51
C LEU B 304 -9.05 10.42 37.57
N ASN B 305 -9.79 9.55 36.90
CA ASN B 305 -10.91 9.97 36.05
C ASN B 305 -12.23 9.90 36.82
N THR B 306 -12.90 11.05 36.95
CA THR B 306 -14.22 11.15 37.57
C THR B 306 -15.35 10.97 36.54
N LYS B 307 -15.12 11.48 35.32
CA LYS B 307 -16.10 11.43 34.23
C LYS B 307 -15.75 10.34 33.21
N ASP B 308 -16.76 9.84 32.51
CA ASP B 308 -16.61 8.71 31.58
C ASP B 308 -15.68 9.06 30.41
N PRO B 309 -14.69 8.19 30.12
CA PRO B 309 -13.81 8.45 28.97
C PRO B 309 -14.51 8.27 27.62
N TYR B 310 -15.52 7.41 27.59
CA TYR B 310 -16.38 7.20 26.41
C TYR B 310 -17.51 8.23 26.25
N GLY B 311 -17.70 9.09 27.26
CA GLY B 311 -18.71 10.16 27.20
C GLY B 311 -18.26 11.35 26.38
N ILE B 312 -18.69 12.55 26.78
CA ILE B 312 -18.42 13.77 26.03
C ILE B 312 -16.90 14.02 26.02
N PRO B 313 -16.27 14.09 24.82
CA PRO B 313 -14.81 14.33 24.74
C PRO B 313 -14.33 15.56 25.52
N GLY B 314 -15.05 16.67 25.38
CA GLY B 314 -14.76 17.92 26.10
C GLY B 314 -14.83 17.85 27.62
N GLU B 315 -15.63 16.93 28.15
CA GLU B 315 -15.76 16.70 29.60
C GLU B 315 -14.81 15.64 30.16
N ARG B 316 -14.04 14.96 29.30
CA ARG B 316 -13.00 14.04 29.75
C ARG B 316 -11.96 14.82 30.57
N ASN B 317 -11.49 14.20 31.65
CA ASN B 317 -10.59 14.86 32.59
C ASN B 317 -9.29 15.29 31.91
N LYS B 318 -9.05 16.60 31.92
CA LYS B 318 -7.85 17.20 31.33
C LYS B 318 -6.71 17.18 32.34
N HIS B 319 -5.92 16.10 32.32
CA HIS B 319 -4.76 15.96 33.20
C HIS B 319 -3.60 16.78 32.66
N ILE B 320 -2.81 17.38 33.56
CA ILE B 320 -1.67 18.20 33.19
C ILE B 320 -0.40 17.66 33.87
N LEU B 321 0.68 17.57 33.10
CA LEU B 321 2.00 17.22 33.62
C LEU B 321 3.02 18.18 33.01
N THR B 322 3.88 18.74 33.86
CA THR B 322 4.92 19.67 33.43
C THR B 322 6.27 19.14 33.93
N THR B 323 7.22 18.97 33.01
CA THR B 323 8.57 18.54 33.38
C THR B 323 9.30 19.65 34.13
N HIS B 324 10.39 19.26 34.81
CA HIS B 324 11.34 20.24 35.35
C HIS B 324 12.15 20.81 34.20
N SER B 325 12.95 21.83 34.47
CA SER B 325 13.78 22.44 33.45
C SER B 325 14.87 21.45 33.02
N MET B 326 14.93 21.17 31.72
CA MET B 326 15.86 20.19 31.14
C MET B 326 17.04 20.92 30.50
N ALA B 327 18.21 20.82 31.13
CA ALA B 327 19.44 21.45 30.63
C ALA B 327 20.09 20.58 29.55
N MET B 328 20.49 21.22 28.45
CA MET B 328 21.11 20.54 27.32
C MET B 328 22.29 21.37 26.81
N ASN B 329 23.46 20.75 26.72
CA ASN B 329 24.69 21.44 26.27
C ASN B 329 24.73 21.73 24.76
N ASN B 330 23.89 21.05 24.00
CA ASN B 330 23.74 21.28 22.56
C ASN B 330 22.28 21.06 22.16
N VAL B 331 21.95 21.38 20.91
CA VAL B 331 20.56 21.32 20.41
C VAL B 331 20.35 20.05 19.55
N PRO B 332 19.50 19.11 20.03
CA PRO B 332 19.15 17.92 19.23
C PRO B 332 18.38 18.22 17.93
N SER B 333 18.49 17.31 16.97
CA SER B 333 17.77 17.40 15.70
C SER B 333 16.27 17.19 15.85
N MET B 334 15.86 16.41 16.86
CA MET B 334 14.46 16.11 17.09
C MET B 334 14.17 15.74 18.54
N PHE B 335 12.94 15.98 18.96
CA PHE B 335 12.44 15.57 20.27
C PHE B 335 11.22 14.68 20.09
N ALA B 336 10.87 13.95 21.14
CA ALA B 336 9.71 13.07 21.14
C ALA B 336 9.01 13.15 22.50
N VAL B 337 7.70 13.41 22.49
CA VAL B 337 6.90 13.54 23.71
C VAL B 337 5.85 12.46 23.74
N MET B 338 5.74 11.77 24.88
CA MET B 338 4.66 10.82 25.11
C MET B 338 4.30 10.75 26.58
N VAL B 339 3.05 10.35 26.85
CA VAL B 339 2.52 10.19 28.19
C VAL B 339 2.05 8.74 28.31
N SER B 340 2.81 7.93 29.03
CA SER B 340 2.59 6.49 29.13
C SER B 340 2.17 6.10 30.54
N GLN B 341 1.48 4.97 30.66
CA GLN B 341 1.15 4.38 31.95
C GLN B 341 2.43 3.84 32.59
N GLU B 342 2.71 4.27 33.83
CA GLU B 342 3.98 3.96 34.49
C GLU B 342 4.07 2.49 34.91
N THR B 343 3.06 2.05 35.66
CA THR B 343 2.91 0.64 36.04
C THR B 343 1.72 0.09 35.26
N PRO B 344 1.95 -0.88 34.35
CA PRO B 344 0.82 -1.49 33.63
C PRO B 344 -0.15 -2.23 34.56
N THR B 345 -1.45 -1.99 34.35
CA THR B 345 -2.50 -2.67 35.10
C THR B 345 -2.55 -4.15 34.70
N LYS B 346 -2.68 -4.39 33.39
CA LYS B 346 -2.65 -5.73 32.81
C LYS B 346 -1.32 -5.93 32.10
N LYS B 347 -0.62 -7.01 32.46
CA LYS B 347 0.73 -7.27 31.96
C LYS B 347 0.80 -7.57 30.45
N PHE B 348 -0.28 -8.11 29.88
CA PHE B 348 -0.29 -8.63 28.51
C PHE B 348 -1.21 -7.87 27.57
N ALA B 349 -1.60 -6.66 27.96
CA ALA B 349 -2.42 -5.77 27.16
C ALA B 349 -1.49 -4.79 26.41
N PRO B 350 -2.06 -3.98 25.49
CA PRO B 350 -1.27 -2.91 24.86
C PRO B 350 -0.72 -1.88 25.85
N ASP B 351 0.39 -1.25 25.49
CA ASP B 351 0.93 -0.13 26.24
C ASP B 351 -0.08 0.99 26.22
N GLN B 352 -0.52 1.42 27.40
CA GLN B 352 -1.54 2.43 27.54
C GLN B 352 -0.91 3.81 27.52
N LEU B 353 -0.93 4.44 26.36
CA LEU B 353 -0.50 5.83 26.22
C LEU B 353 -1.73 6.73 26.29
N ALA B 354 -1.51 7.97 26.74
CA ALA B 354 -2.59 8.95 26.83
C ALA B 354 -2.73 9.71 25.51
N GLY B 355 -3.94 10.18 25.25
CA GLY B 355 -4.22 11.08 24.13
C GLY B 355 -3.87 12.50 24.51
N ILE B 356 -2.78 13.02 23.94
CA ILE B 356 -2.33 14.39 24.21
C ILE B 356 -3.23 15.37 23.44
N ILE B 357 -3.89 16.26 24.17
CA ILE B 357 -4.79 17.28 23.59
C ILE B 357 -4.17 18.68 23.53
N GLY B 358 -3.11 18.92 24.29
CA GLY B 358 -2.44 20.22 24.32
C GLY B 358 -0.96 20.07 24.68
N LEU B 359 -0.16 21.00 24.18
CA LEU B 359 1.28 20.96 24.37
C LEU B 359 1.79 22.38 24.51
N GLU B 360 2.43 22.69 25.65
CA GLU B 360 3.10 23.97 25.88
C GLU B 360 4.59 23.74 26.07
N ILE B 361 5.40 24.38 25.22
CA ILE B 361 6.85 24.23 25.27
C ILE B 361 7.51 25.58 25.55
N LYS B 362 8.51 25.55 26.42
CA LYS B 362 9.34 26.70 26.76
C LYS B 362 10.78 26.35 26.37
N VAL B 363 11.45 27.28 25.69
CA VAL B 363 12.88 27.16 25.36
C VAL B 363 13.55 28.49 25.70
N ASP B 364 14.39 28.48 26.74
CA ASP B 364 14.98 29.69 27.34
C ASP B 364 13.85 30.60 27.87
N SER B 365 13.81 31.87 27.46
CA SER B 365 12.77 32.81 27.88
C SER B 365 11.56 32.84 26.92
N ASP B 366 11.67 32.17 25.78
CA ASP B 366 10.57 32.03 24.82
C ASP B 366 9.59 31.00 25.39
N VAL B 367 8.36 31.44 25.69
CA VAL B 367 7.38 30.64 26.44
C VAL B 367 6.06 30.42 25.68
N GLY B 368 5.31 29.40 26.11
CA GLY B 368 3.97 29.14 25.61
C GLY B 368 3.85 28.70 24.15
N ILE B 369 4.86 28.02 23.63
CA ILE B 369 4.89 27.60 22.23
C ILE B 369 3.97 26.39 22.05
N PHE B 370 3.19 26.41 20.97
CA PHE B 370 2.14 25.41 20.66
C PHE B 370 0.91 25.38 21.58
N ARG B 371 0.73 26.36 22.47
CA ARG B 371 -0.45 26.38 23.38
C ARG B 371 -1.77 26.50 22.61
N GLU B 372 -1.72 27.25 21.51
CA GLU B 372 -2.84 27.42 20.58
C GLU B 372 -3.31 26.15 19.86
N LEU B 373 -2.40 25.19 19.64
CA LEU B 373 -2.66 24.04 18.77
C LEU B 373 -3.63 23.00 19.37
N GLU B 374 -4.50 22.46 18.52
CA GLU B 374 -5.41 21.36 18.85
C GLU B 374 -4.83 20.03 18.34
N GLN B 375 -5.53 18.93 18.64
CA GLN B 375 -5.07 17.59 18.27
C GLN B 375 -4.72 17.39 16.80
N GLN B 376 -5.57 17.90 15.90
CA GLN B 376 -5.33 17.78 14.46
C GLN B 376 -3.98 18.38 14.04
N GLN B 377 -3.66 19.53 14.60
CA GLN B 377 -2.40 20.22 14.31
C GLN B 377 -1.20 19.51 14.96
N LEU B 378 -1.39 18.97 16.16
CA LEU B 378 -0.36 18.16 16.82
C LEU B 378 -0.09 16.85 16.06
N TYR B 379 -1.13 16.27 15.47
CA TYR B 379 -0.99 15.09 14.62
C TYR B 379 -0.20 15.39 13.35
N GLU B 380 -0.50 16.51 12.69
CA GLU B 380 0.24 16.98 11.52
C GLU B 380 1.71 17.24 11.83
N LEU B 381 1.99 17.88 12.97
CA LEU B 381 3.34 18.14 13.45
C LEU B 381 4.14 16.84 13.53
N SER B 382 3.58 15.88 14.25
CA SER B 382 4.23 14.57 14.44
C SER B 382 4.37 13.80 13.13
N SER B 383 3.33 13.83 12.30
CA SER B 383 3.34 13.19 10.98
C SER B 383 4.39 13.76 10.03
N SER B 384 4.59 15.08 10.06
CA SER B 384 5.63 15.74 9.25
C SER B 384 7.06 15.37 9.68
N ASN B 385 7.22 14.91 10.92
CA ASN B 385 8.50 14.41 11.43
C ASN B 385 8.62 12.88 11.51
N GLY B 386 7.74 12.17 10.79
CA GLY B 386 7.86 10.71 10.62
C GLY B 386 6.80 9.82 11.26
N TYR B 387 5.99 10.37 12.17
CA TYR B 387 4.97 9.57 12.87
C TYR B 387 4.15 8.72 11.90
N ASN B 388 4.10 7.41 12.17
CA ASN B 388 3.68 6.40 11.17
C ASN B 388 2.32 5.73 11.41
N LYS B 389 1.51 6.29 12.30
CA LYS B 389 0.18 5.77 12.59
C LYS B 389 -0.89 6.80 12.26
N ARG B 390 -2.14 6.35 12.29
CA ARG B 390 -3.29 7.17 11.89
C ARG B 390 -3.86 7.99 13.05
N PHE B 391 -4.70 8.96 12.72
CA PHE B 391 -5.29 9.86 13.72
C PHE B 391 -6.16 9.12 14.74
N SER B 392 -6.91 8.12 14.28
CA SER B 392 -7.71 7.28 15.16
C SER B 392 -6.90 6.70 16.32
N CYS B 393 -5.66 6.30 16.03
CA CYS B 393 -4.73 5.82 17.06
C CYS B 393 -4.17 6.98 17.88
N PHE B 394 -3.54 7.94 17.19
CA PHE B 394 -2.87 9.08 17.83
C PHE B 394 -3.74 9.86 18.82
N SER B 395 -4.97 10.16 18.42
CA SER B 395 -5.90 10.99 19.19
C SER B 395 -6.20 10.48 20.60
N GLY B 396 -6.26 9.16 20.75
CA GLY B 396 -6.74 8.53 21.99
C GLY B 396 -8.24 8.68 22.19
N ALA B 397 -8.96 8.98 21.10
CA ALA B 397 -10.40 9.19 21.15
C ALA B 397 -11.11 7.85 21.09
N LEU B 398 -12.39 7.86 21.48
CA LEU B 398 -13.24 6.68 21.39
C LEU B 398 -13.33 6.25 19.94
N ALA B 399 -12.92 5.01 19.66
CA ALA B 399 -12.84 4.49 18.30
C ALA B 399 -14.10 3.78 17.81
N ASN B 400 -14.98 3.36 18.74
CA ASN B 400 -16.21 2.61 18.40
C ASN B 400 -17.44 3.20 19.08
N GLY B 401 -17.74 4.46 18.75
CA GLY B 401 -18.84 5.21 19.35
C GLY B 401 -20.22 4.58 19.22
N LEU B 402 -20.54 4.10 18.02
CA LEU B 402 -21.84 3.47 17.75
C LEU B 402 -22.03 2.16 18.52
N THR B 403 -20.94 1.39 18.66
CA THR B 403 -20.95 0.16 19.45
C THR B 403 -21.26 0.41 20.93
N VAL B 404 -20.71 1.51 21.47
CA VAL B 404 -20.94 1.90 22.86
C VAL B 404 -22.31 2.54 23.05
N ALA B 405 -22.73 3.38 22.10
CA ALA B 405 -24.02 4.08 22.18
C ALA B 405 -25.25 3.18 21.91
N ASP B 406 -25.03 1.99 21.34
CA ASP B 406 -26.08 0.99 21.16
C ASP B 406 -26.88 0.76 22.45
N PRO B 407 -28.21 0.98 22.44
CA PRO B 407 -29.07 0.70 23.60
C PRO B 407 -29.04 -0.75 24.11
N ALA B 408 -28.79 -1.71 23.21
CA ALA B 408 -28.62 -3.12 23.57
C ALA B 408 -27.48 -3.36 24.60
N VAL B 409 -26.47 -2.50 24.57
CA VAL B 409 -25.40 -2.51 25.59
C VAL B 409 -25.90 -1.72 26.80
N ALA B 410 -25.94 -2.39 27.96
CA ALA B 410 -26.36 -1.75 29.22
C ALA B 410 -25.30 -0.80 29.73
N ALA B 411 -25.71 0.09 30.64
CA ALA B 411 -24.82 1.13 31.20
C ALA B 411 -23.58 0.56 31.92
N GLY B 412 -23.74 -0.59 32.57
CA GLY B 412 -22.63 -1.28 33.21
C GLY B 412 -21.61 -1.91 32.28
N ASN B 413 -22.02 -2.23 31.05
CA ASN B 413 -21.15 -2.85 30.05
C ASN B 413 -20.56 -1.87 28.99
N LYS B 414 -20.80 -0.57 29.15
CA LYS B 414 -20.37 0.42 28.15
C LYS B 414 -18.86 0.63 28.13
N PHE B 415 -18.23 0.62 29.31
CA PHE B 415 -16.76 0.72 29.40
C PHE B 415 -16.06 -0.49 28.79
N LYS B 416 -16.59 -1.67 29.06
CA LYS B 416 -16.05 -2.92 28.51
C LYS B 416 -16.02 -2.93 26.98
N GLU B 417 -17.09 -2.43 26.36
CA GLU B 417 -17.18 -2.35 24.91
C GLU B 417 -16.33 -1.22 24.31
N ALA B 418 -16.10 -0.17 25.08
CA ALA B 418 -15.37 1.01 24.61
C ALA B 418 -13.89 0.72 24.32
N ILE B 419 -13.45 1.10 23.12
CA ILE B 419 -12.08 0.93 22.66
C ILE B 419 -11.57 2.30 22.21
N PHE B 420 -10.42 2.70 22.74
CA PHE B 420 -9.81 4.00 22.43
C PHE B 420 -8.57 3.81 21.58
N GLY B 421 -8.16 4.89 20.91
CA GLY B 421 -6.87 4.95 20.22
C GLY B 421 -5.75 4.73 21.22
N ALA B 422 -4.67 4.09 20.76
CA ALA B 422 -3.54 3.72 21.62
C ALA B 422 -2.94 4.93 22.35
N GLY B 423 -2.88 6.07 21.66
CA GLY B 423 -2.43 7.33 22.24
C GLY B 423 -1.36 8.00 21.41
N SER B 424 -0.89 9.14 21.91
CA SER B 424 -0.04 10.05 21.14
C SER B 424 1.46 9.82 21.33
N VAL B 425 2.20 10.08 20.26
CA VAL B 425 3.64 10.31 20.32
C VAL B 425 3.89 11.52 19.41
N ILE B 426 4.40 12.60 19.99
CA ILE B 426 4.57 13.87 19.28
C ILE B 426 6.06 14.11 19.02
N PHE B 427 6.46 13.91 17.76
CA PHE B 427 7.82 14.20 17.32
C PHE B 427 7.87 15.65 16.83
N PHE B 428 8.82 16.43 17.34
CA PHE B 428 9.02 17.81 16.88
C PHE B 428 10.50 18.19 16.82
N ARG B 429 10.84 19.04 15.85
CA ARG B 429 12.19 19.56 15.68
C ARG B 429 12.29 20.96 16.27
N PRO B 430 13.51 21.45 16.55
CA PRO B 430 13.66 22.85 16.99
C PRO B 430 13.18 23.89 15.96
N SER B 431 13.28 23.55 14.67
CA SER B 431 12.80 24.40 13.59
C SER B 431 11.26 24.52 13.52
N ASP B 432 10.54 23.56 14.09
CA ASP B 432 9.07 23.64 14.18
C ASP B 432 8.59 24.68 15.22
N LEU B 433 9.43 24.99 16.21
CA LEU B 433 9.08 25.89 17.30
C LEU B 433 8.89 27.36 16.89
N GLY B 434 9.66 27.80 15.88
CA GLY B 434 9.58 29.18 15.40
C GLY B 434 10.08 30.18 16.45
N LEU B 435 11.27 29.91 16.97
CA LEU B 435 11.85 30.69 18.07
C LEU B 435 12.40 32.03 17.57
N LYS B 436 12.29 33.05 18.44
CA LYS B 436 12.91 34.35 18.20
C LYS B 436 14.43 34.19 18.11
N ASP B 437 14.98 33.44 19.06
CA ASP B 437 16.40 33.10 19.08
C ASP B 437 16.74 32.17 17.91
N TYR B 438 17.20 32.78 16.81
CA TYR B 438 17.54 32.05 15.57
C TYR B 438 18.82 31.20 15.65
N ASN B 439 19.64 31.40 16.69
CA ASN B 439 20.80 30.55 16.95
C ASN B 439 20.45 29.14 17.44
N VAL B 440 19.24 28.94 17.96
CA VAL B 440 18.76 27.61 18.37
C VAL B 440 18.45 26.79 17.12
N MET B 441 19.47 26.09 16.63
CA MET B 441 19.42 25.30 15.40
C MET B 441 19.79 23.86 15.71
N ALA B 442 19.28 22.93 14.90
CA ALA B 442 19.65 21.52 15.01
C ALA B 442 21.16 21.36 14.81
N ASN B 443 21.78 20.55 15.67
CA ASN B 443 23.23 20.32 15.67
C ASN B 443 24.09 21.55 16.04
N ALA B 444 23.48 22.52 16.73
CA ALA B 444 24.20 23.72 17.17
C ALA B 444 24.86 23.44 18.52
N ASN B 445 26.10 23.92 18.66
CA ASN B 445 26.85 23.82 19.92
C ASN B 445 26.47 25.02 20.81
N LYS B 446 25.25 24.96 21.34
CA LYS B 446 24.66 26.04 22.11
C LYS B 446 23.80 25.45 23.22
N SER B 447 23.99 25.94 24.44
CA SER B 447 23.22 25.50 25.59
C SER B 447 21.79 26.04 25.54
N ILE B 448 20.83 25.21 25.92
CA ILE B 448 19.42 25.60 26.03
C ILE B 448 18.77 24.92 27.23
N ASN B 449 17.71 25.55 27.74
CA ASN B 449 16.87 24.96 28.80
C ASN B 449 15.46 24.82 28.24
N MET B 450 14.94 23.59 28.26
CA MET B 450 13.60 23.28 27.74
C MET B 450 12.68 22.80 28.86
N GLN B 451 11.40 23.17 28.75
CA GLN B 451 10.36 22.69 29.65
C GLN B 451 9.10 22.40 28.83
N VAL B 452 8.47 21.25 29.09
CA VAL B 452 7.33 20.77 28.33
C VAL B 452 6.13 20.49 29.24
N GLN B 453 5.01 21.16 28.96
CA GLN B 453 3.73 20.88 29.61
C GLN B 453 2.85 20.13 28.61
N ALA B 454 2.26 19.01 29.06
CA ALA B 454 1.35 18.21 28.24
C ALA B 454 -0.01 18.10 28.92
N THR B 455 -1.06 18.53 28.22
CA THR B 455 -2.45 18.30 28.63
C THR B 455 -2.95 17.04 27.91
N PHE B 456 -3.54 16.11 28.66
CA PHE B 456 -3.93 14.81 28.10
C PHE B 456 -5.15 14.18 28.76
N VAL B 457 -5.74 13.22 28.03
CA VAL B 457 -6.89 12.44 28.50
C VAL B 457 -6.51 10.96 28.51
N THR B 458 -7.07 10.22 29.46
CA THR B 458 -6.67 8.83 29.71
C THR B 458 -7.87 7.88 29.56
N PRO B 459 -7.62 6.61 29.18
CA PRO B 459 -8.69 5.65 28.91
C PRO B 459 -9.30 4.93 30.13
N GLU B 460 -8.86 5.24 31.35
CA GLU B 460 -9.40 4.63 32.57
C GLU B 460 -10.87 5.01 32.81
N ALA B 461 -11.61 4.09 33.41
CA ALA B 461 -13.04 4.28 33.69
C ALA B 461 -13.29 5.34 34.76
N ALA B 462 -14.54 5.77 34.87
CA ALA B 462 -14.95 6.71 35.90
C ALA B 462 -14.79 6.07 37.29
N GLY B 463 -14.22 6.83 38.22
CA GLY B 463 -13.94 6.35 39.57
C GLY B 463 -12.75 5.40 39.69
N THR B 464 -11.85 5.44 38.71
CA THR B 464 -10.60 4.65 38.72
C THR B 464 -9.45 5.54 38.24
N GLY B 465 -8.24 5.03 38.39
CA GLY B 465 -7.04 5.77 37.98
C GLY B 465 -5.78 4.95 37.88
N ALA B 466 -4.74 5.56 37.32
CA ALA B 466 -3.42 4.95 37.21
C ALA B 466 -2.36 6.04 37.10
N HIS B 467 -1.13 5.68 37.41
CA HIS B 467 0.00 6.59 37.31
C HIS B 467 0.45 6.75 35.85
N TYR B 468 0.57 7.99 35.39
CA TYR B 468 1.05 8.30 34.05
C TYR B 468 2.30 9.16 34.10
N LYS B 469 3.30 8.81 33.30
CA LYS B 469 4.57 9.55 33.22
C LYS B 469 4.69 10.29 31.90
N LEU B 470 4.98 11.59 31.95
CA LEU B 470 5.35 12.37 30.79
C LEU B 470 6.83 12.16 30.54
N GLU B 471 7.20 11.70 29.35
CA GLU B 471 8.59 11.50 28.96
C GLU B 471 8.94 12.36 27.75
N VAL B 472 10.06 13.07 27.84
CA VAL B 472 10.58 13.87 26.73
C VAL B 472 11.94 13.29 26.35
N PHE B 473 12.04 12.81 25.11
CA PHE B 473 13.27 12.24 24.58
C PHE B 473 13.93 13.20 23.59
N SER B 474 15.24 13.06 23.43
CA SER B 474 15.99 13.77 22.39
C SER B 474 16.59 12.76 21.42
N ILE B 475 16.52 13.06 20.13
CA ILE B 475 17.17 12.27 19.08
C ILE B 475 18.28 13.14 18.50
N ARG B 476 19.52 12.81 18.82
CA ARG B 476 20.70 13.55 18.35
C ARG B 476 21.37 12.84 17.19
N ASP B 477 21.86 13.61 16.22
CA ASP B 477 22.73 13.08 15.17
C ASP B 477 24.07 12.72 15.82
N ASN B 478 24.50 11.48 15.61
CA ASN B 478 25.67 10.93 16.27
C ASN B 478 26.30 9.92 15.32
N LEU B 479 27.59 10.11 15.04
CA LEU B 479 28.31 9.29 14.08
C LEU B 479 29.36 8.44 14.77
N THR B 480 29.56 7.23 14.24
CA THR B 480 30.63 6.35 14.69
C THR B 480 31.65 6.24 13.55
N TYR B 481 32.93 6.41 13.91
CA TYR B 481 34.04 6.44 12.95
C TYR B 481 34.90 5.21 13.14
N SER B 482 35.12 4.47 12.06
CA SER B 482 35.94 3.25 12.08
C SER B 482 37.25 3.54 11.37
N PHE B 483 38.33 3.68 12.14
CA PHE B 483 39.65 3.96 11.58
C PHE B 483 40.36 2.70 11.13
N GLU B 484 41.27 2.86 10.17
CA GLU B 484 41.98 1.75 9.52
C GLU B 484 42.78 0.87 10.49
N ASP B 485 43.38 1.49 11.51
CA ASP B 485 44.16 0.75 12.52
C ASP B 485 43.34 -0.10 13.52
N GLY B 486 42.01 -0.06 13.43
CA GLY B 486 41.12 -0.84 14.29
C GLY B 486 40.33 0.00 15.28
N THR B 487 40.77 1.22 15.53
CA THR B 487 40.13 2.10 16.51
C THR B 487 38.73 2.51 16.07
N PHE B 488 37.82 2.57 17.04
CA PHE B 488 36.47 3.08 16.86
C PHE B 488 36.26 4.26 17.80
N MET B 489 35.65 5.32 17.29
CA MET B 489 35.25 6.49 18.09
C MET B 489 33.84 6.88 17.69
N ASP B 490 33.12 7.54 18.60
CA ASP B 490 31.85 8.19 18.26
C ASP B 490 31.77 9.58 18.87
N ASP B 491 31.01 10.46 18.22
CA ASP B 491 30.83 11.83 18.69
C ASP B 491 29.63 12.49 18.02
N LEU B 492 29.07 13.48 18.70
CA LEU B 492 28.02 14.32 18.14
C LEU B 492 28.58 15.17 17.02
N THR B 493 27.70 15.57 16.10
CA THR B 493 28.08 16.37 14.95
C THR B 493 27.71 17.83 15.21
N LEU B 494 28.46 18.47 16.10
CA LEU B 494 28.16 19.83 16.56
C LEU B 494 28.93 20.90 15.79
N TYR B 495 28.26 22.04 15.56
CA TYR B 495 28.83 23.20 14.87
C TYR B 495 28.29 24.47 15.52
N THR B 496 28.90 25.61 15.20
CA THR B 496 28.43 26.90 15.70
C THR B 496 27.16 27.33 14.93
N PRO B 497 26.29 28.13 15.58
CA PRO B 497 25.12 28.67 14.86
C PRO B 497 25.46 29.40 13.56
N ASP B 498 26.52 30.22 13.57
CA ASP B 498 26.97 30.96 12.39
C ASP B 498 27.41 30.05 11.24
N GLN B 499 28.07 28.94 11.55
CA GLN B 499 28.44 27.94 10.54
C GLN B 499 27.20 27.35 9.85
N LEU B 500 26.21 26.96 10.66
CA LEU B 500 24.99 26.33 10.15
C LEU B 500 24.09 27.27 9.36
N LEU B 501 23.96 28.53 9.82
CA LEU B 501 23.18 29.55 9.11
C LEU B 501 23.79 30.00 7.78
N ARG B 502 25.12 30.04 7.71
CA ARG B 502 25.84 30.39 6.47
C ARG B 502 26.13 29.21 5.52
N SER B 503 25.67 28.00 5.88
CA SER B 503 25.81 26.82 5.02
C SER B 503 24.93 26.93 3.78
N PRO B 504 25.31 26.26 2.67
CA PRO B 504 24.53 26.36 1.42
C PRO B 504 23.12 25.77 1.51
N LEU B 505 22.16 26.40 0.83
CA LEU B 505 20.76 25.99 0.84
C LEU B 505 20.52 24.70 0.08
N LYS B 506 19.68 23.84 0.64
CA LYS B 506 19.18 22.65 -0.02
C LYS B 506 17.67 22.60 0.18
N LEU B 507 16.92 22.98 -0.87
CA LEU B 507 15.46 22.98 -0.83
C LEU B 507 14.91 21.59 -1.13
N THR B 508 14.58 20.85 -0.06
CA THR B 508 14.01 19.49 -0.17
C THR B 508 12.99 19.27 0.95
N ASN C 6 44.51 8.98 16.01
CA ASN C 6 43.22 9.04 15.24
C ASN C 6 42.34 10.20 15.70
N THR C 7 41.78 10.91 14.73
CA THR C 7 40.86 12.02 15.01
C THR C 7 39.72 12.02 13.96
N PRO C 8 38.46 12.22 14.40
CA PRO C 8 37.36 12.26 13.43
C PRO C 8 37.54 13.36 12.37
N PRO C 9 37.29 13.05 11.08
CA PRO C 9 37.47 14.04 10.03
C PRO C 9 36.39 15.12 10.05
N GLU C 10 36.73 16.30 9.53
CA GLU C 10 35.78 17.40 9.41
C GLU C 10 34.77 17.10 8.31
N LEU C 11 33.51 17.42 8.58
CA LEU C 11 32.42 17.19 7.64
C LEU C 11 31.79 18.53 7.28
N ASP C 12 31.51 18.74 5.99
CA ASP C 12 30.80 19.93 5.53
C ASP C 12 29.34 19.91 5.99
N THR C 13 28.74 21.09 6.08
CA THR C 13 27.37 21.25 6.56
C THR C 13 26.46 21.82 5.47
N VAL C 14 25.16 21.53 5.61
CA VAL C 14 24.13 22.05 4.71
C VAL C 14 22.95 22.59 5.52
N LEU C 15 22.29 23.60 4.99
CA LEU C 15 21.07 24.15 5.60
C LEU C 15 19.86 23.69 4.77
N GLN C 16 19.11 22.73 5.30
CA GLN C 16 17.89 22.25 4.65
C GLN C 16 16.72 23.19 4.90
N ALA C 17 15.86 23.35 3.90
CA ALA C 17 14.67 24.17 4.00
C ALA C 17 13.53 23.52 3.21
N PRO C 18 12.27 23.86 3.53
CA PRO C 18 11.13 23.26 2.84
C PRO C 18 11.10 23.51 1.33
N TYR C 19 10.53 22.54 0.59
CA TYR C 19 10.32 22.66 -0.85
C TYR C 19 9.32 23.78 -1.20
N ALA C 20 8.47 24.16 -0.24
CA ALA C 20 7.59 25.33 -0.36
C ALA C 20 8.31 26.64 -0.70
N TYR C 21 9.54 26.81 -0.21
CA TYR C 21 10.35 28.00 -0.51
C TYR C 21 11.07 27.95 -1.88
N ASN C 22 10.98 26.83 -2.59
CA ASN C 22 11.41 26.75 -3.99
C ASN C 22 10.37 27.46 -4.85
N TRP C 23 10.50 28.78 -4.95
CA TRP C 23 9.46 29.62 -5.55
C TRP C 23 9.35 29.34 -7.06
N PRO C 24 8.14 28.98 -7.55
CA PRO C 24 7.98 28.87 -8.99
C PRO C 24 8.06 30.24 -9.68
N THR C 25 8.95 30.34 -10.67
CA THR C 25 9.17 31.57 -11.44
C THR C 25 9.32 31.18 -12.91
N SER C 26 9.51 32.17 -13.76
CA SER C 26 9.79 31.94 -15.19
C SER C 26 11.13 31.22 -15.45
N LYS C 27 12.05 31.27 -14.50
CA LYS C 27 13.32 30.56 -14.59
C LYS C 27 13.24 29.04 -14.36
N ASN C 28 12.21 28.57 -13.64
CA ASN C 28 12.08 27.13 -13.31
C ASN C 28 10.72 26.48 -13.60
N VAL C 29 9.83 27.18 -14.29
CA VAL C 29 8.51 26.65 -14.68
C VAL C 29 8.45 26.56 -16.21
N LYS C 30 7.87 25.46 -16.70
CA LYS C 30 7.65 25.26 -18.13
C LYS C 30 6.26 24.65 -18.35
N ILE C 31 5.64 25.01 -19.47
CA ILE C 31 4.30 24.54 -19.83
C ILE C 31 4.42 23.38 -20.81
N ALA C 32 3.77 22.27 -20.49
CA ALA C 32 3.83 21.07 -21.33
C ALA C 32 2.62 20.97 -22.25
N SER C 33 2.88 20.57 -23.49
CA SER C 33 1.89 19.92 -24.33
C SER C 33 2.40 18.52 -24.57
N ARG C 34 1.60 17.66 -25.20
CA ARG C 34 2.05 16.29 -25.44
C ARG C 34 1.44 15.56 -26.62
N ILE C 35 2.18 14.55 -27.06
CA ILE C 35 1.70 13.50 -27.95
C ILE C 35 1.70 12.22 -27.13
N GLY C 36 0.87 11.26 -27.54
CA GLY C 36 0.78 9.98 -26.85
C GLY C 36 0.46 8.86 -27.81
N ILE C 37 0.39 7.64 -27.26
CA ILE C 37 -0.11 6.48 -27.99
C ILE C 37 -1.64 6.55 -27.88
N PRO C 38 -2.35 6.85 -28.99
CA PRO C 38 -3.80 7.03 -28.88
C PRO C 38 -4.58 5.75 -28.55
N TYR C 39 -5.77 5.92 -27.99
CA TYR C 39 -6.72 4.83 -27.73
C TYR C 39 -7.72 4.63 -28.88
N SER C 40 -7.49 5.31 -30.00
CA SER C 40 -8.25 5.09 -31.24
C SER C 40 -7.61 4.03 -32.14
N THR C 41 -6.62 3.30 -31.62
CA THR C 41 -5.72 2.46 -32.40
C THR C 41 -5.93 0.96 -32.19
N PHE C 42 -6.96 0.57 -31.43
CA PHE C 42 -7.18 -0.84 -31.09
C PHE C 42 -7.82 -1.61 -32.23
N GLN C 43 -7.38 -2.85 -32.42
CA GLN C 43 -7.92 -3.76 -33.44
C GLN C 43 -8.16 -5.14 -32.83
N THR C 44 -9.29 -5.74 -33.21
CA THR C 44 -9.62 -7.12 -32.84
C THR C 44 -9.22 -8.04 -33.98
N ILE C 45 -8.26 -8.94 -33.70
CA ILE C 45 -7.83 -9.96 -34.65
C ILE C 45 -8.51 -11.28 -34.30
N GLN C 46 -9.34 -11.78 -35.22
CA GLN C 46 -9.96 -13.09 -35.08
C GLN C 46 -8.94 -14.18 -35.45
N PRO C 47 -9.13 -15.41 -34.93
CA PRO C 47 -8.26 -16.52 -35.35
C PRO C 47 -8.62 -17.02 -36.75
N VAL C 48 -7.67 -17.70 -37.40
CA VAL C 48 -7.84 -18.15 -38.79
C VAL C 48 -9.00 -19.13 -39.01
N SER C 49 -9.30 -19.93 -37.97
CA SER C 49 -10.43 -20.85 -37.96
C SER C 49 -11.17 -20.75 -36.63
N ASP C 50 -12.40 -21.27 -36.59
CA ASP C 50 -13.22 -21.26 -35.37
C ASP C 50 -12.52 -22.02 -34.25
N ALA C 51 -12.45 -21.40 -33.07
CA ALA C 51 -11.81 -22.01 -31.92
C ALA C 51 -12.66 -23.19 -31.43
N PRO C 52 -12.00 -24.23 -30.87
CA PRO C 52 -12.77 -25.37 -30.36
C PRO C 52 -13.78 -24.95 -29.28
N ASN C 53 -14.97 -25.56 -29.30
CA ASN C 53 -16.06 -25.26 -28.38
C ASN C 53 -15.68 -25.38 -26.90
N ASN C 54 -14.78 -26.33 -26.60
CA ASN C 54 -14.29 -26.57 -25.22
C ASN C 54 -12.89 -26.00 -24.94
N GLY C 55 -12.37 -25.17 -25.85
CA GLY C 55 -11.05 -24.55 -25.68
C GLY C 55 -9.83 -25.47 -25.72
N ILE C 56 -9.98 -26.66 -26.30
CA ILE C 56 -8.90 -27.65 -26.42
C ILE C 56 -8.54 -27.82 -27.90
N GLY C 57 -7.32 -27.42 -28.26
CA GLY C 57 -6.83 -27.56 -29.64
C GLY C 57 -5.93 -26.41 -30.03
N GLN C 58 -5.28 -26.54 -31.19
CA GLN C 58 -4.44 -25.49 -31.74
C GLN C 58 -5.28 -24.28 -32.15
N ILE C 59 -4.77 -23.08 -31.86
CA ILE C 59 -5.41 -21.81 -32.21
C ILE C 59 -4.34 -20.97 -32.87
N THR C 60 -4.66 -20.39 -34.03
CA THR C 60 -3.71 -19.62 -34.82
C THR C 60 -4.28 -18.25 -35.18
N PHE C 61 -3.47 -17.21 -34.98
CA PHE C 61 -3.76 -15.86 -35.45
C PHE C 61 -2.72 -15.54 -36.52
N ASN C 62 -3.17 -14.95 -37.62
CA ASN C 62 -2.30 -14.59 -38.75
C ASN C 62 -2.80 -13.26 -39.29
N GLN C 63 -2.11 -12.19 -38.93
CA GLN C 63 -2.52 -10.85 -39.34
C GLN C 63 -1.31 -9.92 -39.46
N PRO C 64 -0.87 -9.66 -40.71
CA PRO C 64 0.15 -8.63 -40.98
C PRO C 64 -0.30 -7.26 -40.47
N LEU C 65 0.64 -6.52 -39.87
CA LEU C 65 0.34 -5.20 -39.32
C LEU C 65 1.43 -4.22 -39.73
N GLY C 66 1.02 -3.12 -40.35
CA GLY C 66 1.95 -2.06 -40.77
C GLY C 66 2.31 -1.12 -39.66
N ASN C 67 3.40 -0.38 -39.86
CA ASN C 67 3.84 0.68 -38.94
C ASN C 67 4.07 0.12 -37.53
N LEU C 68 3.59 0.78 -36.48
CA LEU C 68 3.88 0.37 -35.11
C LEU C 68 2.78 -0.53 -34.54
N THR C 69 3.18 -1.61 -33.87
CA THR C 69 2.27 -2.52 -33.20
C THR C 69 2.60 -2.54 -31.70
N GLY C 70 1.56 -2.50 -30.87
CA GLY C 70 1.71 -2.46 -29.40
C GLY C 70 2.46 -3.66 -28.88
N GLY C 71 3.40 -3.42 -27.97
CA GLY C 71 4.36 -4.43 -27.53
C GLY C 71 3.82 -5.52 -26.60
N ALA C 72 2.66 -5.26 -26.00
CA ALA C 72 2.02 -6.20 -25.08
C ALA C 72 0.61 -6.55 -25.57
N PRO C 73 0.52 -7.37 -26.65
CA PRO C 73 -0.79 -7.79 -27.15
C PRO C 73 -1.51 -8.70 -26.15
N ARG C 74 -2.83 -8.67 -26.20
CA ARG C 74 -3.68 -9.35 -25.22
C ARG C 74 -4.59 -10.36 -25.90
N LEU C 75 -4.90 -11.44 -25.19
CA LEU C 75 -5.88 -12.43 -25.64
C LEU C 75 -7.15 -12.27 -24.81
N ARG C 76 -8.29 -12.16 -25.48
CA ARG C 76 -9.60 -12.08 -24.83
C ARG C 76 -10.36 -13.37 -25.06
N VAL C 77 -10.53 -14.16 -23.99
CA VAL C 77 -11.31 -15.40 -24.06
C VAL C 77 -12.66 -15.20 -23.40
N SER C 78 -13.68 -15.88 -23.93
CA SER C 78 -14.98 -15.95 -23.31
C SER C 78 -15.52 -17.37 -23.40
N PHE C 79 -16.20 -17.81 -22.35
CA PHE C 79 -16.70 -19.18 -22.25
C PHE C 79 -17.71 -19.30 -21.13
N THR C 80 -18.50 -20.38 -21.19
CA THR C 80 -19.39 -20.75 -20.10
C THR C 80 -18.76 -21.96 -19.38
N ALA C 81 -18.90 -21.97 -18.05
CA ALA C 81 -18.41 -23.06 -17.22
C ALA C 81 -19.58 -23.62 -16.43
N GLU C 82 -19.87 -24.91 -16.62
CA GLU C 82 -20.88 -25.62 -15.83
C GLU C 82 -20.18 -26.42 -14.74
N ILE C 83 -20.47 -26.09 -13.48
CA ILE C 83 -19.89 -26.78 -12.33
C ILE C 83 -20.96 -27.69 -11.74
N LYS C 84 -20.70 -29.00 -11.74
CA LYS C 84 -21.64 -30.02 -11.25
C LYS C 84 -21.18 -30.66 -9.93
N ASN C 85 -22.07 -31.44 -9.33
CA ASN C 85 -21.84 -32.16 -8.05
C ASN C 85 -21.77 -31.23 -6.82
N ILE C 86 -22.38 -30.06 -6.89
CA ILE C 86 -22.43 -29.13 -5.75
C ILE C 86 -23.62 -29.56 -4.88
N LEU C 87 -23.44 -29.56 -3.56
CA LEU C 87 -24.53 -29.89 -2.63
C LEU C 87 -25.70 -28.93 -2.86
N ALA C 88 -26.92 -29.47 -2.79
CA ALA C 88 -28.12 -28.71 -3.12
C ALA C 88 -28.33 -27.54 -2.15
N ASP C 89 -28.74 -26.40 -2.72
CA ASP C 89 -28.97 -25.16 -1.96
C ASP C 89 -27.72 -24.61 -1.24
N SER C 90 -26.55 -24.84 -1.83
CA SER C 90 -25.31 -24.21 -1.39
C SER C 90 -25.33 -22.76 -1.89
N SER C 91 -25.09 -21.81 -0.98
CA SER C 91 -25.10 -20.39 -1.34
C SER C 91 -23.96 -20.02 -2.30
N LEU C 92 -22.81 -20.66 -2.11
CA LEU C 92 -21.58 -20.39 -2.88
C LEU C 92 -21.03 -18.96 -2.74
N LYS C 93 -21.37 -18.26 -1.65
CA LYS C 93 -20.92 -16.88 -1.43
C LYS C 93 -19.42 -16.88 -1.20
N ASP C 94 -18.70 -16.11 -2.01
CA ASP C 94 -17.24 -15.96 -1.89
C ASP C 94 -16.47 -17.27 -2.05
N GLN C 95 -17.01 -18.17 -2.88
CA GLN C 95 -16.46 -19.53 -3.04
C GLN C 95 -16.14 -19.99 -4.47
N ILE C 96 -16.53 -19.21 -5.48
CA ILE C 96 -16.27 -19.54 -6.88
C ILE C 96 -15.56 -18.37 -7.56
N GLY C 97 -14.57 -18.69 -8.39
CA GLY C 97 -13.86 -17.70 -9.19
C GLY C 97 -12.96 -18.35 -10.21
N LEU C 98 -11.92 -17.60 -10.62
CA LEU C 98 -10.94 -18.10 -11.58
C LEU C 98 -9.58 -18.24 -10.90
N LYS C 99 -8.78 -19.17 -11.39
CA LYS C 99 -7.40 -19.32 -10.94
C LYS C 99 -6.55 -18.14 -11.42
N SER C 100 -5.36 -18.02 -10.86
CA SER C 100 -4.49 -16.90 -11.21
C SER C 100 -3.95 -17.05 -12.63
N PHE C 101 -4.03 -15.97 -13.41
CA PHE C 101 -3.56 -15.96 -14.81
C PHE C 101 -4.13 -17.13 -15.64
N PRO C 102 -5.48 -17.21 -15.72
CA PRO C 102 -6.14 -18.38 -16.33
C PRO C 102 -5.91 -18.56 -17.83
N VAL C 103 -5.64 -17.47 -18.55
CA VAL C 103 -5.34 -17.54 -19.98
C VAL C 103 -3.95 -18.14 -20.21
N ASN C 104 -2.94 -17.58 -19.56
CA ASN C 104 -1.56 -18.04 -19.73
C ASN C 104 -1.32 -19.43 -19.13
N ARG C 105 -1.99 -19.74 -18.02
CA ARG C 105 -2.05 -21.11 -17.48
C ARG C 105 -2.50 -22.15 -18.49
N SER C 106 -3.43 -21.75 -19.35
CA SER C 106 -4.02 -22.62 -20.36
C SER C 106 -3.22 -22.76 -21.67
N ILE C 107 -2.02 -22.19 -21.75
CA ILE C 107 -1.18 -22.26 -22.96
C ILE C 107 0.19 -22.85 -22.60
N PRO C 108 0.34 -24.19 -22.70
CA PRO C 108 1.63 -24.83 -22.40
C PRO C 108 2.77 -24.39 -23.32
N VAL C 109 2.47 -24.18 -24.60
CA VAL C 109 3.46 -23.75 -25.58
C VAL C 109 2.83 -22.77 -26.57
N ALA C 110 3.63 -21.81 -27.02
CA ALA C 110 3.22 -20.82 -28.00
C ALA C 110 4.37 -20.58 -28.97
N VAL C 111 4.01 -20.26 -30.22
CA VAL C 111 4.98 -19.90 -31.25
C VAL C 111 4.54 -18.57 -31.85
N ILE C 112 5.42 -17.57 -31.79
CA ILE C 112 5.18 -16.26 -32.39
C ILE C 112 6.16 -16.10 -33.56
N ASN C 113 5.62 -15.70 -34.72
CA ASN C 113 6.41 -15.44 -35.93
C ASN C 113 6.39 -13.94 -36.20
N MET C 114 7.58 -13.33 -36.25
CA MET C 114 7.74 -11.94 -36.67
C MET C 114 8.72 -11.88 -37.85
N ASN C 115 8.18 -11.59 -39.03
CA ASN C 115 8.96 -11.45 -40.27
C ASN C 115 9.91 -12.63 -40.53
N GLY C 116 9.38 -13.84 -40.38
CA GLY C 116 10.16 -15.07 -40.61
C GLY C 116 10.88 -15.66 -39.40
N LYS C 117 11.16 -14.84 -38.39
CA LYS C 117 11.81 -15.30 -37.16
C LYS C 117 10.76 -15.88 -36.21
N THR C 118 10.94 -17.14 -35.82
CA THR C 118 10.04 -17.82 -34.88
C THR C 118 10.57 -17.75 -33.45
N PHE C 119 9.65 -17.51 -32.51
CA PHE C 119 9.94 -17.49 -31.08
C PHE C 119 9.09 -18.55 -30.41
N THR C 120 9.72 -19.57 -29.85
CA THR C 120 9.03 -20.64 -29.15
C THR C 120 9.21 -20.46 -27.65
N SER C 121 8.10 -20.37 -26.92
CA SER C 121 8.12 -20.21 -25.47
C SER C 121 6.93 -20.92 -24.84
N TYR C 122 6.91 -20.94 -23.50
CA TYR C 122 5.97 -21.75 -22.73
C TYR C 122 5.24 -20.87 -21.71
N PRO C 123 4.14 -20.21 -22.12
CA PRO C 123 3.44 -19.24 -21.27
C PRO C 123 3.05 -19.71 -19.88
N ALA C 124 2.51 -20.93 -19.79
CA ALA C 124 2.16 -21.54 -18.50
C ALA C 124 3.36 -21.63 -17.58
N GLN C 125 4.50 -22.04 -18.13
CA GLN C 125 5.76 -22.12 -17.41
C GLN C 125 6.32 -20.73 -17.05
N LEU C 126 6.20 -19.77 -17.97
CA LEU C 126 6.67 -18.40 -17.76
C LEU C 126 5.93 -17.69 -16.63
N ILE C 127 4.60 -17.70 -16.72
CA ILE C 127 3.76 -16.99 -15.75
C ILE C 127 3.80 -17.64 -14.35
N LYS C 128 4.02 -18.96 -14.30
CA LYS C 128 4.14 -19.67 -13.03
C LYS C 128 5.30 -19.14 -12.19
N LEU C 129 6.42 -18.81 -12.82
CA LEU C 129 7.55 -18.16 -12.16
C LEU C 129 7.30 -16.67 -11.95
N HIS C 130 6.94 -15.98 -13.04
CA HIS C 130 6.79 -14.52 -13.06
C HIS C 130 5.79 -13.97 -12.03
N GLN C 131 4.73 -14.73 -11.74
CA GLN C 131 3.73 -14.34 -10.74
C GLN C 131 4.31 -14.21 -9.32
N TYR C 132 5.44 -14.89 -9.06
CA TYR C 132 6.12 -14.83 -7.76
C TYR C 132 7.23 -13.77 -7.62
N ASN C 133 7.73 -13.19 -8.72
CA ASN C 133 8.80 -12.18 -8.62
C ASN C 133 8.61 -10.88 -9.44
N ALA C 134 7.38 -10.40 -9.54
CA ALA C 134 7.08 -9.11 -10.15
C ALA C 134 6.28 -8.25 -9.18
N ASP C 135 6.18 -6.96 -9.48
CA ASP C 135 5.39 -6.04 -8.67
C ASP C 135 3.90 -6.35 -8.86
N PRO C 136 3.13 -6.56 -7.77
CA PRO C 136 1.69 -6.86 -7.86
C PRO C 136 0.86 -5.93 -8.74
N LEU C 137 1.17 -4.62 -8.70
CA LEU C 137 0.50 -3.64 -9.55
C LEU C 137 0.83 -3.84 -11.03
N GLU C 138 2.07 -4.23 -11.32
CA GLU C 138 2.49 -4.61 -12.66
C GLU C 138 1.75 -5.87 -13.12
N LEU C 139 1.68 -6.87 -12.25
CA LEU C 139 0.92 -8.09 -12.51
C LEU C 139 -0.57 -7.85 -12.74
N ALA C 140 -1.15 -6.87 -12.05
CA ALA C 140 -2.56 -6.50 -12.24
C ALA C 140 -2.87 -5.89 -13.61
N LEU C 141 -1.85 -5.35 -14.29
CA LEU C 141 -1.99 -4.89 -15.67
C LEU C 141 -1.91 -6.03 -16.69
N LEU C 142 -1.22 -7.12 -16.36
CA LEU C 142 -1.19 -8.32 -17.22
C LEU C 142 -2.53 -9.04 -17.26
N SER C 143 -3.12 -9.29 -16.09
CA SER C 143 -4.33 -10.10 -15.97
C SER C 143 -5.29 -9.53 -14.93
N PRO C 144 -6.62 -9.69 -15.15
CA PRO C 144 -7.60 -9.36 -14.10
C PRO C 144 -7.57 -10.33 -12.90
N CYS C 145 -6.93 -11.49 -13.07
CA CYS C 145 -6.76 -12.47 -12.02
C CYS C 145 -5.27 -12.60 -11.67
N SER C 146 -4.69 -11.50 -11.18
CA SER C 146 -3.27 -11.42 -10.86
C SER C 146 -2.91 -11.96 -9.47
N ASP C 147 -3.84 -11.89 -8.53
CA ASP C 147 -3.59 -12.30 -7.15
C ASP C 147 -3.23 -13.79 -7.05
N VAL C 148 -2.17 -14.07 -6.31
CA VAL C 148 -1.62 -15.42 -6.19
C VAL C 148 -1.96 -15.99 -4.82
N ASP C 149 -2.32 -17.27 -4.79
CA ASP C 149 -2.76 -17.94 -3.56
C ASP C 149 -1.69 -17.89 -2.48
N GLU C 150 -2.09 -17.42 -1.30
CA GLU C 150 -1.22 -17.38 -0.13
C GLU C 150 -1.28 -18.68 0.66
N TYR C 151 -2.39 -19.41 0.57
CA TYR C 151 -2.63 -20.61 1.37
C TYR C 151 -3.05 -21.82 0.52
N ASN C 152 -2.73 -23.01 1.02
CA ASN C 152 -2.95 -24.25 0.27
C ASN C 152 -4.42 -24.68 0.22
N LYS C 153 -5.21 -24.17 1.16
CA LYS C 153 -6.68 -24.31 1.15
C LYS C 153 -7.32 -22.92 1.17
N ILE C 154 -8.41 -22.78 0.43
CA ILE C 154 -9.21 -21.56 0.43
C ILE C 154 -10.54 -21.86 1.11
N LYS C 155 -10.88 -21.03 2.11
CA LYS C 155 -12.18 -21.10 2.79
C LYS C 155 -12.88 -19.74 2.68
N ALA C 156 -14.20 -19.77 2.78
CA ALA C 156 -15.03 -18.58 2.54
C ALA C 156 -14.71 -17.43 3.49
N VAL C 157 -14.56 -17.75 4.77
CA VAL C 157 -14.27 -16.74 5.80
C VAL C 157 -12.83 -16.20 5.83
N SER C 158 -11.87 -16.91 5.22
CA SER C 158 -10.46 -16.47 5.19
C SER C 158 -10.36 -15.03 4.66
N MET C 159 -9.56 -14.20 5.34
CA MET C 159 -9.59 -12.75 5.12
C MET C 159 -9.16 -12.32 3.71
N ASN C 160 -8.14 -12.98 3.17
CA ASN C 160 -7.67 -12.75 1.79
C ASN C 160 -8.09 -13.87 0.84
N ASN C 161 -9.25 -14.49 1.10
CA ASN C 161 -9.84 -15.48 0.23
C ASN C 161 -9.97 -14.88 -1.18
N PRO C 162 -9.26 -15.43 -2.17
CA PRO C 162 -9.25 -14.85 -3.51
C PRO C 162 -10.55 -14.97 -4.32
N TYR C 163 -11.54 -15.72 -3.84
CA TYR C 163 -12.86 -15.77 -4.46
C TYR C 163 -13.91 -14.92 -3.74
N ARG C 164 -13.47 -14.06 -2.82
CA ARG C 164 -14.35 -13.06 -2.23
C ARG C 164 -14.84 -12.13 -3.33
N GLN C 165 -16.14 -11.85 -3.32
CA GLN C 165 -16.74 -10.96 -4.29
C GLN C 165 -16.27 -9.53 -4.05
N GLY C 166 -16.52 -8.67 -5.04
CA GLY C 166 -16.07 -7.27 -4.99
C GLY C 166 -16.38 -6.60 -3.67
N THR C 167 -17.63 -6.70 -3.23
CA THR C 167 -18.11 -6.08 -2.00
C THR C 167 -17.54 -6.69 -0.71
N GLU C 168 -17.08 -7.94 -0.79
CA GLU C 168 -16.50 -8.67 0.35
C GLU C 168 -14.97 -8.73 0.36
N SER C 169 -14.32 -8.11 -0.63
CA SER C 169 -12.85 -8.10 -0.71
C SER C 169 -12.25 -6.85 -0.06
N THR C 170 -11.11 -7.03 0.61
CA THR C 170 -10.32 -5.92 1.14
C THR C 170 -9.74 -5.06 0.00
N ASP C 171 -9.36 -5.70 -1.10
CA ASP C 171 -8.94 -5.02 -2.32
C ASP C 171 -9.43 -5.85 -3.52
N SER C 172 -10.43 -5.33 -4.22
CA SER C 172 -11.07 -6.04 -5.34
C SER C 172 -10.12 -6.33 -6.51
N ARG C 173 -9.10 -5.49 -6.70
CA ARG C 173 -8.06 -5.73 -7.70
C ARG C 173 -7.23 -6.98 -7.37
N MET C 174 -7.02 -7.22 -6.07
CA MET C 174 -6.29 -8.39 -5.57
C MET C 174 -7.20 -9.56 -5.18
N SER C 175 -8.36 -9.66 -5.83
CA SER C 175 -9.21 -10.83 -5.76
C SER C 175 -9.43 -11.39 -7.15
N ARG C 176 -9.67 -12.70 -7.21
CA ARG C 176 -10.06 -13.39 -8.42
C ARG C 176 -11.54 -13.78 -8.41
N GLY C 177 -12.32 -13.20 -7.48
CA GLY C 177 -13.74 -13.51 -7.34
C GLY C 177 -14.60 -12.83 -8.38
N LEU C 178 -15.91 -13.07 -8.27
CA LEU C 178 -16.89 -12.50 -9.19
C LEU C 178 -17.27 -11.09 -8.72
N GLY C 179 -17.42 -10.19 -9.67
CA GLY C 179 -17.72 -8.78 -9.38
C GLY C 179 -16.46 -8.01 -9.02
N CYS C 180 -15.33 -8.44 -9.58
CA CYS C 180 -14.04 -7.81 -9.35
C CYS C 180 -13.53 -7.23 -10.67
N ASN C 181 -12.47 -7.79 -11.26
CA ASN C 181 -11.81 -7.19 -12.42
C ASN C 181 -12.34 -7.68 -13.77
N TYR C 182 -13.10 -8.77 -13.78
CA TYR C 182 -13.56 -9.39 -15.03
C TYR C 182 -15.08 -9.51 -15.12
N ALA C 183 -15.58 -9.45 -16.35
CA ALA C 183 -17.00 -9.56 -16.64
C ALA C 183 -17.49 -11.01 -16.43
N TYR C 184 -18.72 -11.14 -15.95
CA TYR C 184 -19.30 -12.45 -15.65
C TYR C 184 -20.83 -12.39 -15.67
N TYR C 185 -21.45 -13.56 -15.70
CA TYR C 185 -22.89 -13.71 -15.47
C TYR C 185 -23.19 -15.12 -14.97
N ILE C 186 -23.79 -15.21 -13.79
CA ILE C 186 -24.23 -16.48 -13.21
C ILE C 186 -25.64 -16.75 -13.73
N HIS C 187 -25.86 -17.94 -14.28
CA HIS C 187 -27.18 -18.34 -14.78
C HIS C 187 -28.15 -18.55 -13.60
N PRO C 188 -29.47 -18.34 -13.81
CA PRO C 188 -30.42 -18.52 -12.71
C PRO C 188 -30.35 -19.91 -12.07
N ARG C 189 -30.39 -19.94 -10.74
CA ARG C 189 -30.26 -21.17 -9.96
C ARG C 189 -31.60 -21.55 -9.33
N ALA C 190 -32.15 -22.69 -9.76
CA ALA C 190 -33.41 -23.20 -9.21
C ALA C 190 -33.20 -23.78 -7.82
N ALA C 191 -34.29 -23.86 -7.06
CA ALA C 191 -34.26 -24.47 -5.72
C ALA C 191 -33.99 -25.97 -5.84
N GLY C 192 -33.04 -26.47 -5.04
CA GLY C 192 -32.62 -27.87 -5.09
C GLY C 192 -31.69 -28.25 -6.23
N SER C 193 -31.13 -27.26 -6.93
CA SER C 193 -30.20 -27.51 -8.04
C SER C 193 -28.80 -27.82 -7.51
N THR C 194 -28.14 -28.78 -8.16
CA THR C 194 -26.82 -29.26 -7.74
C THR C 194 -25.69 -28.77 -8.65
N SER C 195 -26.00 -27.87 -9.58
CA SER C 195 -25.03 -27.31 -10.50
C SER C 195 -25.24 -25.81 -10.73
N VAL C 196 -24.23 -25.17 -11.31
CA VAL C 196 -24.28 -23.75 -11.66
C VAL C 196 -23.55 -23.51 -12.97
N LYS C 197 -24.07 -22.59 -13.78
CA LYS C 197 -23.46 -22.15 -15.04
C LYS C 197 -23.04 -20.69 -14.91
N ILE C 198 -21.78 -20.40 -15.22
CA ILE C 198 -21.22 -19.05 -15.15
C ILE C 198 -20.51 -18.70 -16.46
N ASP C 199 -20.96 -17.62 -17.09
CA ASP C 199 -20.25 -17.05 -18.25
C ASP C 199 -19.09 -16.19 -17.77
N PHE C 200 -17.94 -16.30 -18.45
CA PHE C 200 -16.74 -15.52 -18.12
C PHE C 200 -16.21 -14.80 -19.35
N VAL C 201 -15.55 -13.66 -19.12
CA VAL C 201 -14.75 -12.97 -20.13
C VAL C 201 -13.47 -12.49 -19.46
N VAL C 202 -12.32 -12.86 -20.02
CA VAL C 202 -11.01 -12.55 -19.44
C VAL C 202 -10.10 -11.93 -20.51
N ASP C 203 -9.69 -10.68 -20.27
CA ASP C 203 -8.80 -9.93 -21.16
C ASP C 203 -7.41 -9.93 -20.53
N GLU C 204 -6.49 -10.74 -21.08
CA GLU C 204 -5.19 -11.00 -20.46
C GLU C 204 -4.03 -10.87 -21.45
N ALA C 205 -2.93 -10.28 -20.99
CA ALA C 205 -1.73 -10.09 -21.83
C ALA C 205 -1.02 -11.41 -22.06
N LEU C 206 -0.64 -11.65 -23.31
CA LEU C 206 0.08 -12.87 -23.68
C LEU C 206 1.51 -12.80 -23.16
N VAL C 207 1.87 -13.77 -22.33
CA VAL C 207 3.20 -13.89 -21.77
C VAL C 207 3.94 -14.95 -22.61
N ALA C 208 4.59 -14.47 -23.67
CA ALA C 208 5.32 -15.32 -24.61
C ALA C 208 6.31 -14.46 -25.36
N ASN C 209 7.52 -14.99 -25.58
CA ASN C 209 8.56 -14.23 -26.28
C ASN C 209 8.09 -13.92 -27.71
N PRO C 210 8.28 -12.70 -28.22
CA PRO C 210 9.05 -11.63 -27.60
C PRO C 210 8.21 -10.50 -26.95
N THR C 211 6.99 -10.81 -26.48
CA THR C 211 6.09 -9.76 -25.97
C THR C 211 6.66 -9.08 -24.73
N GLN C 212 6.24 -7.84 -24.51
CA GLN C 212 6.80 -6.96 -23.48
C GLN C 212 5.95 -6.97 -22.21
N TYR C 213 5.75 -8.17 -21.68
CA TYR C 213 4.97 -8.39 -20.47
C TYR C 213 5.69 -7.86 -19.22
N LYS C 214 7.02 -7.84 -19.25
CA LYS C 214 7.80 -7.25 -18.16
C LYS C 214 7.62 -5.74 -18.04
N ASN C 215 7.49 -5.07 -19.19
CA ASN C 215 7.33 -3.61 -19.25
C ASN C 215 5.88 -3.26 -19.66
N ILE C 216 4.92 -3.85 -18.95
CA ILE C 216 3.48 -3.69 -19.24
C ILE C 216 2.97 -2.25 -19.12
N LYS C 217 3.60 -1.44 -18.25
CA LYS C 217 3.22 -0.05 -18.05
C LYS C 217 3.51 0.82 -19.27
N ASP C 218 4.74 0.74 -19.76
CA ASP C 218 5.20 1.45 -20.96
C ASP C 218 5.91 0.46 -21.90
N PRO C 219 5.13 -0.35 -22.66
CA PRO C 219 5.73 -1.32 -23.57
C PRO C 219 6.24 -0.67 -24.85
N VAL C 220 7.46 -1.03 -25.25
CA VAL C 220 8.05 -0.55 -26.49
C VAL C 220 7.38 -1.29 -27.65
N PRO C 221 6.90 -0.55 -28.67
CA PRO C 221 6.20 -1.21 -29.77
C PRO C 221 7.12 -1.88 -30.80
N PHE C 222 6.56 -2.83 -31.54
CA PHE C 222 7.21 -3.45 -32.68
C PHE C 222 6.86 -2.65 -33.93
N ARG C 223 7.66 -2.81 -34.99
CA ARG C 223 7.44 -2.07 -36.24
C ARG C 223 7.48 -2.98 -37.46
N ASN C 224 6.61 -2.67 -38.43
CA ASN C 224 6.63 -3.27 -39.76
C ASN C 224 6.60 -4.80 -39.73
N LEU C 225 5.54 -5.33 -39.13
CA LEU C 225 5.31 -6.77 -39.06
C LEU C 225 4.58 -7.23 -40.32
N ASN C 226 5.36 -7.57 -41.35
CA ASN C 226 4.82 -8.09 -42.61
C ASN C 226 4.26 -9.49 -42.41
N THR C 227 5.01 -10.31 -41.69
CA THR C 227 4.52 -11.58 -41.18
C THR C 227 4.32 -11.42 -39.66
N PHE C 228 3.11 -11.72 -39.19
CA PHE C 228 2.81 -11.77 -37.77
C PHE C 228 1.82 -12.90 -37.51
N LYS C 229 2.34 -14.02 -37.00
CA LYS C 229 1.54 -15.18 -36.66
C LYS C 229 1.74 -15.54 -35.18
N VAL C 230 0.64 -15.90 -34.51
CA VAL C 230 0.68 -16.37 -33.13
C VAL C 230 -0.05 -17.72 -33.08
N ILE C 231 0.71 -18.78 -32.87
CA ILE C 231 0.18 -20.14 -32.79
C ILE C 231 0.17 -20.57 -31.32
N LEU C 232 -1.02 -20.88 -30.80
CA LEU C 232 -1.21 -21.28 -29.41
C LEU C 232 -1.60 -22.76 -29.30
N ASP C 233 -0.97 -23.46 -28.36
CA ASP C 233 -1.43 -24.79 -27.95
C ASP C 233 -2.53 -24.58 -26.91
N GLY C 234 -3.77 -24.54 -27.35
CA GLY C 234 -4.89 -24.22 -26.48
C GLY C 234 -5.26 -25.36 -25.55
N GLN C 235 -5.06 -25.14 -24.25
CA GLN C 235 -5.48 -26.08 -23.21
C GLN C 235 -6.31 -25.33 -22.17
N PHE C 236 -7.40 -24.71 -22.63
CA PHE C 236 -8.32 -23.97 -21.78
C PHE C 236 -9.31 -24.91 -21.11
N LYS C 237 -8.77 -25.77 -20.25
CA LYS C 237 -9.55 -26.79 -19.56
C LYS C 237 -9.81 -26.36 -18.11
N PRO C 238 -10.93 -26.83 -17.52
CA PRO C 238 -11.36 -26.40 -16.18
C PRO C 238 -10.27 -26.31 -15.11
N GLU C 239 -9.37 -27.29 -15.10
CA GLU C 239 -8.25 -27.36 -14.16
C GLU C 239 -7.32 -26.14 -14.21
N ASN C 240 -7.13 -25.58 -15.40
CA ASN C 240 -6.27 -24.41 -15.60
C ASN C 240 -6.96 -23.07 -15.33
N MET C 241 -8.28 -23.05 -15.33
CA MET C 241 -9.06 -21.80 -15.27
C MET C 241 -9.95 -21.64 -14.03
N ILE C 242 -10.74 -22.66 -13.70
CA ILE C 242 -11.83 -22.53 -12.72
C ILE C 242 -11.36 -22.78 -11.29
N GLY C 243 -11.81 -21.92 -10.37
CA GLY C 243 -11.44 -21.98 -8.96
C GLY C 243 -12.65 -22.21 -8.07
N ILE C 244 -12.58 -23.23 -7.21
CA ILE C 244 -13.66 -23.55 -6.27
C ILE C 244 -13.04 -23.70 -4.89
N ALA C 245 -13.68 -23.08 -3.89
CA ALA C 245 -13.18 -23.10 -2.52
C ALA C 245 -13.23 -24.50 -1.93
N ASP C 246 -12.28 -24.80 -1.05
CA ASP C 246 -12.16 -26.13 -0.46
C ASP C 246 -13.29 -26.49 0.52
N ASP C 247 -14.01 -25.49 1.03
CA ASP C 247 -15.17 -25.73 1.91
C ASP C 247 -16.54 -25.80 1.18
N VAL C 248 -16.55 -25.80 -0.15
CA VAL C 248 -17.77 -26.06 -0.93
C VAL C 248 -18.05 -27.57 -0.80
N LYS C 249 -19.27 -27.89 -0.38
CA LYS C 249 -19.64 -29.27 -0.09
C LYS C 249 -20.11 -30.02 -1.34
N LEU C 250 -19.76 -31.29 -1.42
CA LEU C 250 -20.11 -32.16 -2.55
C LEU C 250 -21.39 -32.93 -2.29
N VAL C 251 -22.08 -33.32 -3.37
CA VAL C 251 -23.21 -34.24 -3.29
C VAL C 251 -22.69 -35.61 -2.85
N ALA C 252 -23.48 -36.31 -2.06
CA ALA C 252 -23.11 -37.63 -1.53
C ALA C 252 -22.84 -38.61 -2.66
N GLY C 253 -21.69 -39.29 -2.59
CA GLY C 253 -21.26 -40.24 -3.62
C GLY C 253 -20.08 -39.76 -4.45
N LYS C 254 -20.09 -38.46 -4.81
CA LYS C 254 -19.08 -37.87 -5.69
C LYS C 254 -17.79 -37.52 -4.96
N ALA C 255 -16.65 -37.75 -5.62
CA ALA C 255 -15.33 -37.48 -5.04
C ALA C 255 -14.89 -36.02 -5.28
N ASP C 256 -15.07 -35.55 -6.50
CA ASP C 256 -14.69 -34.19 -6.91
C ASP C 256 -15.81 -33.58 -7.77
N PHE C 257 -15.72 -32.27 -7.99
CA PHE C 257 -16.63 -31.55 -8.87
C PHE C 257 -16.31 -31.92 -10.32
N GLU C 258 -17.35 -31.91 -11.16
CA GLU C 258 -17.22 -32.11 -12.60
C GLU C 258 -17.49 -30.77 -13.26
N VAL C 259 -16.55 -30.30 -14.09
CA VAL C 259 -16.67 -28.99 -14.73
C VAL C 259 -16.51 -29.12 -16.26
N ASP C 260 -17.39 -28.42 -16.98
CA ASP C 260 -17.43 -28.44 -18.44
C ASP C 260 -17.35 -27.03 -19.01
N ILE C 261 -16.40 -26.81 -19.94
CA ILE C 261 -16.27 -25.54 -20.66
C ILE C 261 -17.03 -25.63 -21.98
N THR C 262 -17.92 -24.67 -22.22
CA THR C 262 -18.66 -24.57 -23.49
C THR C 262 -18.68 -23.13 -24.01
N GLY C 263 -19.01 -23.00 -25.28
CA GLY C 263 -19.10 -21.69 -25.95
C GLY C 263 -17.79 -20.91 -26.00
N PHE C 264 -16.67 -21.62 -26.08
CA PHE C 264 -15.36 -20.99 -26.02
C PHE C 264 -15.09 -20.17 -27.29
N LYS C 265 -14.74 -18.90 -27.08
CA LYS C 265 -14.32 -18.00 -28.16
C LYS C 265 -13.06 -17.28 -27.70
N ILE C 266 -12.23 -16.88 -28.66
CA ILE C 266 -10.98 -16.19 -28.37
C ILE C 266 -10.65 -15.19 -29.49
N ASN C 267 -10.08 -14.05 -29.11
CA ASN C 267 -9.52 -13.10 -30.08
C ASN C 267 -8.30 -12.39 -29.49
N MET C 268 -7.46 -11.84 -30.37
CA MET C 268 -6.28 -11.11 -29.97
C MET C 268 -6.53 -9.61 -30.12
N LEU C 269 -6.25 -8.86 -29.05
CA LEU C 269 -6.39 -7.41 -29.02
C LEU C 269 -5.01 -6.77 -29.15
N VAL C 270 -4.81 -5.97 -30.19
CA VAL C 270 -3.55 -5.27 -30.43
C VAL C 270 -3.81 -3.78 -30.68
N GLN C 271 -2.78 -2.97 -30.45
CA GLN C 271 -2.77 -1.56 -30.86
C GLN C 271 -1.91 -1.43 -32.11
N ASN C 272 -2.39 -0.64 -33.07
CA ASN C 272 -1.69 -0.43 -34.34
C ASN C 272 -1.82 1.03 -34.74
N TRP C 273 -0.69 1.70 -34.94
CA TRP C 273 -0.68 3.14 -35.27
C TRP C 273 0.57 3.56 -36.03
N VAL C 274 0.53 4.78 -36.56
CA VAL C 274 1.64 5.39 -37.30
C VAL C 274 2.49 6.22 -36.34
N ALA C 275 3.82 6.09 -36.48
CA ALA C 275 4.76 6.84 -35.66
C ALA C 275 4.63 8.34 -35.93
N PRO C 276 4.46 9.16 -34.88
CA PRO C 276 4.36 10.61 -35.10
C PRO C 276 5.69 11.21 -35.54
N LEU C 277 5.64 12.33 -36.26
CA LEU C 277 6.84 12.96 -36.79
C LEU C 277 7.73 13.61 -35.72
N GLU C 278 7.13 13.99 -34.60
CA GLU C 278 7.82 14.78 -33.57
C GLU C 278 8.91 14.01 -32.84
N ILE C 279 8.79 12.68 -32.76
CA ILE C 279 9.83 11.84 -32.14
C ILE C 279 11.08 11.67 -33.00
N GLY C 280 10.98 11.96 -34.30
CA GLY C 280 12.13 11.92 -35.20
C GLY C 280 12.33 10.54 -35.81
N ASP C 281 13.54 10.28 -36.29
CA ASP C 281 13.88 9.01 -36.93
C ASP C 281 13.92 7.88 -35.91
N ILE C 282 13.25 6.78 -36.25
CA ILE C 282 13.30 5.55 -35.45
C ILE C 282 14.68 4.91 -35.70
N PRO C 283 15.37 4.45 -34.63
CA PRO C 283 16.70 3.85 -34.84
C PRO C 283 16.67 2.59 -35.70
N LYS C 284 17.78 2.33 -36.39
CA LYS C 284 17.88 1.17 -37.28
C LYS C 284 17.74 -0.16 -36.54
N THR C 285 18.32 -0.26 -35.36
CA THR C 285 18.25 -1.47 -34.54
C THR C 285 17.61 -1.17 -33.18
N ILE C 286 16.42 -1.74 -32.95
CA ILE C 286 15.69 -1.62 -31.69
C ILE C 286 15.91 -2.90 -30.88
N ILE C 287 16.17 -2.75 -29.59
CA ILE C 287 16.44 -3.87 -28.68
C ILE C 287 15.23 -4.07 -27.76
N TYR C 288 14.85 -5.33 -27.57
CA TYR C 288 13.73 -5.69 -26.71
C TYR C 288 14.21 -6.66 -25.64
N ASN C 289 13.87 -6.39 -24.38
CA ASN C 289 14.14 -7.29 -23.28
C ASN C 289 13.17 -8.46 -23.37
N THR C 290 13.70 -9.66 -23.62
CA THR C 290 12.89 -10.87 -23.85
C THR C 290 13.54 -12.07 -23.15
N PRO C 291 13.48 -12.13 -21.80
CA PRO C 291 14.21 -13.17 -21.05
C PRO C 291 13.81 -14.61 -21.38
N LEU C 292 14.78 -15.51 -21.24
CA LEU C 292 14.62 -16.92 -21.59
C LEU C 292 14.55 -17.76 -20.32
N ILE C 293 13.38 -18.33 -20.04
CA ILE C 293 13.17 -19.19 -18.90
C ILE C 293 13.24 -20.64 -19.40
N SER C 294 14.03 -21.46 -18.72
CA SER C 294 14.17 -22.87 -19.06
C SER C 294 14.15 -23.74 -17.80
N LEU C 295 13.50 -24.91 -17.91
CA LEU C 295 13.56 -25.93 -16.89
C LEU C 295 14.88 -26.67 -17.04
N GLU C 296 15.84 -26.37 -16.15
CA GLU C 296 17.18 -26.96 -16.21
C GLU C 296 17.23 -28.39 -15.66
N GLY C 297 16.33 -28.73 -14.76
CA GLY C 297 16.26 -30.08 -14.23
C GLY C 297 15.02 -30.31 -13.40
N ASN C 298 14.58 -31.56 -13.35
CA ASN C 298 13.49 -31.97 -12.47
C ASN C 298 13.58 -33.44 -12.07
N ILE C 299 13.03 -33.74 -10.91
CA ILE C 299 12.98 -35.11 -10.40
C ILE C 299 11.81 -35.23 -9.43
N SER C 300 11.15 -36.39 -9.42
CA SER C 300 9.96 -36.60 -8.60
C SER C 300 10.02 -37.91 -7.82
N SER C 301 9.22 -37.99 -6.77
CA SER C 301 9.12 -39.19 -5.93
C SER C 301 7.83 -39.13 -5.12
N MET C 302 7.39 -40.29 -4.65
CA MET C 302 6.23 -40.39 -3.77
C MET C 302 6.61 -39.89 -2.38
N CYS C 303 5.82 -38.97 -1.84
CA CYS C 303 6.04 -38.40 -0.51
C CYS C 303 4.88 -38.76 0.41
N LEU C 304 5.12 -39.73 1.29
CA LEU C 304 4.13 -40.20 2.27
C LEU C 304 4.41 -39.55 3.62
N ASN C 305 3.40 -38.89 4.21
CA ASN C 305 3.48 -38.36 5.57
C ASN C 305 2.95 -39.40 6.56
N THR C 306 3.79 -39.77 7.53
CA THR C 306 3.40 -40.65 8.64
C THR C 306 2.87 -39.88 9.85
N LYS C 307 3.44 -38.70 10.10
CA LYS C 307 3.04 -37.83 11.21
C LYS C 307 2.21 -36.64 10.73
N ASP C 308 1.44 -36.05 11.64
CA ASP C 308 0.52 -34.96 11.30
C ASP C 308 1.26 -33.70 10.85
N PRO C 309 0.82 -33.08 9.72
CA PRO C 309 1.44 -31.83 9.27
C PRO C 309 1.13 -30.64 10.18
N TYR C 310 -0.04 -30.68 10.83
CA TYR C 310 -0.45 -29.65 11.81
C TYR C 310 0.15 -29.84 13.21
N GLY C 311 0.86 -30.94 13.45
CA GLY C 311 1.50 -31.22 14.74
C GLY C 311 2.78 -30.44 14.96
N ILE C 312 3.76 -31.08 15.60
CA ILE C 312 5.05 -30.44 15.89
C ILE C 312 5.76 -30.19 14.56
N PRO C 313 6.14 -28.93 14.26
CA PRO C 313 6.87 -28.60 13.03
C PRO C 313 8.13 -29.45 12.77
N GLY C 314 8.95 -29.60 13.80
CA GLY C 314 10.18 -30.41 13.73
C GLY C 314 9.99 -31.90 13.46
N GLU C 315 8.82 -32.44 13.81
CA GLU C 315 8.48 -33.84 13.54
C GLU C 315 7.75 -34.09 12.21
N ARG C 316 7.49 -33.04 11.44
CA ARG C 316 6.94 -33.17 10.08
C ARG C 316 7.96 -33.88 9.21
N ASN C 317 7.48 -34.77 8.34
CA ASN C 317 8.36 -35.63 7.54
C ASN C 317 9.24 -34.83 6.59
N LYS C 318 10.55 -34.87 6.85
CA LYS C 318 11.53 -34.12 6.07
C LYS C 318 11.88 -34.87 4.79
N HIS C 319 11.10 -34.60 3.74
CA HIS C 319 11.32 -35.22 2.42
C HIS C 319 12.52 -34.60 1.73
N ILE C 320 13.27 -35.42 0.99
CA ILE C 320 14.45 -34.98 0.26
C ILE C 320 14.32 -35.35 -1.22
N LEU C 321 14.66 -34.40 -2.08
CA LEU C 321 14.76 -34.62 -3.52
C LEU C 321 16.03 -33.95 -4.01
N THR C 322 16.81 -34.68 -4.80
CA THR C 322 18.08 -34.18 -5.34
C THR C 322 18.04 -34.35 -6.85
N THR C 323 18.24 -33.26 -7.59
CA THR C 323 18.32 -33.31 -9.05
C THR C 323 19.55 -34.06 -9.52
N HIS C 324 19.53 -34.49 -10.78
CA HIS C 324 20.73 -34.97 -11.45
C HIS C 324 21.63 -33.76 -11.77
N SER C 325 22.83 -34.03 -12.28
CA SER C 325 23.75 -32.96 -12.65
C SER C 325 23.18 -32.18 -13.85
N MET C 326 23.06 -30.86 -13.68
CA MET C 326 22.48 -29.98 -14.71
C MET C 326 23.59 -29.25 -15.44
N ALA C 327 23.88 -29.68 -16.66
CA ALA C 327 24.94 -29.10 -17.48
C ALA C 327 24.44 -27.83 -18.17
N MET C 328 25.20 -26.74 -18.02
CA MET C 328 24.85 -25.44 -18.59
C MET C 328 26.06 -24.84 -19.30
N ASN C 329 25.87 -24.41 -20.54
CA ASN C 329 26.96 -23.84 -21.37
C ASN C 329 27.32 -22.39 -21.00
N ASN C 330 26.43 -21.71 -20.29
CA ASN C 330 26.67 -20.36 -19.78
C ASN C 330 25.94 -20.19 -18.46
N VAL C 331 26.26 -19.11 -17.74
CA VAL C 331 25.79 -18.87 -16.38
C VAL C 331 24.57 -17.92 -16.36
N PRO C 332 23.36 -18.44 -16.03
CA PRO C 332 22.18 -17.57 -15.95
C PRO C 332 22.24 -16.48 -14.86
N SER C 333 21.47 -15.43 -15.06
CA SER C 333 21.38 -14.32 -14.11
C SER C 333 20.66 -14.70 -12.83
N MET C 334 19.72 -15.64 -12.92
CA MET C 334 18.96 -16.09 -11.76
C MET C 334 18.44 -17.51 -11.91
N PHE C 335 18.28 -18.18 -10.77
CA PHE C 335 17.68 -19.50 -10.70
C PHE C 335 16.43 -19.44 -9.83
N ALA C 336 15.52 -20.38 -10.06
CA ALA C 336 14.29 -20.49 -9.28
C ALA C 336 14.06 -21.95 -8.92
N VAL C 337 13.86 -22.21 -7.63
CA VAL C 337 13.64 -23.56 -7.10
C VAL C 337 12.24 -23.64 -6.49
N MET C 338 11.50 -24.70 -6.84
CA MET C 338 10.23 -25.00 -6.18
C MET C 338 9.94 -26.50 -6.20
N VAL C 339 9.17 -26.94 -5.20
CA VAL C 339 8.75 -28.33 -5.06
C VAL C 339 7.23 -28.31 -5.05
N SER C 340 6.62 -28.90 -6.07
CA SER C 340 5.17 -28.85 -6.28
C SER C 340 4.58 -30.24 -6.53
N GLN C 341 3.28 -30.37 -6.28
CA GLN C 341 2.53 -31.60 -6.59
C GLN C 341 2.58 -31.88 -8.10
N GLU C 342 3.02 -33.10 -8.46
CA GLU C 342 3.16 -33.50 -9.86
C GLU C 342 1.79 -33.69 -10.52
N THR C 343 0.93 -34.46 -9.86
CA THR C 343 -0.46 -34.65 -10.27
C THR C 343 -1.36 -34.04 -9.18
N PRO C 344 -2.14 -33.00 -9.52
CA PRO C 344 -3.10 -32.44 -8.54
C PRO C 344 -4.17 -33.43 -8.11
N THR C 345 -4.40 -33.52 -6.80
CA THR C 345 -5.45 -34.38 -6.23
C THR C 345 -6.82 -33.78 -6.56
N LYS C 346 -7.00 -32.52 -6.19
CA LYS C 346 -8.21 -31.75 -6.49
C LYS C 346 -7.92 -30.78 -7.64
N LYS C 347 -8.75 -30.83 -8.68
CA LYS C 347 -8.52 -30.06 -9.90
C LYS C 347 -8.68 -28.54 -9.75
N PHE C 348 -9.50 -28.11 -8.79
CA PHE C 348 -9.91 -26.71 -8.68
C PHE C 348 -9.47 -26.02 -7.38
N ALA C 349 -8.50 -26.66 -6.70
CA ALA C 349 -7.89 -26.12 -5.49
C ALA C 349 -6.59 -25.40 -5.86
N PRO C 350 -5.95 -24.72 -4.89
CA PRO C 350 -4.64 -24.12 -5.14
C PRO C 350 -3.58 -25.15 -5.53
N ASP C 351 -2.61 -24.73 -6.33
CA ASP C 351 -1.42 -25.53 -6.60
C ASP C 351 -0.73 -25.79 -5.27
N GLN C 352 -0.49 -27.06 -4.98
CA GLN C 352 0.12 -27.47 -3.72
C GLN C 352 1.64 -27.45 -3.88
N LEU C 353 2.27 -26.42 -3.33
CA LEU C 353 3.72 -26.36 -3.24
C LEU C 353 4.14 -26.80 -1.84
N ALA C 354 5.34 -27.37 -1.74
CA ALA C 354 5.89 -27.77 -0.46
C ALA C 354 6.60 -26.60 0.22
N GLY C 355 6.71 -26.67 1.54
CA GLY C 355 7.52 -25.73 2.32
C GLY C 355 8.95 -26.23 2.40
N ILE C 356 9.86 -25.55 1.71
CA ILE C 356 11.28 -25.91 1.69
C ILE C 356 11.94 -25.43 2.98
N ILE C 357 12.46 -26.38 3.78
CA ILE C 357 13.14 -26.08 5.05
C ILE C 357 14.66 -26.06 4.98
N GLY C 358 15.22 -26.67 3.92
CA GLY C 358 16.66 -26.69 3.71
C GLY C 358 16.98 -26.80 2.23
N LEU C 359 18.11 -26.22 1.85
CA LEU C 359 18.55 -26.19 0.47
C LEU C 359 20.05 -26.44 0.43
N GLU C 360 20.50 -27.32 -0.46
CA GLU C 360 21.92 -27.61 -0.67
C GLU C 360 22.23 -27.54 -2.15
N ILE C 361 23.22 -26.72 -2.51
CA ILE C 361 23.58 -26.48 -3.90
C ILE C 361 25.04 -26.84 -4.12
N LYS C 362 25.31 -27.48 -5.25
CA LYS C 362 26.65 -27.82 -5.71
C LYS C 362 26.87 -27.15 -7.07
N VAL C 363 27.98 -26.42 -7.20
CA VAL C 363 28.38 -25.84 -8.49
C VAL C 363 29.83 -26.25 -8.77
N ASP C 364 30.01 -27.10 -9.77
CA ASP C 364 31.29 -27.75 -10.09
C ASP C 364 31.78 -28.59 -8.88
N SER C 365 32.96 -28.28 -8.33
CA SER C 365 33.48 -29.00 -7.16
C SER C 365 33.14 -28.31 -5.82
N ASP C 366 32.59 -27.09 -5.88
CA ASP C 366 32.13 -26.37 -4.69
C ASP C 366 30.79 -26.97 -4.23
N VAL C 367 30.77 -27.55 -3.03
CA VAL C 367 29.63 -28.36 -2.54
C VAL C 367 29.03 -27.80 -1.25
N GLY C 368 27.84 -28.29 -0.93
CA GLY C 368 27.14 -27.99 0.33
C GLY C 368 26.77 -26.53 0.59
N ILE C 369 26.48 -25.78 -0.48
CA ILE C 369 26.18 -24.35 -0.37
C ILE C 369 24.74 -24.14 0.11
N PHE C 370 24.58 -23.25 1.10
CA PHE C 370 23.31 -22.96 1.79
C PHE C 370 22.79 -24.03 2.77
N ARG C 371 23.57 -25.08 3.04
CA ARG C 371 23.14 -26.16 3.94
C ARG C 371 22.87 -25.68 5.38
N GLU C 372 23.62 -24.65 5.77
CA GLU C 372 23.45 -23.97 7.06
C GLU C 372 22.15 -23.13 7.22
N LEU C 373 21.50 -22.75 6.12
CA LEU C 373 20.39 -21.79 6.16
C LEU C 373 19.05 -22.40 6.62
N GLU C 374 18.37 -21.67 7.50
CA GLU C 374 17.03 -22.02 7.98
C GLU C 374 16.00 -21.38 7.04
N GLN C 375 14.71 -21.60 7.31
CA GLN C 375 13.62 -21.03 6.49
C GLN C 375 13.63 -19.51 6.40
N GLN C 376 13.87 -18.83 7.53
CA GLN C 376 13.92 -17.37 7.58
C GLN C 376 14.96 -16.79 6.61
N GLN C 377 16.12 -17.44 6.52
CA GLN C 377 17.20 -16.98 5.64
C GLN C 377 16.91 -17.31 4.17
N LEU C 378 16.26 -18.45 3.93
CA LEU C 378 15.81 -18.82 2.58
C LEU C 378 14.72 -17.87 2.07
N TYR C 379 13.85 -17.42 2.96
CA TYR C 379 12.84 -16.41 2.64
C TYR C 379 13.49 -15.08 2.30
N GLU C 380 14.43 -14.65 3.15
CA GLU C 380 15.24 -13.45 2.90
C GLU C 380 15.95 -13.49 1.55
N LEU C 381 16.58 -14.63 1.25
CA LEU C 381 17.26 -14.87 -0.02
C LEU C 381 16.34 -14.63 -1.21
N SER C 382 15.19 -15.28 -1.18
CA SER C 382 14.22 -15.21 -2.27
C SER C 382 13.61 -13.82 -2.40
N SER C 383 13.30 -13.19 -1.26
CA SER C 383 12.77 -11.82 -1.22
C SER C 383 13.74 -10.78 -1.78
N SER C 384 15.03 -10.94 -1.48
CA SER C 384 16.06 -10.03 -2.05
C SER C 384 16.18 -10.13 -3.58
N ASN C 385 15.76 -11.27 -4.14
CA ASN C 385 15.70 -11.47 -5.58
C ASN C 385 14.28 -11.34 -6.17
N GLY C 386 13.39 -10.63 -5.47
CA GLY C 386 12.07 -10.27 -6.00
C GLY C 386 10.85 -11.03 -5.52
N TYR C 387 11.03 -12.11 -4.75
CA TYR C 387 9.89 -12.90 -4.24
C TYR C 387 8.84 -12.00 -3.57
N ASN C 388 7.59 -12.11 -4.03
CA ASN C 388 6.58 -11.06 -3.77
C ASN C 388 5.46 -11.43 -2.76
N LYS C 389 5.67 -12.48 -1.98
CA LYS C 389 4.70 -12.94 -0.98
C LYS C 389 5.31 -12.96 0.41
N ARG C 390 4.45 -13.11 1.42
CA ARG C 390 4.84 -13.04 2.82
C ARG C 390 5.34 -14.37 3.35
N PHE C 391 5.98 -14.34 4.51
CA PHE C 391 6.56 -15.55 5.10
C PHE C 391 5.51 -16.60 5.46
N SER C 392 4.32 -16.14 5.87
CA SER C 392 3.22 -17.03 6.18
C SER C 392 2.89 -17.97 5.00
N CYS C 393 2.98 -17.43 3.79
CA CYS C 393 2.80 -18.21 2.57
C CYS C 393 4.04 -19.07 2.26
N PHE C 394 5.20 -18.43 2.14
CA PHE C 394 6.47 -19.07 1.75
C PHE C 394 6.83 -20.30 2.59
N SER C 395 6.65 -20.19 3.91
CA SER C 395 7.10 -21.21 4.86
C SER C 395 6.44 -22.57 4.66
N GLY C 396 5.17 -22.58 4.26
CA GLY C 396 4.36 -23.78 4.25
C GLY C 396 4.00 -24.26 5.65
N ALA C 397 4.04 -23.36 6.62
CA ALA C 397 3.76 -23.68 8.01
C ALA C 397 2.27 -23.60 8.27
N LEU C 398 1.83 -24.25 9.35
CA LEU C 398 0.45 -24.18 9.81
C LEU C 398 0.09 -22.71 10.07
N ALA C 399 -0.90 -22.21 9.33
CA ALA C 399 -1.28 -20.79 9.35
C ALA C 399 -2.35 -20.46 10.38
N ASN C 400 -3.09 -21.48 10.87
CA ASN C 400 -4.21 -21.27 11.79
C ASN C 400 -4.16 -22.24 12.99
N GLY C 401 -3.06 -22.16 13.73
CA GLY C 401 -2.79 -23.07 14.85
C GLY C 401 -3.83 -23.09 15.96
N LEU C 402 -4.31 -21.91 16.37
CA LEU C 402 -5.31 -21.81 17.43
C LEU C 402 -6.65 -22.42 17.04
N THR C 403 -7.03 -22.27 15.77
CA THR C 403 -8.25 -22.86 15.23
C THR C 403 -8.21 -24.39 15.25
N VAL C 404 -7.03 -24.96 14.96
CA VAL C 404 -6.81 -26.40 14.98
C VAL C 404 -6.72 -26.93 16.42
N ALA C 405 -5.97 -26.22 17.26
CA ALA C 405 -5.76 -26.61 18.66
C ALA C 405 -7.00 -26.46 19.56
N ASP C 406 -8.01 -25.71 19.10
CA ASP C 406 -9.30 -25.58 19.78
C ASP C 406 -9.86 -26.95 20.22
N PRO C 407 -10.14 -27.11 21.54
CA PRO C 407 -10.79 -28.35 22.03
C PRO C 407 -12.14 -28.68 21.40
N ALA C 408 -12.91 -27.65 21.02
CA ALA C 408 -14.18 -27.81 20.32
C ALA C 408 -14.05 -28.57 18.99
N VAL C 409 -12.90 -28.44 18.33
CA VAL C 409 -12.60 -29.22 17.12
C VAL C 409 -12.14 -30.62 17.56
N ALA C 410 -12.89 -31.65 17.15
CA ALA C 410 -12.56 -33.04 17.46
C ALA C 410 -11.32 -33.51 16.70
N ALA C 411 -10.75 -34.61 17.16
CA ALA C 411 -9.50 -35.15 16.61
C ALA C 411 -9.59 -35.50 15.12
N GLY C 412 -10.72 -36.06 14.70
CA GLY C 412 -10.96 -36.40 13.30
C GLY C 412 -11.09 -35.22 12.35
N ASN C 413 -11.48 -34.05 12.87
CA ASN C 413 -11.68 -32.83 12.06
C ASN C 413 -10.51 -31.83 12.10
N LYS C 414 -9.40 -32.16 12.76
CA LYS C 414 -8.26 -31.25 12.87
C LYS C 414 -7.54 -31.00 11.55
N PHE C 415 -7.44 -32.03 10.71
CA PHE C 415 -6.85 -31.88 9.37
C PHE C 415 -7.72 -31.03 8.45
N LYS C 416 -9.04 -31.22 8.53
CA LYS C 416 -9.99 -30.44 7.75
C LYS C 416 -9.91 -28.94 8.07
N GLU C 417 -9.74 -28.61 9.35
CA GLU C 417 -9.60 -27.22 9.80
C GLU C 417 -8.24 -26.59 9.46
N ALA C 418 -7.21 -27.41 9.32
CA ALA C 418 -5.83 -26.93 9.15
C ALA C 418 -5.59 -26.33 7.76
N ILE C 419 -5.00 -25.13 7.76
CA ILE C 419 -4.63 -24.41 6.54
C ILE C 419 -3.14 -24.09 6.63
N PHE C 420 -2.42 -24.37 5.56
CA PHE C 420 -0.97 -24.17 5.50
C PHE C 420 -0.62 -23.12 4.46
N GLY C 421 0.55 -22.49 4.62
CA GLY C 421 1.11 -21.61 3.60
C GLY C 421 1.20 -22.35 2.27
N ALA C 422 0.94 -21.64 1.17
CA ALA C 422 0.92 -22.25 -0.16
C ALA C 422 2.23 -22.98 -0.47
N GLY C 423 3.34 -22.42 0.00
CA GLY C 423 4.66 -23.06 -0.10
C GLY C 423 5.72 -22.14 -0.67
N SER C 424 6.91 -22.70 -0.88
CA SER C 424 8.11 -21.93 -1.20
C SER C 424 8.41 -21.84 -2.69
N VAL C 425 8.91 -20.67 -3.12
CA VAL C 425 9.64 -20.53 -4.36
C VAL C 425 10.90 -19.75 -4.00
N ILE C 426 12.06 -20.34 -4.25
CA ILE C 426 13.35 -19.75 -3.87
C ILE C 426 14.09 -19.26 -5.11
N PHE C 427 14.13 -17.94 -5.29
CA PHE C 427 14.95 -17.29 -6.31
C PHE C 427 16.33 -16.99 -5.77
N PHE C 428 17.37 -17.38 -6.50
CA PHE C 428 18.76 -17.03 -6.14
C PHE C 428 19.61 -16.76 -7.39
N ARG C 429 20.58 -15.85 -7.22
CA ARG C 429 21.54 -15.50 -8.28
C ARG C 429 22.86 -16.24 -8.05
N PRO C 430 23.72 -16.34 -9.07
CA PRO C 430 25.04 -16.94 -8.85
C PRO C 430 25.91 -16.19 -7.82
N SER C 431 25.77 -14.87 -7.74
CA SER C 431 26.47 -14.05 -6.74
C SER C 431 26.05 -14.31 -5.29
N ASP C 432 24.82 -14.79 -5.08
CA ASP C 432 24.37 -15.21 -3.74
C ASP C 432 25.10 -16.45 -3.19
N LEU C 433 25.63 -17.29 -4.08
CA LEU C 433 26.30 -18.53 -3.69
C LEU C 433 27.64 -18.35 -2.96
N GLY C 434 28.33 -17.25 -3.23
CA GLY C 434 29.64 -16.97 -2.62
C GLY C 434 30.71 -17.96 -3.02
N LEU C 435 30.78 -18.26 -4.31
CA LEU C 435 31.66 -19.31 -4.83
C LEU C 435 33.12 -18.88 -4.78
N LYS C 436 34.01 -19.87 -4.57
CA LYS C 436 35.45 -19.65 -4.63
C LYS C 436 35.86 -19.28 -6.06
N ASP C 437 35.35 -20.06 -7.01
CA ASP C 437 35.54 -19.77 -8.43
C ASP C 437 34.82 -18.46 -8.79
N TYR C 438 35.55 -17.36 -8.72
CA TYR C 438 35.04 -16.02 -9.02
C TYR C 438 34.64 -15.79 -10.49
N ASN C 439 35.12 -16.62 -11.41
CA ASN C 439 34.73 -16.56 -12.82
C ASN C 439 33.28 -16.97 -13.10
N VAL C 440 32.64 -17.68 -12.17
CA VAL C 440 31.22 -17.99 -12.26
C VAL C 440 30.41 -16.72 -11.98
N MET C 441 30.20 -15.93 -13.03
CA MET C 441 29.50 -14.65 -12.97
C MET C 441 28.24 -14.74 -13.81
N ALA C 442 27.25 -13.91 -13.50
CA ALA C 442 26.04 -13.80 -14.31
C ALA C 442 26.40 -13.29 -15.70
N ASN C 443 25.80 -13.88 -16.73
CA ASN C 443 26.08 -13.58 -18.15
C ASN C 443 27.53 -13.89 -18.59
N ALA C 444 28.15 -14.88 -17.95
CA ALA C 444 29.50 -15.33 -18.33
C ALA C 444 29.39 -16.51 -19.30
N ASN C 445 30.25 -16.51 -20.32
CA ASN C 445 30.31 -17.62 -21.28
C ASN C 445 31.23 -18.72 -20.75
N LYS C 446 30.77 -19.38 -19.69
CA LYS C 446 31.54 -20.37 -18.94
C LYS C 446 30.62 -21.52 -18.58
N SER C 447 31.07 -22.75 -18.85
CA SER C 447 30.30 -23.95 -18.55
C SER C 447 30.33 -24.26 -17.06
N ILE C 448 29.19 -24.76 -16.55
CA ILE C 448 29.08 -25.21 -15.15
C ILE C 448 28.16 -26.41 -15.04
N ASN C 449 28.34 -27.18 -13.96
CA ASN C 449 27.44 -28.27 -13.59
C ASN C 449 26.82 -27.91 -12.25
N MET C 450 25.48 -27.83 -12.20
CA MET C 450 24.76 -27.55 -10.96
C MET C 450 23.98 -28.77 -10.49
N GLN C 451 23.90 -28.93 -9.17
CA GLN C 451 23.06 -29.95 -8.53
C GLN C 451 22.38 -29.30 -7.33
N VAL C 452 21.07 -29.55 -7.17
CA VAL C 452 20.26 -28.94 -6.11
C VAL C 452 19.56 -30.02 -5.29
N GLN C 453 19.84 -30.03 -3.99
CA GLN C 453 19.10 -30.83 -3.00
C GLN C 453 18.17 -29.91 -2.23
N ALA C 454 16.91 -30.33 -2.10
CA ALA C 454 15.90 -29.56 -1.35
C ALA C 454 15.24 -30.45 -0.31
N THR C 455 15.34 -30.05 0.96
CA THR C 455 14.59 -30.67 2.04
C THR C 455 13.28 -29.91 2.23
N PHE C 456 12.15 -30.63 2.25
CA PHE C 456 10.84 -29.99 2.32
C PHE C 456 9.79 -30.75 3.13
N VAL C 457 8.73 -30.02 3.51
CA VAL C 457 7.57 -30.57 4.22
C VAL C 457 6.32 -30.33 3.38
N THR C 458 5.37 -31.26 3.45
CA THR C 458 4.17 -31.24 2.60
C THR C 458 2.90 -31.14 3.45
N PRO C 459 1.81 -30.60 2.85
CA PRO C 459 0.54 -30.41 3.56
C PRO C 459 -0.42 -31.62 3.64
N GLU C 460 -0.03 -32.81 3.17
CA GLU C 460 -0.88 -34.00 3.24
C GLU C 460 -0.99 -34.54 4.66
N ALA C 461 -2.13 -35.18 4.95
CA ALA C 461 -2.40 -35.76 6.27
C ALA C 461 -1.57 -37.00 6.56
N ALA C 462 -1.58 -37.41 7.84
CA ALA C 462 -0.90 -38.63 8.27
C ALA C 462 -1.55 -39.86 7.64
N GLY C 463 -0.73 -40.76 7.12
CA GLY C 463 -1.20 -41.94 6.39
C GLY C 463 -1.70 -41.67 4.98
N THR C 464 -1.31 -40.54 4.40
CA THR C 464 -1.60 -40.19 3.00
C THR C 464 -0.36 -39.61 2.35
N GLY C 465 -0.41 -39.44 1.04
CA GLY C 465 0.71 -38.89 0.29
C GLY C 465 0.37 -38.54 -1.15
N ALA C 466 1.36 -37.98 -1.83
CA ALA C 466 1.25 -37.64 -3.24
C ALA C 466 2.65 -37.45 -3.84
N HIS C 467 2.73 -37.48 -5.16
CA HIS C 467 3.98 -37.27 -5.88
C HIS C 467 4.31 -35.78 -5.89
N TYR C 468 5.56 -35.45 -5.55
CA TYR C 468 6.07 -34.08 -5.63
C TYR C 468 7.29 -34.03 -6.53
N LYS C 469 7.38 -32.98 -7.35
CA LYS C 469 8.51 -32.76 -8.26
C LYS C 469 9.34 -31.56 -7.82
N LEU C 470 10.64 -31.74 -7.71
CA LEU C 470 11.59 -30.63 -7.53
C LEU C 470 11.93 -30.10 -8.92
N GLU C 471 11.65 -28.81 -9.15
CA GLU C 471 11.99 -28.15 -10.41
C GLU C 471 13.00 -27.04 -10.16
N VAL C 472 14.05 -27.00 -10.99
CA VAL C 472 15.04 -25.93 -10.99
C VAL C 472 14.97 -25.23 -12.35
N PHE C 473 14.58 -23.96 -12.34
CA PHE C 473 14.52 -23.15 -13.56
C PHE C 473 15.69 -22.17 -13.61
N SER C 474 16.08 -21.79 -14.82
CA SER C 474 17.04 -20.71 -15.06
C SER C 474 16.30 -19.53 -15.69
N ILE C 475 16.66 -18.32 -15.28
CA ILE C 475 16.21 -17.08 -15.90
C ILE C 475 17.45 -16.43 -16.51
N ARG C 476 17.53 -16.45 -17.85
CA ARG C 476 18.66 -15.87 -18.59
C ARG C 476 18.30 -14.53 -19.19
N ASP C 477 19.26 -13.59 -19.17
CA ASP C 477 19.14 -12.36 -19.93
C ASP C 477 19.25 -12.69 -21.41
N ASN C 478 18.24 -12.30 -22.17
CA ASN C 478 18.11 -12.63 -23.57
C ASN C 478 17.44 -11.46 -24.27
N LEU C 479 18.07 -10.98 -25.36
CA LEU C 479 17.59 -9.80 -26.08
C LEU C 479 17.12 -10.16 -27.48
N THR C 480 16.04 -9.52 -27.92
CA THR C 480 15.54 -9.63 -29.29
C THR C 480 15.88 -8.33 -30.02
N TYR C 481 16.52 -8.46 -31.18
CA TYR C 481 16.96 -7.33 -31.98
C TYR C 481 16.08 -7.19 -33.21
N SER C 482 15.52 -5.99 -33.42
CA SER C 482 14.70 -5.68 -34.60
C SER C 482 15.52 -4.80 -35.54
N PHE C 483 15.91 -5.35 -36.69
CA PHE C 483 16.66 -4.61 -37.70
C PHE C 483 15.73 -3.88 -38.66
N GLU C 484 16.25 -2.83 -39.28
CA GLU C 484 15.46 -1.92 -40.12
C GLU C 484 14.89 -2.56 -41.38
N ASP C 485 15.60 -3.56 -41.93
CA ASP C 485 15.14 -4.30 -43.12
C ASP C 485 14.01 -5.30 -42.86
N GLY C 486 13.59 -5.45 -41.59
CA GLY C 486 12.48 -6.32 -41.21
C GLY C 486 12.91 -7.53 -40.40
N THR C 487 14.20 -7.85 -40.44
CA THR C 487 14.74 -9.05 -39.82
C THR C 487 14.68 -8.96 -38.29
N PHE C 488 14.38 -10.09 -37.66
CA PHE C 488 14.41 -10.24 -36.20
C PHE C 488 15.39 -11.37 -35.83
N MET C 489 16.23 -11.11 -34.84
CA MET C 489 17.10 -12.13 -34.24
C MET C 489 16.93 -12.03 -32.73
N ASP C 490 17.24 -13.12 -32.03
CA ASP C 490 17.42 -13.08 -30.57
C ASP C 490 18.67 -13.84 -30.18
N ASP C 491 19.26 -13.45 -29.05
CA ASP C 491 20.47 -14.09 -28.56
C ASP C 491 20.71 -13.74 -27.09
N LEU C 492 21.45 -14.62 -26.42
CA LEU C 492 21.90 -14.38 -25.06
C LEU C 492 22.96 -13.29 -25.06
N THR C 493 23.12 -12.64 -23.91
CA THR C 493 24.08 -11.54 -23.75
C THR C 493 25.31 -12.04 -22.99
N LEU C 494 26.12 -12.84 -23.67
CA LEU C 494 27.25 -13.54 -23.05
C LEU C 494 28.58 -12.79 -23.24
N TYR C 495 29.45 -12.89 -22.22
CA TYR C 495 30.76 -12.23 -22.20
C TYR C 495 31.75 -13.14 -21.45
N THR C 496 33.04 -12.82 -21.57
CA THR C 496 34.07 -13.55 -20.80
C THR C 496 34.01 -13.11 -19.33
N PRO C 497 34.43 -13.99 -18.40
CA PRO C 497 34.57 -13.59 -16.99
C PRO C 497 35.46 -12.36 -16.76
N ASP C 498 36.53 -12.24 -17.54
CA ASP C 498 37.45 -11.10 -17.42
C ASP C 498 36.82 -9.78 -17.86
N GLN C 499 36.02 -9.80 -18.93
CA GLN C 499 35.26 -8.62 -19.36
C GLN C 499 34.33 -8.09 -18.27
N LEU C 500 33.59 -8.99 -17.64
CA LEU C 500 32.62 -8.64 -16.60
C LEU C 500 33.25 -8.16 -15.29
N LEU C 501 34.33 -8.82 -14.88
CA LEU C 501 35.06 -8.44 -13.66
C LEU C 501 35.77 -7.08 -13.77
N ARG C 502 36.29 -6.77 -14.96
CA ARG C 502 36.95 -5.47 -15.24
C ARG C 502 36.00 -4.34 -15.66
N SER C 503 34.70 -4.62 -15.75
CA SER C 503 33.70 -3.60 -16.09
C SER C 503 33.55 -2.54 -14.99
N PRO C 504 33.10 -1.32 -15.36
CA PRO C 504 32.96 -0.25 -14.36
C PRO C 504 31.92 -0.54 -13.26
N LEU C 505 32.21 -0.09 -12.04
CA LEU C 505 31.35 -0.32 -10.88
C LEU C 505 30.09 0.55 -10.92
N LYS C 506 28.96 -0.05 -10.56
CA LYS C 506 27.73 0.68 -10.29
C LYS C 506 27.14 0.20 -8.97
N LEU C 507 27.31 1.00 -7.92
CA LEU C 507 26.79 0.68 -6.60
C LEU C 507 25.32 1.07 -6.51
N THR C 508 24.43 0.08 -6.59
CA THR C 508 22.98 0.28 -6.50
C THR C 508 22.32 -0.88 -5.76
C1 GOL D . 2.93 -1.45 20.94
O1 GOL D . 2.59 -2.38 19.90
C2 GOL D . 2.56 -2.01 22.33
O2 GOL D . 1.15 -1.86 22.57
C3 GOL D . 3.02 -3.47 22.49
O3 GOL D . 2.15 -4.43 21.86
C1 GOL E . -1.60 -19.78 -7.66
O1 GOL E . -2.28 -18.60 -7.21
C2 GOL E . -2.56 -20.97 -7.47
O2 GOL E . -1.83 -22.22 -7.18
C3 GOL E . -3.72 -21.01 -8.55
O3 GOL E . -4.82 -20.27 -8.29
#